data_2ZTX
# 
_entry.id   2ZTX 
# 
_audit_conform.dict_name       mmcif_pdbx.dic 
_audit_conform.dict_version    5.380 
_audit_conform.dict_location   http://mmcif.pdb.org/dictionaries/ascii/mmcif_pdbx.dic 
# 
loop_
_database_2.database_id 
_database_2.database_code 
_database_2.pdbx_database_accession 
_database_2.pdbx_DOI 
PDB   2ZTX         pdb_00002ztx 10.2210/pdb2ztx/pdb 
RCSB  RCSB028420   ?            ?                   
WWPDB D_1000028420 ?            ?                   
# 
loop_
_pdbx_database_related.db_name 
_pdbx_database_related.db_id 
_pdbx_database_related.details 
_pdbx_database_related.content_type 
PDB 2ZTY . unspecified 
PDB 2ZTZ . unspecified 
PDB 2ZU1 . unspecified 
PDB 2ZU2 . unspecified 
PDB 2ZU3 . unspecified 
PDB 2ZU4 . unspecified 
PDB 2ZU5 . unspecified 
# 
_pdbx_database_status.status_code                     REL 
_pdbx_database_status.entry_id                        2ZTX 
_pdbx_database_status.recvd_initial_deposition_date   2008-10-10 
_pdbx_database_status.deposit_site                    PDBJ 
_pdbx_database_status.process_site                    PDBJ 
_pdbx_database_status.status_code_sf                  REL 
_pdbx_database_status.status_code_mr                  ? 
_pdbx_database_status.SG_entry                        ? 
_pdbx_database_status.status_code_cs                  ? 
_pdbx_database_status.pdb_format_compatible           Y 
_pdbx_database_status.status_code_nmr_data            ? 
_pdbx_database_status.methods_development_category    ? 
# 
loop_
_audit_author.name 
_audit_author.pdbx_ordinal 
'Lee, C.C.'     1 
'Wang, A.H.-J.' 2 
# 
_citation.id                        primary 
_citation.title                     
'Structural Basis of Inhibition Specificities of 3C and 3C-like Proteases by Zinc-coordinating and Peptidomimetic Compounds' 
_citation.journal_abbrev            J.Biol.Chem. 
_citation.journal_volume            284 
_citation.page_first                7646 
_citation.page_last                 7655 
_citation.year                      2009 
_citation.journal_id_ASTM           JBCHA3 
_citation.country                   US 
_citation.journal_id_ISSN           0021-9258 
_citation.journal_id_CSD            0071 
_citation.book_publisher            ? 
_citation.pdbx_database_id_PubMed   19144641 
_citation.pdbx_database_id_DOI      10.1074/jbc.M807947200 
# 
loop_
_citation_author.citation_id 
_citation_author.name 
_citation_author.ordinal 
_citation_author.identifier_ORCID 
primary 'Lee, C.C.'     1  ? 
primary 'Kuo, C.J.'     2  ? 
primary 'Ko, T.P.'      3  ? 
primary 'Hsu, M.F.'     4  ? 
primary 'Tsui, Y.C.'    5  ? 
primary 'Chang, S.C.'   6  ? 
primary 'Yang, S.'      7  ? 
primary 'Chen, S.J.'    8  ? 
primary 'Chen, H.C.'    9  ? 
primary 'Hsu, M.C.'     10 ? 
primary 'Shih, S.R.'    11 ? 
primary 'Liang, P.H.'   12 ? 
primary 'Wang, A.H.-J.' 13 ? 
# 
_cell.entry_id           2ZTX 
_cell.length_a           76.390 
_cell.length_b           64.660 
_cell.length_c           39.240 
_cell.angle_alpha        90.00 
_cell.angle_beta         115.61 
_cell.angle_gamma        90.00 
_cell.Z_PDB              4 
_cell.pdbx_unique_axis   ? 
_cell.length_a_esd       ? 
_cell.length_b_esd       ? 
_cell.length_c_esd       ? 
_cell.angle_alpha_esd    ? 
_cell.angle_beta_esd     ? 
_cell.angle_gamma_esd    ? 
# 
_symmetry.entry_id                         2ZTX 
_symmetry.space_group_name_H-M             'C 1 2 1' 
_symmetry.pdbx_full_space_group_name_H-M   ? 
_symmetry.cell_setting                     ? 
_symmetry.Int_Tables_number                5 
_symmetry.space_group_name_Hall            ? 
# 
loop_
_entity.id 
_entity.type 
_entity.src_method 
_entity.pdbx_description 
_entity.formula_weight 
_entity.pdbx_number_of_molecules 
_entity.pdbx_ec 
_entity.pdbx_mutation 
_entity.pdbx_fragment 
_entity.details 
1 polymer     man '3C proteinase'           20298.293 1   3.4.22.28 ? ? ? 
2 non-polymer syn 'zinc(II)hydrogensulfide' 131.555   1   ?         ? ? ? 
3 water       nat water                     18.015    208 ?         ? ? ? 
# 
_entity_poly.entity_id                      1 
_entity_poly.type                           'polypeptide(L)' 
_entity_poly.nstd_linkage                   no 
_entity_poly.nstd_monomer                   no 
_entity_poly.pdbx_seq_one_letter_code       
;GPAFEFAVAMMKRNSSTVKTEYGEFTMLGIYDRWAVLPRHAKPGPTILMNDQEVGVLDAKELVDKDGTNLELTLLKLNRN
EKFRDIRGFLAKEEVEVNEAVLAINTSKFPNMYIPVGQVTEYGFLNLGGTPTKRMLMYNFPTRAGQCGGVLMSTGKVLGI
HVGGNGHQGFSAALLKHYFNDEQ
;
_entity_poly.pdbx_seq_one_letter_code_can   
;GPAFEFAVAMMKRNSSTVKTEYGEFTMLGIYDRWAVLPRHAKPGPTILMNDQEVGVLDAKELVDKDGTNLELTLLKLNRN
EKFRDIRGFLAKEEVEVNEAVLAINTSKFPNMYIPVGQVTEYGFLNLGGTPTKRMLMYNFPTRAGQCGGVLMSTGKVLGI
HVGGNGHQGFSAALLKHYFNDEQ
;
_entity_poly.pdbx_strand_id                 A 
_entity_poly.pdbx_target_identifier         ? 
# 
loop_
_entity_poly_seq.entity_id 
_entity_poly_seq.num 
_entity_poly_seq.mon_id 
_entity_poly_seq.hetero 
1 1   GLY n 
1 2   PRO n 
1 3   ALA n 
1 4   PHE n 
1 5   GLU n 
1 6   PHE n 
1 7   ALA n 
1 8   VAL n 
1 9   ALA n 
1 10  MET n 
1 11  MET n 
1 12  LYS n 
1 13  ARG n 
1 14  ASN n 
1 15  SER n 
1 16  SER n 
1 17  THR n 
1 18  VAL n 
1 19  LYS n 
1 20  THR n 
1 21  GLU n 
1 22  TYR n 
1 23  GLY n 
1 24  GLU n 
1 25  PHE n 
1 26  THR n 
1 27  MET n 
1 28  LEU n 
1 29  GLY n 
1 30  ILE n 
1 31  TYR n 
1 32  ASP n 
1 33  ARG n 
1 34  TRP n 
1 35  ALA n 
1 36  VAL n 
1 37  LEU n 
1 38  PRO n 
1 39  ARG n 
1 40  HIS n 
1 41  ALA n 
1 42  LYS n 
1 43  PRO n 
1 44  GLY n 
1 45  PRO n 
1 46  THR n 
1 47  ILE n 
1 48  LEU n 
1 49  MET n 
1 50  ASN n 
1 51  ASP n 
1 52  GLN n 
1 53  GLU n 
1 54  VAL n 
1 55  GLY n 
1 56  VAL n 
1 57  LEU n 
1 58  ASP n 
1 59  ALA n 
1 60  LYS n 
1 61  GLU n 
1 62  LEU n 
1 63  VAL n 
1 64  ASP n 
1 65  LYS n 
1 66  ASP n 
1 67  GLY n 
1 68  THR n 
1 69  ASN n 
1 70  LEU n 
1 71  GLU n 
1 72  LEU n 
1 73  THR n 
1 74  LEU n 
1 75  LEU n 
1 76  LYS n 
1 77  LEU n 
1 78  ASN n 
1 79  ARG n 
1 80  ASN n 
1 81  GLU n 
1 82  LYS n 
1 83  PHE n 
1 84  ARG n 
1 85  ASP n 
1 86  ILE n 
1 87  ARG n 
1 88  GLY n 
1 89  PHE n 
1 90  LEU n 
1 91  ALA n 
1 92  LYS n 
1 93  GLU n 
1 94  GLU n 
1 95  VAL n 
1 96  GLU n 
1 97  VAL n 
1 98  ASN n 
1 99  GLU n 
1 100 ALA n 
1 101 VAL n 
1 102 LEU n 
1 103 ALA n 
1 104 ILE n 
1 105 ASN n 
1 106 THR n 
1 107 SER n 
1 108 LYS n 
1 109 PHE n 
1 110 PRO n 
1 111 ASN n 
1 112 MET n 
1 113 TYR n 
1 114 ILE n 
1 115 PRO n 
1 116 VAL n 
1 117 GLY n 
1 118 GLN n 
1 119 VAL n 
1 120 THR n 
1 121 GLU n 
1 122 TYR n 
1 123 GLY n 
1 124 PHE n 
1 125 LEU n 
1 126 ASN n 
1 127 LEU n 
1 128 GLY n 
1 129 GLY n 
1 130 THR n 
1 131 PRO n 
1 132 THR n 
1 133 LYS n 
1 134 ARG n 
1 135 MET n 
1 136 LEU n 
1 137 MET n 
1 138 TYR n 
1 139 ASN n 
1 140 PHE n 
1 141 PRO n 
1 142 THR n 
1 143 ARG n 
1 144 ALA n 
1 145 GLY n 
1 146 GLN n 
1 147 CYS n 
1 148 GLY n 
1 149 GLY n 
1 150 VAL n 
1 151 LEU n 
1 152 MET n 
1 153 SER n 
1 154 THR n 
1 155 GLY n 
1 156 LYS n 
1 157 VAL n 
1 158 LEU n 
1 159 GLY n 
1 160 ILE n 
1 161 HIS n 
1 162 VAL n 
1 163 GLY n 
1 164 GLY n 
1 165 ASN n 
1 166 GLY n 
1 167 HIS n 
1 168 GLN n 
1 169 GLY n 
1 170 PHE n 
1 171 SER n 
1 172 ALA n 
1 173 ALA n 
1 174 LEU n 
1 175 LEU n 
1 176 LYS n 
1 177 HIS n 
1 178 TYR n 
1 179 PHE n 
1 180 ASN n 
1 181 ASP n 
1 182 GLU n 
1 183 GLN n 
# 
_entity_src_gen.entity_id                          1 
_entity_src_gen.pdbx_src_id                        1 
_entity_src_gen.pdbx_alt_source_flag               sample 
_entity_src_gen.pdbx_seq_type                      ? 
_entity_src_gen.pdbx_beg_seq_num                   ? 
_entity_src_gen.pdbx_end_seq_num                   ? 
_entity_src_gen.gene_src_common_name               ? 
_entity_src_gen.gene_src_genus                     ? 
_entity_src_gen.pdbx_gene_src_gene                 ? 
_entity_src_gen.gene_src_species                   ? 
_entity_src_gen.gene_src_strain                    ? 
_entity_src_gen.gene_src_tissue                    ? 
_entity_src_gen.gene_src_tissue_fraction           ? 
_entity_src_gen.gene_src_details                   ? 
_entity_src_gen.pdbx_gene_src_fragment             ? 
_entity_src_gen.pdbx_gene_src_scientific_name      'Human coxsackievirus B3' 
_entity_src_gen.pdbx_gene_src_ncbi_taxonomy_id     12072 
_entity_src_gen.pdbx_gene_src_variant              ? 
_entity_src_gen.pdbx_gene_src_cell_line            ? 
_entity_src_gen.pdbx_gene_src_atcc                 ? 
_entity_src_gen.pdbx_gene_src_organ                ? 
_entity_src_gen.pdbx_gene_src_organelle            ? 
_entity_src_gen.pdbx_gene_src_cell                 ? 
_entity_src_gen.pdbx_gene_src_cellular_location    ? 
_entity_src_gen.host_org_common_name               ? 
_entity_src_gen.pdbx_host_org_scientific_name      'Escherichia coli' 
_entity_src_gen.pdbx_host_org_ncbi_taxonomy_id     562 
_entity_src_gen.host_org_genus                     ? 
_entity_src_gen.pdbx_host_org_gene                 ? 
_entity_src_gen.pdbx_host_org_organ                ? 
_entity_src_gen.host_org_species                   ? 
_entity_src_gen.pdbx_host_org_tissue               ? 
_entity_src_gen.pdbx_host_org_tissue_fraction      ? 
_entity_src_gen.pdbx_host_org_strain               ? 
_entity_src_gen.pdbx_host_org_variant              ? 
_entity_src_gen.pdbx_host_org_cell_line            ? 
_entity_src_gen.pdbx_host_org_atcc                 ? 
_entity_src_gen.pdbx_host_org_culture_collection   ? 
_entity_src_gen.pdbx_host_org_cell                 ? 
_entity_src_gen.pdbx_host_org_organelle            ? 
_entity_src_gen.pdbx_host_org_cellular_location    ? 
_entity_src_gen.pdbx_host_org_vector_type          plasmid 
_entity_src_gen.pdbx_host_org_vector               ? 
_entity_src_gen.host_org_details                   ? 
_entity_src_gen.expression_system_id               ? 
_entity_src_gen.plasmid_name                       pET16b 
_entity_src_gen.plasmid_details                    ? 
_entity_src_gen.pdbx_description                   ? 
# 
_struct_ref.id                         1 
_struct_ref.db_name                    UNP 
_struct_ref.db_code                    Q90092_9ENTO 
_struct_ref.pdbx_db_accession          Q90092 
_struct_ref.entity_id                  1 
_struct_ref.pdbx_seq_one_letter_code   
;GPAFEFAVAMMKRNSSTVKTEYGEFTMLGIYDRWAVLPRHAKPGPTILMNDQEVGVLDAKELVDKDGTNLELTLLKLNRN
EKFRDIRGFLAKEEVEVNEAVLAINTSKFPNMYIPVGQVTEYGFLNLGGTPTKRMLMYNFPTRAGQCGGVLMSTGKVLGI
HVGGNGHQGFSAALLKHYFNDEQ
;
_struct_ref.pdbx_align_begin           14 
_struct_ref.pdbx_db_isoform            ? 
# 
_struct_ref_seq.align_id                      1 
_struct_ref_seq.ref_id                        1 
_struct_ref_seq.pdbx_PDB_id_code              2ZTX 
_struct_ref_seq.pdbx_strand_id                A 
_struct_ref_seq.seq_align_beg                 1 
_struct_ref_seq.pdbx_seq_align_beg_ins_code   ? 
_struct_ref_seq.seq_align_end                 183 
_struct_ref_seq.pdbx_seq_align_end_ins_code   ? 
_struct_ref_seq.pdbx_db_accession             Q90092 
_struct_ref_seq.db_align_beg                  14 
_struct_ref_seq.pdbx_db_align_beg_ins_code    ? 
_struct_ref_seq.db_align_end                  196 
_struct_ref_seq.pdbx_db_align_end_ins_code    ? 
_struct_ref_seq.pdbx_auth_seq_align_beg       1 
_struct_ref_seq.pdbx_auth_seq_align_end       183 
# 
loop_
_chem_comp.id 
_chem_comp.type 
_chem_comp.mon_nstd_flag 
_chem_comp.name 
_chem_comp.pdbx_synonyms 
_chem_comp.formula 
_chem_comp.formula_weight 
ALA 'L-peptide linking' y ALANINE                   ? 'C3 H7 N O2'     89.093  
ARG 'L-peptide linking' y ARGININE                  ? 'C6 H15 N4 O2 1' 175.209 
ASN 'L-peptide linking' y ASPARAGINE                ? 'C4 H8 N2 O3'    132.118 
ASP 'L-peptide linking' y 'ASPARTIC ACID'           ? 'C4 H7 N O4'     133.103 
CYS 'L-peptide linking' y CYSTEINE                  ? 'C3 H7 N O2 S'   121.158 
DTZ non-polymer         . 'zinc(II)hydrogensulfide' ? 'H2 S2 Zn'       131.555 
GLN 'L-peptide linking' y GLUTAMINE                 ? 'C5 H10 N2 O3'   146.144 
GLU 'L-peptide linking' y 'GLUTAMIC ACID'           ? 'C5 H9 N O4'     147.129 
GLY 'peptide linking'   y GLYCINE                   ? 'C2 H5 N O2'     75.067  
HIS 'L-peptide linking' y HISTIDINE                 ? 'C6 H10 N3 O2 1' 156.162 
HOH non-polymer         . WATER                     ? 'H2 O'           18.015  
ILE 'L-peptide linking' y ISOLEUCINE                ? 'C6 H13 N O2'    131.173 
LEU 'L-peptide linking' y LEUCINE                   ? 'C6 H13 N O2'    131.173 
LYS 'L-peptide linking' y LYSINE                    ? 'C6 H15 N2 O2 1' 147.195 
MET 'L-peptide linking' y METHIONINE                ? 'C5 H11 N O2 S'  149.211 
PHE 'L-peptide linking' y PHENYLALANINE             ? 'C9 H11 N O2'    165.189 
PRO 'L-peptide linking' y PROLINE                   ? 'C5 H9 N O2'     115.130 
SER 'L-peptide linking' y SERINE                    ? 'C3 H7 N O3'     105.093 
THR 'L-peptide linking' y THREONINE                 ? 'C4 H9 N O3'     119.119 
TRP 'L-peptide linking' y TRYPTOPHAN                ? 'C11 H12 N2 O2'  204.225 
TYR 'L-peptide linking' y TYROSINE                  ? 'C9 H11 N O3'    181.189 
VAL 'L-peptide linking' y VALINE                    ? 'C5 H11 N O2'    117.146 
# 
_exptl.entry_id          2ZTX 
_exptl.method            'X-RAY DIFFRACTION' 
_exptl.crystals_number   1 
# 
_exptl_crystal.id                    1 
_exptl_crystal.density_meas          ? 
_exptl_crystal.density_Matthews      2.15 
_exptl_crystal.density_percent_sol   42.86 
_exptl_crystal.description           ? 
_exptl_crystal.F_000                 ? 
_exptl_crystal.preparation           ? 
# 
_exptl_crystal_grow.crystal_id      1 
_exptl_crystal_grow.method          'VAPOR DIFFUSION, SITTING DROP' 
_exptl_crystal_grow.temp            286 
_exptl_crystal_grow.temp_details    ? 
_exptl_crystal_grow.pH              8.0 
_exptl_crystal_grow.pdbx_details    '24% PEG 4000, 0.1M Tris-HCl, pH 8.0, VAPOR DIFFUSION, SITTING DROP, temperature 286K' 
_exptl_crystal_grow.pdbx_pH_range   . 
# 
_diffrn.id                     1 
_diffrn.ambient_temp           100 
_diffrn.ambient_temp_details   ? 
_diffrn.crystal_id             1 
# 
_diffrn_detector.diffrn_id              1 
_diffrn_detector.detector               CCD 
_diffrn_detector.type                   'ADSC QUANTUM 4' 
_diffrn_detector.pdbx_collection_date   2005-11-01 
_diffrn_detector.details                ? 
# 
_diffrn_radiation.diffrn_id                        1 
_diffrn_radiation.wavelength_id                    1 
_diffrn_radiation.pdbx_monochromatic_or_laue_m_l   M 
_diffrn_radiation.monochromator                    ? 
_diffrn_radiation.pdbx_diffrn_protocol             'SINGLE WAVELENGTH' 
_diffrn_radiation.pdbx_scattering_type             x-ray 
# 
_diffrn_radiation_wavelength.id           1 
_diffrn_radiation_wavelength.wavelength   . 
_diffrn_radiation_wavelength.wt           1.0 
# 
_diffrn_source.diffrn_id                   1 
_diffrn_source.source                      SYNCHROTRON 
_diffrn_source.type                        'PHOTON FACTORY BEAMLINE BL-6A' 
_diffrn_source.pdbx_synchrotron_site       'Photon Factory' 
_diffrn_source.pdbx_synchrotron_beamline   BL-6A 
_diffrn_source.pdbx_wavelength             ? 
_diffrn_source.pdbx_wavelength_list        ? 
# 
_reflns.entry_id                     2ZTX 
_reflns.observed_criterion_sigma_F   ? 
_reflns.observed_criterion_sigma_I   1 
_reflns.d_resolution_high            1.72 
_reflns.d_resolution_low             50 
_reflns.number_all                   18623 
_reflns.number_obs                   18549 
_reflns.percent_possible_obs         99.6 
_reflns.pdbx_Rmerge_I_obs            0.059 
_reflns.pdbx_Rsym_value              ? 
_reflns.pdbx_netI_over_sigmaI        21.4 
_reflns.B_iso_Wilson_estimate        ? 
_reflns.pdbx_redundancy              4.1 
_reflns.R_free_details               ? 
_reflns.limit_h_max                  ? 
_reflns.limit_h_min                  ? 
_reflns.limit_k_max                  ? 
_reflns.limit_k_min                  ? 
_reflns.limit_l_max                  ? 
_reflns.limit_l_min                  ? 
_reflns.observed_criterion_F_max     ? 
_reflns.observed_criterion_F_min     ? 
_reflns.pdbx_chi_squared             ? 
_reflns.pdbx_scaling_rejects         ? 
_reflns.pdbx_ordinal                 1 
_reflns.pdbx_diffrn_id               1 
# 
_reflns_shell.d_res_high             1.72 
_reflns_shell.d_res_low              1.78 
_reflns_shell.percent_possible_all   ? 
_reflns_shell.Rmerge_I_obs           0.387 
_reflns_shell.pdbx_Rsym_value        ? 
_reflns_shell.meanI_over_sigI_obs    3.1 
_reflns_shell.pdbx_redundancy        3.6 
_reflns_shell.percent_possible_obs   ? 
_reflns_shell.number_unique_all      1830 
_reflns_shell.number_measured_all    ? 
_reflns_shell.number_measured_obs    ? 
_reflns_shell.number_unique_obs      ? 
_reflns_shell.pdbx_chi_squared       ? 
_reflns_shell.pdbx_ordinal           1 
_reflns_shell.pdbx_diffrn_id         1 
# 
_refine.entry_id                                 2ZTX 
_refine.ls_d_res_high                            1.720 
_refine.ls_d_res_low                             24.98 
_refine.ls_percent_reflns_R_free                 4.400 
_refine.B_iso_mean                               31.840 
_refine.solvent_model_param_bsol                 60.775 
_refine.pdbx_ls_sigma_F                          2 
_refine.pdbx_ls_sigma_I                          2 
_refine.ls_number_reflns_all                     18350 
_refine.ls_number_reflns_obs                     17728 
_refine.ls_number_reflns_R_free                  815 
_refine.ls_percent_reflns_obs                    96.6 
_refine.ls_R_factor_all                          0.207 
_refine.ls_R_factor_obs                          0.200 
_refine.ls_R_factor_R_work                       0.197 
_refine.ls_R_factor_R_free                       0.249 
_refine.ls_redundancy_reflns_obs                 ? 
_refine.pdbx_data_cutoff_high_absF               ? 
_refine.pdbx_data_cutoff_low_absF                ? 
_refine.ls_number_parameters                     ? 
_refine.ls_number_restraints                     ? 
_refine.ls_R_factor_R_free_error                 ? 
_refine.ls_R_factor_R_free_error_details         ? 
_refine.pdbx_method_to_determine_struct          'MOLECULAR REPLACEMENT' 
_refine.pdbx_starting_model                      'PDB ENTRY 1CQQ' 
_refine.pdbx_ls_cross_valid_method               THROUGHOUT 
_refine.pdbx_R_Free_selection_details            RANDOM 
_refine.pdbx_stereochem_target_val_spec_case     ? 
_refine.pdbx_stereochemistry_target_values       'Engh & Huber' 
_refine.solvent_model_details                    ? 
_refine.solvent_model_param_ksol                 ? 
_refine.pdbx_isotropic_thermal_model             Overall 
_refine.aniso_B[1][1]                            -3.134 
_refine.aniso_B[2][2]                            2.890 
_refine.aniso_B[3][3]                            0.245 
_refine.aniso_B[1][2]                            0.000 
_refine.aniso_B[1][3]                            -4.069 
_refine.aniso_B[2][3]                            0.000 
_refine.details                                  ? 
_refine.B_iso_max                                67.29 
_refine.B_iso_min                                14.99 
_refine.occupancy_max                            1.00 
_refine.occupancy_min                            1.00 
_refine.correlation_coeff_Fo_to_Fc               ? 
_refine.correlation_coeff_Fo_to_Fc_free          ? 
_refine.pdbx_solvent_vdw_probe_radii             ? 
_refine.pdbx_solvent_ion_probe_radii             ? 
_refine.pdbx_solvent_shrinkage_radii             ? 
_refine.overall_SU_R_Cruickshank_DPI             ? 
_refine.overall_SU_R_free                        ? 
_refine.overall_SU_ML                            ? 
_refine.overall_SU_B                             ? 
_refine.pdbx_overall_ESU_R_Free                  ? 
_refine.pdbx_data_cutoff_high_rms_absF           ? 
_refine.ls_wR_factor_R_free                      ? 
_refine.ls_wR_factor_R_work                      ? 
_refine.overall_FOM_free_R_set                   ? 
_refine.overall_FOM_work_R_set                   ? 
_refine.pdbx_refine_id                           'X-RAY DIFFRACTION' 
_refine.pdbx_overall_phase_error                 ? 
_refine.pdbx_overall_ESU_R                       ? 
_refine.pdbx_diffrn_id                           1 
_refine.pdbx_TLS_residual_ADP_flag               ? 
_refine.pdbx_overall_SU_R_free_Cruickshank_DPI   ? 
_refine.pdbx_overall_SU_R_Blow_DPI               ? 
_refine.pdbx_overall_SU_R_free_Blow_DPI          ? 
# 
_refine_hist.pdbx_refine_id                   'X-RAY DIFFRACTION' 
_refine_hist.cycle_id                         LAST 
_refine_hist.pdbx_number_atoms_protein        1398 
_refine_hist.pdbx_number_atoms_nucleic_acid   0 
_refine_hist.pdbx_number_atoms_ligand         3 
_refine_hist.number_atoms_solvent             208 
_refine_hist.number_atoms_total               1609 
_refine_hist.d_res_high                       1.720 
_refine_hist.d_res_low                        24.98 
# 
loop_
_refine_ls_restr.type 
_refine_ls_restr.number 
_refine_ls_restr.dev_ideal 
_refine_ls_restr.dev_ideal_target 
_refine_ls_restr.weight 
_refine_ls_restr.pdbx_refine_id 
_refine_ls_restr.pdbx_restraint_function 
c_bond_d    ? 0.018 ? ? 'X-RAY DIFFRACTION' ? 
c_angle_deg ? 2.070 ? ? 'X-RAY DIFFRACTION' ? 
# 
_struct.entry_id                  2ZTX 
_struct.title                     'Complex structure of CVB3 3C protease with EPDTC' 
_struct.pdbx_model_details        ? 
_struct.pdbx_CASP_flag            ? 
_struct.pdbx_model_type_details   ? 
# 
_struct_keywords.entry_id        2ZTX 
_struct_keywords.pdbx_keywords   'HYDROLASE/HYDROLASE INHIBITOR' 
_struct_keywords.text            
'protease-inhibitor complex, Hydrolase, Protease, Thiol protease, HYDROLASE-HYDROLASE INHIBITOR complex' 
# 
loop_
_struct_asym.id 
_struct_asym.pdbx_blank_PDB_chainid_flag 
_struct_asym.pdbx_modified 
_struct_asym.entity_id 
_struct_asym.details 
A N N 1 ? 
B N N 2 ? 
C N N 3 ? 
# 
_struct_biol.id        1 
_struct_biol.details   ? 
# 
loop_
_struct_conf.conf_type_id 
_struct_conf.id 
_struct_conf.pdbx_PDB_helix_id 
_struct_conf.beg_label_comp_id 
_struct_conf.beg_label_asym_id 
_struct_conf.beg_label_seq_id 
_struct_conf.pdbx_beg_PDB_ins_code 
_struct_conf.end_label_comp_id 
_struct_conf.end_label_asym_id 
_struct_conf.end_label_seq_id 
_struct_conf.pdbx_end_PDB_ins_code 
_struct_conf.beg_auth_comp_id 
_struct_conf.beg_auth_asym_id 
_struct_conf.beg_auth_seq_id 
_struct_conf.end_auth_comp_id 
_struct_conf.end_auth_asym_id 
_struct_conf.end_auth_seq_id 
_struct_conf.pdbx_PDB_helix_class 
_struct_conf.details 
_struct_conf.pdbx_PDB_helix_length 
HELX_P HELX_P1 1 GLY A 1   ? ASN A 14  ? GLY A 1   ASN A 14  1 ? 14 
HELX_P HELX_P2 2 HIS A 40  ? LYS A 42  ? HIS A 40  LYS A 42  5 ? 3  
HELX_P HELX_P3 3 ILE A 86  ? LEU A 90  ? ILE A 86  LEU A 90  5 ? 5  
HELX_P HELX_P4 4 LEU A 175 ? ASN A 180 ? LEU A 175 ASN A 180 5 ? 6  
# 
_struct_conf_type.id          HELX_P 
_struct_conf_type.criteria    ? 
_struct_conf_type.reference   ? 
# 
loop_
_struct_conn.id 
_struct_conn.conn_type_id 
_struct_conn.pdbx_leaving_atom_flag 
_struct_conn.pdbx_PDB_id 
_struct_conn.ptnr1_label_asym_id 
_struct_conn.ptnr1_label_comp_id 
_struct_conn.ptnr1_label_seq_id 
_struct_conn.ptnr1_label_atom_id 
_struct_conn.pdbx_ptnr1_label_alt_id 
_struct_conn.pdbx_ptnr1_PDB_ins_code 
_struct_conn.pdbx_ptnr1_standard_comp_id 
_struct_conn.ptnr1_symmetry 
_struct_conn.ptnr2_label_asym_id 
_struct_conn.ptnr2_label_comp_id 
_struct_conn.ptnr2_label_seq_id 
_struct_conn.ptnr2_label_atom_id 
_struct_conn.pdbx_ptnr2_label_alt_id 
_struct_conn.pdbx_ptnr2_PDB_ins_code 
_struct_conn.ptnr1_auth_asym_id 
_struct_conn.ptnr1_auth_comp_id 
_struct_conn.ptnr1_auth_seq_id 
_struct_conn.ptnr2_auth_asym_id 
_struct_conn.ptnr2_auth_comp_id 
_struct_conn.ptnr2_auth_seq_id 
_struct_conn.ptnr2_symmetry 
_struct_conn.pdbx_ptnr3_label_atom_id 
_struct_conn.pdbx_ptnr3_label_seq_id 
_struct_conn.pdbx_ptnr3_label_comp_id 
_struct_conn.pdbx_ptnr3_label_asym_id 
_struct_conn.pdbx_ptnr3_label_alt_id 
_struct_conn.pdbx_ptnr3_PDB_ins_code 
_struct_conn.details 
_struct_conn.pdbx_dist_value 
_struct_conn.pdbx_value_order 
_struct_conn.pdbx_role 
metalc1 metalc ? ? A HIS 40  NE2 ? ? ? 1_555 B DTZ . ZN ? ? A HIS 40  A DTZ 501 1_555 ? ? ? ? ? ? ? 2.044 ? ? 
metalc2 metalc ? ? A CYS 147 SG  ? ? ? 1_555 B DTZ . ZN ? ? A CYS 147 A DTZ 501 1_555 ? ? ? ? ? ? ? 2.305 ? ? 
# 
_struct_conn_type.id          metalc 
_struct_conn_type.criteria    ? 
_struct_conn_type.reference   ? 
# 
loop_
_struct_sheet.id 
_struct_sheet.type 
_struct_sheet.number_strands 
_struct_sheet.details 
A ? 7 ? 
B ? 7 ? 
# 
loop_
_struct_sheet_order.sheet_id 
_struct_sheet_order.range_id_1 
_struct_sheet_order.range_id_2 
_struct_sheet_order.offset 
_struct_sheet_order.sense 
A 1 2 ? anti-parallel 
A 2 3 ? anti-parallel 
A 3 4 ? anti-parallel 
A 4 5 ? anti-parallel 
A 5 6 ? anti-parallel 
A 6 7 ? anti-parallel 
B 1 2 ? anti-parallel 
B 2 3 ? anti-parallel 
B 3 4 ? anti-parallel 
B 4 5 ? anti-parallel 
B 5 6 ? anti-parallel 
B 6 7 ? anti-parallel 
# 
loop_
_struct_sheet_range.sheet_id 
_struct_sheet_range.id 
_struct_sheet_range.beg_label_comp_id 
_struct_sheet_range.beg_label_asym_id 
_struct_sheet_range.beg_label_seq_id 
_struct_sheet_range.pdbx_beg_PDB_ins_code 
_struct_sheet_range.end_label_comp_id 
_struct_sheet_range.end_label_asym_id 
_struct_sheet_range.end_label_seq_id 
_struct_sheet_range.pdbx_end_PDB_ins_code 
_struct_sheet_range.beg_auth_comp_id 
_struct_sheet_range.beg_auth_asym_id 
_struct_sheet_range.beg_auth_seq_id 
_struct_sheet_range.end_auth_comp_id 
_struct_sheet_range.end_auth_asym_id 
_struct_sheet_range.end_auth_seq_id 
A 1 SER A 15  ? THR A 20  ? SER A 15  THR A 20  
A 2 GLY A 23  ? TYR A 31  ? GLY A 23  TYR A 31  
A 3 TRP A 34  ? PRO A 38  ? TRP A 34  PRO A 38  
A 4 ASN A 69  ? LEU A 77  ? ASN A 69  LEU A 77  
A 5 GLN A 52  ? VAL A 63  ? GLN A 52  VAL A 63  
A 6 THR A 46  ? MET A 49  ? THR A 46  MET A 49  
A 7 SER A 15  ? THR A 20  ? SER A 15  THR A 20  
B 1 VAL A 97  ? ILE A 104 ? VAL A 97  ILE A 104 
B 2 MET A 112 ? LEU A 127 ? MET A 112 LEU A 127 
B 3 THR A 130 ? TYR A 138 ? THR A 130 TYR A 138 
B 4 GLY A 169 ? ALA A 173 ? GLY A 169 ALA A 173 
B 5 LYS A 156 ? GLY A 164 ? LYS A 156 GLY A 164 
B 6 VAL A 150 ? SER A 153 ? VAL A 150 SER A 153 
B 7 VAL A 97  ? ILE A 104 ? VAL A 97  ILE A 104 
# 
loop_
_pdbx_struct_sheet_hbond.sheet_id 
_pdbx_struct_sheet_hbond.range_id_1 
_pdbx_struct_sheet_hbond.range_id_2 
_pdbx_struct_sheet_hbond.range_1_label_atom_id 
_pdbx_struct_sheet_hbond.range_1_label_comp_id 
_pdbx_struct_sheet_hbond.range_1_label_asym_id 
_pdbx_struct_sheet_hbond.range_1_label_seq_id 
_pdbx_struct_sheet_hbond.range_1_PDB_ins_code 
_pdbx_struct_sheet_hbond.range_1_auth_atom_id 
_pdbx_struct_sheet_hbond.range_1_auth_comp_id 
_pdbx_struct_sheet_hbond.range_1_auth_asym_id 
_pdbx_struct_sheet_hbond.range_1_auth_seq_id 
_pdbx_struct_sheet_hbond.range_2_label_atom_id 
_pdbx_struct_sheet_hbond.range_2_label_comp_id 
_pdbx_struct_sheet_hbond.range_2_label_asym_id 
_pdbx_struct_sheet_hbond.range_2_label_seq_id 
_pdbx_struct_sheet_hbond.range_2_PDB_ins_code 
_pdbx_struct_sheet_hbond.range_2_auth_atom_id 
_pdbx_struct_sheet_hbond.range_2_auth_comp_id 
_pdbx_struct_sheet_hbond.range_2_auth_asym_id 
_pdbx_struct_sheet_hbond.range_2_auth_seq_id 
A 1 2 N SER A 16  ? N SER A 16  O MET A 27  ? O MET A 27  
A 2 3 N ILE A 30  ? N ILE A 30  O TRP A 34  ? O TRP A 34  
A 3 4 N LEU A 37  ? N LEU A 37  O THR A 73  ? O THR A 73  
A 4 5 O LYS A 76  ? O LYS A 76  N LEU A 57  ? N LEU A 57  
A 5 6 O GLN A 52  ? O GLN A 52  N MET A 49  ? N MET A 49  
A 6 7 O LEU A 48  ? O LEU A 48  N LYS A 19  ? N LYS A 19  
B 1 2 N LEU A 102 ? N LEU A 102 O ILE A 114 ? O ILE A 114 
B 2 3 N LEU A 127 ? N LEU A 127 O THR A 130 ? O THR A 130 
B 3 4 N TYR A 138 ? N TYR A 138 O GLY A 169 ? O GLY A 169 
B 4 5 O PHE A 170 ? O PHE A 170 N GLY A 163 ? N GLY A 163 
B 5 6 O LYS A 156 ? O LYS A 156 N SER A 153 ? N SER A 153 
B 6 7 O MET A 152 ? O MET A 152 N VAL A 101 ? N VAL A 101 
# 
_struct_site.id                   AC1 
_struct_site.pdbx_evidence_code   Software 
_struct_site.pdbx_auth_asym_id    A 
_struct_site.pdbx_auth_comp_id    DTZ 
_struct_site.pdbx_auth_seq_id     501 
_struct_site.pdbx_auth_ins_code   ? 
_struct_site.pdbx_num_residues    5 
_struct_site.details              'BINDING SITE FOR RESIDUE DTZ A 501' 
# 
loop_
_struct_site_gen.id 
_struct_site_gen.site_id 
_struct_site_gen.pdbx_num_res 
_struct_site_gen.label_comp_id 
_struct_site_gen.label_asym_id 
_struct_site_gen.label_seq_id 
_struct_site_gen.pdbx_auth_ins_code 
_struct_site_gen.auth_comp_id 
_struct_site_gen.auth_asym_id 
_struct_site_gen.auth_seq_id 
_struct_site_gen.label_atom_id 
_struct_site_gen.label_alt_id 
_struct_site_gen.symmetry 
_struct_site_gen.details 
1 AC1 5 PHE A 25  ? PHE A 25  . ? 1_555 ? 
2 AC1 5 HIS A 40  ? HIS A 40  . ? 1_555 ? 
3 AC1 5 CYS A 147 ? CYS A 147 . ? 1_555 ? 
4 AC1 5 HOH C .   ? HOH A 321 . ? 1_555 ? 
5 AC1 5 HOH C .   ? HOH A 401 . ? 1_555 ? 
# 
_atom_sites.entry_id                    2ZTX 
_atom_sites.fract_transf_matrix[1][1]   0.01327296 
_atom_sites.fract_transf_matrix[1][2]   0.00537325 
_atom_sites.fract_transf_matrix[1][3]   0.00238887 
_atom_sites.fract_transf_matrix[2][1]   -0.00623216 
_atom_sites.fract_transf_matrix[2][2]   0.01221474 
_atom_sites.fract_transf_matrix[2][3]   0.00715244 
_atom_sites.fract_transf_matrix[3][1]   0.01221888 
_atom_sites.fract_transf_matrix[3][2]   -0.00794394 
_atom_sites.fract_transf_matrix[3][3]   0.02421316 
_atom_sites.fract_transf_vector[1]      0.286708 
_atom_sites.fract_transf_vector[2]      0.009198 
_atom_sites.fract_transf_vector[3]      0.477381 
# 
loop_
_atom_type.symbol 
C  
N  
O  
S  
ZN 
# 
loop_
_atom_site.group_PDB 
_atom_site.id 
_atom_site.type_symbol 
_atom_site.label_atom_id 
_atom_site.label_alt_id 
_atom_site.label_comp_id 
_atom_site.label_asym_id 
_atom_site.label_entity_id 
_atom_site.label_seq_id 
_atom_site.pdbx_PDB_ins_code 
_atom_site.Cartn_x 
_atom_site.Cartn_y 
_atom_site.Cartn_z 
_atom_site.occupancy 
_atom_site.B_iso_or_equiv 
_atom_site.pdbx_formal_charge 
_atom_site.auth_seq_id 
_atom_site.auth_comp_id 
_atom_site.auth_asym_id 
_atom_site.auth_atom_id 
_atom_site.pdbx_PDB_model_num 
ATOM   1    N  N   . GLY A 1 1   ? 19.730  -4.479  -6.951  1.00 29.58 ? 1   GLY A N   1 
ATOM   2    C  CA  . GLY A 1 1   ? 19.414  -4.121  -8.322  1.00 28.66 ? 1   GLY A CA  1 
ATOM   3    C  C   . GLY A 1 1   ? 18.115  -4.749  -8.776  1.00 30.79 ? 1   GLY A C   1 
ATOM   4    O  O   . GLY A 1 1   ? 17.215  -4.053  -9.238  1.00 30.85 ? 1   GLY A O   1 
ATOM   5    N  N   . PRO A 1 2   ? 17.976  -6.072  -8.637  1.00 30.90 ? 2   PRO A N   1 
ATOM   6    C  CA  . PRO A 1 2   ? 16.716  -6.650  -9.100  1.00 30.34 ? 2   PRO A CA  1 
ATOM   7    C  C   . PRO A 1 2   ? 15.447  -6.147  -8.408  1.00 29.14 ? 2   PRO A C   1 
ATOM   8    O  O   . PRO A 1 2   ? 14.451  -5.978  -9.081  1.00 29.95 ? 2   PRO A O   1 
ATOM   9    C  CB  . PRO A 1 2   ? 16.931  -8.155  -8.926  1.00 30.85 ? 2   PRO A CB  1 
ATOM   10   C  CG  . PRO A 1 2   ? 18.473  -8.285  -9.135  1.00 30.83 ? 2   PRO A CG  1 
ATOM   11   C  CD  . PRO A 1 2   ? 18.952  -7.125  -8.277  1.00 30.82 ? 2   PRO A CD  1 
ATOM   12   N  N   . ALA A 1 3   ? 15.500  -5.887  -7.111  1.00 28.94 ? 3   ALA A N   1 
ATOM   13   C  CA  . ALA A 1 3   ? 14.311  -5.438  -6.405  1.00 28.96 ? 3   ALA A CA  1 
ATOM   14   C  C   . ALA A 1 3   ? 13.954  -4.047  -6.882  1.00 29.26 ? 3   ALA A C   1 
ATOM   15   O  O   . ALA A 1 3   ? 12.799  -3.749  -7.041  1.00 25.17 ? 3   ALA A O   1 
ATOM   16   C  CB  . ALA A 1 3   ? 14.515  -5.439  -4.919  1.00 28.88 ? 3   ALA A CB  1 
ATOM   17   N  N   . PHE A 1 4   ? 14.946  -3.185  -7.128  1.00 28.49 ? 4   PHE A N   1 
ATOM   18   C  CA  . PHE A 1 4   ? 14.622  -1.835  -7.632  1.00 28.27 ? 4   PHE A CA  1 
ATOM   19   C  C   . PHE A 1 4   ? 14.072  -1.937  -9.043  1.00 28.09 ? 4   PHE A C   1 
ATOM   20   O  O   . PHE A 1 4   ? 13.119  -1.246  -9.401  1.00 27.39 ? 4   PHE A O   1 
ATOM   21   C  CB  . PHE A 1 4   ? 15.868  -0.937  -7.663  1.00 27.97 ? 4   PHE A CB  1 
ATOM   22   C  CG  . PHE A 1 4   ? 16.236  -0.318  -6.325  1.00 31.48 ? 4   PHE A CG  1 
ATOM   23   C  CD1 . PHE A 1 4   ? 15.634  0.867   -5.889  1.00 30.49 ? 4   PHE A CD1 1 
ATOM   24   C  CD2 . PHE A 1 4   ? 17.247  -0.870  -5.526  1.00 31.81 ? 4   PHE A CD2 1 
ATOM   25   C  CE1 . PHE A 1 4   ? 16.046  1.486   -4.695  1.00 30.06 ? 4   PHE A CE1 1 
ATOM   26   C  CE2 . PHE A 1 4   ? 17.645  -0.242  -4.326  1.00 30.97 ? 4   PHE A CE2 1 
ATOM   27   C  CZ  . PHE A 1 4   ? 17.044  0.927   -3.925  1.00 29.82 ? 4   PHE A CZ  1 
ATOM   28   N  N   . GLU A 1 5   ? 14.663  -2.799  -9.887  1.00 27.41 ? 5   GLU A N   1 
ATOM   29   C  CA  . GLU A 1 5   ? 14.136  -2.902  -11.244 1.00 26.63 ? 5   GLU A CA  1 
ATOM   30   C  C   . GLU A 1 5   ? 12.666  -3.323  -11.177 1.00 26.91 ? 5   GLU A C   1 
ATOM   31   O  O   . GLU A 1 5   ? 11.832  -2.761  -11.867 1.00 24.27 ? 5   GLU A O   1 
ATOM   32   C  CB  . GLU A 1 5   ? 14.907  -3.929  -12.072 1.00 32.37 ? 5   GLU A CB  1 
ATOM   33   C  CG  . GLU A 1 5   ? 15.652  -3.259  -13.185 1.00 35.18 ? 5   GLU A CG  1 
ATOM   34   C  CD  . GLU A 1 5   ? 16.480  -4.216  -13.999 1.00 37.15 ? 5   GLU A CD  1 
ATOM   35   O  OE1 . GLU A 1 5   ? 15.884  -4.993  -14.772 1.00 40.12 ? 5   GLU A OE1 1 
ATOM   36   O  OE2 . GLU A 1 5   ? 17.719  -4.189  -13.852 1.00 38.35 ? 5   GLU A OE2 1 
ATOM   37   N  N   . PHE A 1 6   ? 12.389  -4.326  -10.352 1.00 23.64 ? 6   PHE A N   1 
ATOM   38   C  CA  . PHE A 1 6   ? 11.023  -4.827  -10.171 1.00 21.84 ? 6   PHE A CA  1 
ATOM   39   C  C   . PHE A 1 6   ? 10.094  -3.695  -9.722  1.00 21.03 ? 6   PHE A C   1 
ATOM   40   O  O   . PHE A 1 6   ? 9.046   -3.462  -10.356 1.00 20.49 ? 6   PHE A O   1 
ATOM   41   C  CB  . PHE A 1 6   ? 10.994  -5.938  -9.131  1.00 21.22 ? 6   PHE A CB  1 
ATOM   42   C  CG  . PHE A 1 6   ? 9.626   -6.456  -8.841  1.00 23.63 ? 6   PHE A CG  1 
ATOM   43   C  CD1 . PHE A 1 6   ? 8.967   -7.302  -9.758  1.00 25.74 ? 6   PHE A CD1 1 
ATOM   44   C  CD2 . PHE A 1 6   ? 8.977   -6.106  -7.683  1.00 22.58 ? 6   PHE A CD2 1 
ATOM   45   C  CE1 . PHE A 1 6   ? 7.682   -7.775  -9.510  1.00 22.01 ? 6   PHE A CE1 1 
ATOM   46   C  CE2 . PHE A 1 6   ? 7.690   -6.580  -7.423  1.00 24.19 ? 6   PHE A CE2 1 
ATOM   47   C  CZ  . PHE A 1 6   ? 7.041   -7.412  -8.339  1.00 23.59 ? 6   PHE A CZ  1 
ATOM   48   N  N   . ALA A 1 7   ? 10.513  -2.991  -8.677  1.00 21.81 ? 7   ALA A N   1 
ATOM   49   C  CA  . ALA A 1 7   ? 9.728   -1.867  -8.095  1.00 21.24 ? 7   ALA A CA  1 
ATOM   50   C  C   . ALA A 1 7   ? 9.413   -0.797  -9.112  1.00 21.38 ? 7   ALA A C   1 
ATOM   51   O  O   . ALA A 1 7   ? 8.288   -0.285  -9.161  1.00 21.83 ? 7   ALA A O   1 
ATOM   52   C  CB  . ALA A 1 7   ? 10.482  -1.252  -6.926  1.00 22.44 ? 7   ALA A CB  1 
ATOM   53   N  N   . VAL A 1 8   ? 10.406  -0.388  -9.899  1.00 21.90 ? 8   VAL A N   1 
ATOM   54   C  CA  . VAL A 1 8   ? 10.159  0.645   -10.925 1.00 22.65 ? 8   VAL A CA  1 
ATOM   55   C  C   . VAL A 1 8   ? 9.102   0.269   -11.931 1.00 21.71 ? 8   VAL A C   1 
ATOM   56   O  O   . VAL A 1 8   ? 8.215   1.060   -12.236 1.00 23.03 ? 8   VAL A O   1 
ATOM   57   C  CB  . VAL A 1 8   ? 11.420  1.003   -11.746 1.00 24.44 ? 8   VAL A CB  1 
ATOM   58   C  CG1 . VAL A 1 8   ? 11.024  1.875   -12.943 1.00 26.54 ? 8   VAL A CG1 1 
ATOM   59   C  CG2 . VAL A 1 8   ? 12.363  1.747   -10.893 1.00 25.69 ? 8   VAL A CG2 1 
ATOM   60   N  N   . ALA A 1 9   ? 9.177   -0.957  -12.442 1.00 22.36 ? 9   ALA A N   1 
ATOM   61   C  CA  . ALA A 1 9   ? 8.209   -1.410  -13.436 1.00 23.64 ? 9   ALA A CA  1 
ATOM   62   C  C   . ALA A 1 9   ? 6.809   -1.520  -12.806 1.00 22.39 ? 9   ALA A C   1 
ATOM   63   O  O   . ALA A 1 9   ? 5.821   -1.168  -13.442 1.00 23.47 ? 9   ALA A O   1 
ATOM   64   C  CB  . ALA A 1 9   ? 8.606   -2.772  -14.005 1.00 25.02 ? 9   ALA A CB  1 
ATOM   65   N  N   . MET A 1 10  ? 6.766   -1.976  -11.552 1.00 21.75 ? 10  MET A N   1 
ATOM   66   C  CA  . MET A 1 10  ? 5.539   -2.152  -10.799 1.00 21.90 ? 10  MET A CA  1 
ATOM   67   C  C   . MET A 1 10  ? 4.856   -0.803  -10.588 1.00 20.91 ? 10  MET A C   1 
ATOM   68   O  O   . MET A 1 10  ? 3.649   -0.687  -10.815 1.00 21.60 ? 10  MET A O   1 
ATOM   69   C  CB  . MET A 1 10  ? 5.795   -2.808  -9.435  1.00 20.32 ? 10  MET A CB  1 
ATOM   70   C  CG  . MET A 1 10  ? 4.524   -2.875  -8.563  1.00 21.15 ? 10  MET A CG  1 
ATOM   71   S  SD  . MET A 1 10  ? 3.287   -3.974  -9.413  1.00 23.69 ? 10  MET A SD  1 
ATOM   72   C  CE  . MET A 1 10  ? 4.249   -5.546  -9.634  1.00 17.71 ? 10  MET A CE  1 
ATOM   73   N  N   . MET A 1 11  ? 5.618   0.229   -10.216 1.00 19.56 ? 11  MET A N   1 
ATOM   74   C  CA  . MET A 1 11  ? 5.018   1.527   -9.980  1.00 21.44 ? 11  MET A CA  1 
ATOM   75   C  C   . MET A 1 11  ? 4.564   2.188   -11.286 1.00 22.37 ? 11  MET A C   1 
ATOM   76   O  O   . MET A 1 11  ? 3.566   2.883   -11.337 1.00 22.32 ? 11  MET A O   1 
ATOM   77   C  CB  . MET A 1 11  ? 5.991   2.465   -9.238  1.00 21.35 ? 11  MET A CB  1 
ATOM   78   C  CG  . MET A 1 11  ? 6.463   1.926   -7.900  1.00 18.89 ? 11  MET A CG  1 
ATOM   79   S  SD  . MET A 1 11  ? 5.045   1.671   -6.755  1.00 20.35 ? 11  MET A SD  1 
ATOM   80   C  CE  . MET A 1 11  ? 4.809   3.346   -6.197  1.00 20.96 ? 11  MET A CE  1 
ATOM   81   N  N   . LYS A 1 12  ? 5.304   1.930   -12.351 1.00 24.65 ? 12  LYS A N   1 
ATOM   82   C  CA  . LYS A 1 12  ? 5.006   2.509   -13.623 1.00 26.70 ? 12  LYS A CA  1 
ATOM   83   C  C   . LYS A 1 12  ? 3.711   2.007   -14.132 1.00 25.95 ? 12  LYS A C   1 
ATOM   84   O  O   . LYS A 1 12  ? 2.896   2.780   -14.579 1.00 27.29 ? 12  LYS A O   1 
ATOM   85   C  CB  . LYS A 1 12  ? 6.101   2.153   -14.643 1.00 29.09 ? 12  LYS A CB  1 
ATOM   86   C  CG  . LYS A 1 12  ? 6.024   2.915   -15.952 1.00 35.86 ? 12  LYS A CG  1 
ATOM   87   C  CD  . LYS A 1 12  ? 7.109   2.441   -16.937 1.00 39.15 ? 12  LYS A CD  1 
ATOM   88   C  CE  . LYS A 1 12  ? 7.648   3.642   -17.673 1.00 41.83 ? 12  LYS A CE  1 
ATOM   89   N  NZ  . LYS A 1 12  ? 6.489   4.455   -18.172 1.00 42.53 ? 12  LYS A NZ  1 
ATOM   90   N  N   . ARG A 1 13  ? 3.491   0.711   -13.966 1.00 25.86 ? 13  ARG A N   1 
ATOM   91   C  CA  . ARG A 1 13  ? 2.320   0.046   -14.492 1.00 25.70 ? 13  ARG A CA  1 
ATOM   92   C  C   . ARG A 1 13  ? 1.118   0.048   -13.595 1.00 26.24 ? 13  ARG A C   1 
ATOM   93   O  O   . ARG A 1 13  ? 0.001   0.091   -14.071 1.00 26.19 ? 13  ARG A O   1 
ATOM   94   C  CB  . ARG A 1 13  ? 2.680   -1.406  -14.778 1.00 29.21 ? 13  ARG A CB  1 
ATOM   95   C  CG  . ARG A 1 13  ? 1.594   -2.211  -15.519 1.00 32.65 ? 13  ARG A CG  1 
ATOM   96   C  CD  . ARG A 1 13  ? 1.608   -1.863  -17.016 1.00 37.63 ? 13  ARG A CD  1 
ATOM   97   N  NE  . ARG A 1 13  ? 0.858   -2.862  -17.780 1.00 40.03 ? 13  ARG A NE  1 
ATOM   98   C  CZ  . ARG A 1 13  ? 1.326   -4.071  -18.092 1.00 41.44 ? 13  ARG A CZ  1 
ATOM   99   N  NH1 . ARG A 1 13  ? 2.550   -4.437  -17.730 1.00 42.89 ? 13  ARG A NH1 1 
ATOM   100  N  NH2 . ARG A 1 13  ? 0.545   -4.944  -18.717 1.00 42.46 ? 13  ARG A NH2 1 
ATOM   101  N  N   . ASN A 1 14  ? 1.336   0.001   -12.289 1.00 24.18 ? 14  ASN A N   1 
ATOM   102  C  CA  . ASN A 1 14  ? 0.194   -0.107  -11.382 1.00 23.70 ? 14  ASN A CA  1 
ATOM   103  C  C   . ASN A 1 14  ? -0.004  0.984   -10.327 1.00 23.65 ? 14  ASN A C   1 
ATOM   104  O  O   . ASN A 1 14  ? -1.012  0.961   -9.632  1.00 23.86 ? 14  ASN A O   1 
ATOM   105  C  CB  . ASN A 1 14  ? 0.260   -1.449  -10.636 1.00 21.64 ? 14  ASN A CB  1 
ATOM   106  C  CG  . ASN A 1 14  ? -0.032  -2.650  -11.521 1.00 24.51 ? 14  ASN A CG  1 
ATOM   107  O  OD1 . ASN A 1 14  ? 0.768   -3.012  -12.421 1.00 23.67 ? 14  ASN A OD1 1 
ATOM   108  N  ND2 . ASN A 1 14  ? -1.163  -3.301  -11.262 1.00 21.21 ? 14  ASN A ND2 1 
ATOM   109  N  N   . SER A 1 15  ? 0.900   1.931   -10.174 1.00 22.66 ? 15  SER A N   1 
ATOM   110  C  CA  . SER A 1 15  ? 0.678   2.933   -9.134  1.00 20.98 ? 15  SER A CA  1 
ATOM   111  C  C   . SER A 1 15  ? 0.179   4.252   -9.641  1.00 22.51 ? 15  SER A C   1 
ATOM   112  O  O   . SER A 1 15  ? 0.319   4.587   -10.827 1.00 21.73 ? 15  SER A O   1 
ATOM   113  C  CB  . SER A 1 15  ? 1.958   3.193   -8.328  1.00 20.40 ? 15  SER A CB  1 
ATOM   114  O  OG  . SER A 1 15  ? 2.793   4.044   -9.070  1.00 21.74 ? 15  SER A OG  1 
ATOM   115  N  N   . SER A 1 16  ? -0.404  5.027   -8.720  1.00 22.66 ? 16  SER A N   1 
ATOM   116  C  CA  . SER A 1 16  ? -0.892  6.334   -9.050  1.00 20.90 ? 16  SER A CA  1 
ATOM   117  C  C   . SER A 1 16  ? -0.860  7.170   -7.760  1.00 22.28 ? 16  SER A C   1 
ATOM   118  O  O   . SER A 1 16  ? -0.601  6.643   -6.661  1.00 20.60 ? 16  SER A O   1 
ATOM   119  C  CB  . SER A 1 16  ? -2.308  6.263   -9.598  1.00 21.32 ? 16  SER A CB  1 
ATOM   120  O  OG  . SER A 1 16  ? -3.228  5.796   -8.611  1.00 19.52 ? 16  SER A OG  1 
ATOM   121  N  N   . THR A 1 17  ? -1.103  8.475   -7.915  1.00 21.60 ? 17  THR A N   1 
ATOM   122  C  CA  . THR A 1 17  ? -1.118  9.434   -6.779  1.00 24.79 ? 17  THR A CA  1 
ATOM   123  C  C   . THR A 1 17  ? -2.590  9.738   -6.488  1.00 24.65 ? 17  THR A C   1 
ATOM   124  O  O   . THR A 1 17  ? -3.350  10.072  -7.418  1.00 23.75 ? 17  THR A O   1 
ATOM   125  C  CB  . THR A 1 17  ? -0.530  10.787  -7.140  1.00 28.12 ? 17  THR A CB  1 
ATOM   126  O  OG1 . THR A 1 17  ? 0.812   10.645  -7.581  1.00 29.66 ? 17  THR A OG1 1 
ATOM   127  C  CG2 . THR A 1 17  ? -0.579  11.706  -5.920  1.00 31.44 ? 17  THR A CG2 1 
ATOM   128  N  N   . VAL A 1 18  ? -2.988  9.691   -5.216  1.00 24.40 ? 18  VAL A N   1 
ATOM   129  C  CA  . VAL A 1 18  ? -4.373  9.975   -4.891  1.00 22.93 ? 18  VAL A CA  1 
ATOM   130  C  C   . VAL A 1 18  ? -4.474  11.005  -3.796  1.00 23.12 ? 18  VAL A C   1 
ATOM   131  O  O   . VAL A 1 18  ? -3.761  10.934  -2.824  1.00 24.22 ? 18  VAL A O   1 
ATOM   132  C  CB  . VAL A 1 18  ? -5.098  8.734   -4.372  1.00 24.27 ? 18  VAL A CB  1 
ATOM   133  C  CG1 . VAL A 1 18  ? -6.447  9.072   -3.807  1.00 24.65 ? 18  VAL A CG1 1 
ATOM   134  C  CG2 . VAL A 1 18  ? -5.298  7.755   -5.491  1.00 22.21 ? 18  VAL A CG2 1 
ATOM   135  N  N   . LYS A 1 19  ? -5.381  11.940  -3.984  1.00 22.34 ? 19  LYS A N   1 
ATOM   136  C  CA  . LYS A 1 19  ? -5.620  12.965  -2.972  1.00 23.29 ? 19  LYS A CA  1 
ATOM   137  C  C   . LYS A 1 19  ? -7.065  12.751  -2.483  1.00 22.86 ? 19  LYS A C   1 
ATOM   138  O  O   . LYS A 1 19  ? -8.009  12.569  -3.284  1.00 23.65 ? 19  LYS A O   1 
ATOM   139  C  CB  . LYS A 1 19  ? -5.429  14.339  -3.611  1.00 26.23 ? 19  LYS A CB  1 
ATOM   140  C  CG  . LYS A 1 19  ? -5.968  15.487  -2.802  1.00 30.80 ? 19  LYS A CG  1 
ATOM   141  C  CD  . LYS A 1 19  ? -5.873  16.795  -3.599  1.00 34.35 ? 19  LYS A CD  1 
ATOM   142  C  CE  . LYS A 1 19  ? -6.458  18.001  -2.808  1.00 36.00 ? 19  LYS A CE  1 
ATOM   143  N  NZ  . LYS A 1 19  ? -7.889  17.754  -2.362  1.00 35.38 ? 19  LYS A NZ  1 
ATOM   144  N  N   . THR A 1 20  ? -7.217  12.660  -1.162  1.00 21.18 ? 20  THR A N   1 
ATOM   145  C  CA  . THR A 1 20  ? -8.549  12.609  -0.549  1.00 20.37 ? 20  THR A CA  1 
ATOM   146  C  C   . THR A 1 20  ? -8.552  13.841  0.340   1.00 20.64 ? 20  THR A C   1 
ATOM   147  O  O   . THR A 1 20  ? -7.583  14.551  0.447   1.00 19.75 ? 20  THR A O   1 
ATOM   148  C  CB  . THR A 1 20  ? -8.746  11.400  0.344   1.00 19.88 ? 20  THR A CB  1 
ATOM   149  O  OG1 . THR A 1 20  ? -7.966  11.520  1.551   1.00 21.60 ? 20  THR A OG1 1 
ATOM   150  C  CG2 . THR A 1 20  ? -8.296  10.122  -0.423  1.00 19.92 ? 20  THR A CG2 1 
ATOM   151  N  N   . GLU A 1 21  ? -9.655  14.058  1.048   1.00 21.45 ? 21  GLU A N   1 
ATOM   152  C  CA  . GLU A 1 21  ? -9.729  15.191  1.927   1.00 21.56 ? 21  GLU A CA  1 
ATOM   153  C  C   . GLU A 1 21  ? -8.837  14.979  3.152   1.00 21.65 ? 21  GLU A C   1 
ATOM   154  O  O   . GLU A 1 21  ? -8.704  15.890  3.954   1.00 22.37 ? 21  GLU A O   1 
ATOM   155  C  CB  . GLU A 1 21  ? -11.159 15.321  2.388   1.00 25.60 ? 21  GLU A CB  1 
ATOM   156  C  CG  . GLU A 1 21  ? -12.053 15.822  1.268   1.00 29.99 ? 21  GLU A CG  1 
ATOM   157  C  CD  . GLU A 1 21  ? -12.740 14.705  0.477   1.00 33.52 ? 21  GLU A CD  1 
ATOM   158  O  OE1 . GLU A 1 21  ? -13.685 15.052  -0.270  1.00 37.00 ? 21  GLU A OE1 1 
ATOM   159  O  OE2 . GLU A 1 21  ? -12.384 13.504  0.583   1.00 32.89 ? 21  GLU A OE2 1 
ATOM   160  N  N   . TYR A 1 22  ? -8.226  13.798  3.278   1.00 21.32 ? 22  TYR A N   1 
ATOM   161  C  CA  . TYR A 1 22  ? -7.360  13.492  4.408   1.00 21.30 ? 22  TYR A CA  1 
ATOM   162  C  C   . TYR A 1 22  ? -5.882  13.459  4.060   1.00 21.92 ? 22  TYR A C   1 
ATOM   163  O  O   . TYR A 1 22  ? -5.064  13.198  4.934   1.00 21.99 ? 22  TYR A O   1 
ATOM   164  C  CB  . TYR A 1 22  ? -7.736  12.179  5.084   1.00 19.34 ? 22  TYR A CB  1 
ATOM   165  C  CG  . TYR A 1 22  ? -8.945  12.371  6.032   1.00 21.25 ? 22  TYR A CG  1 
ATOM   166  C  CD1 . TYR A 1 22  ? -10.229 12.557  5.516   1.00 24.21 ? 22  TYR A CD1 1 
ATOM   167  C  CD2 . TYR A 1 22  ? -8.757  12.454  7.414   1.00 22.04 ? 22  TYR A CD2 1 
ATOM   168  C  CE1 . TYR A 1 22  ? -11.302 12.831  6.367   1.00 21.01 ? 22  TYR A CE1 1 
ATOM   169  C  CE2 . TYR A 1 22  ? -9.837  12.719  8.272   1.00 22.33 ? 22  TYR A CE2 1 
ATOM   170  C  CZ  . TYR A 1 22  ? -11.093 12.899  7.708   1.00 22.49 ? 22  TYR A CZ  1 
ATOM   171  O  OH  . TYR A 1 22  ? -12.173 13.213  8.507   1.00 22.36 ? 22  TYR A OH  1 
ATOM   172  N  N   . GLY A 1 23  ? -5.573  13.781  2.809   1.00 22.14 ? 23  GLY A N   1 
ATOM   173  C  CA  . GLY A 1 23  ? -4.174  13.830  2.415   1.00 21.58 ? 23  GLY A CA  1 
ATOM   174  C  C   . GLY A 1 23  ? -3.890  13.287  1.028   1.00 22.13 ? 23  GLY A C   1 
ATOM   175  O  O   . GLY A 1 23  ? -4.767  13.109  0.221   1.00 21.63 ? 23  GLY A O   1 
ATOM   176  N  N   . GLU A 1 24  ? -2.598  13.116  0.750   1.00 20.61 ? 24  GLU A N   1 
ATOM   177  C  CA  . GLU A 1 24  ? -2.130  12.605  -0.546  1.00 20.94 ? 24  GLU A CA  1 
ATOM   178  C  C   . GLU A 1 24  ? -1.417  11.296  -0.253  1.00 19.55 ? 24  GLU A C   1 
ATOM   179  O  O   . GLU A 1 24  ? -0.687  11.163  0.740   1.00 19.94 ? 24  GLU A O   1 
ATOM   180  C  CB  . GLU A 1 24  ? -1.162  13.593  -1.192  1.00 23.85 ? 24  GLU A CB  1 
ATOM   181  C  CG  . GLU A 1 24  ? -0.683  13.058  -2.515  1.00 31.74 ? 24  GLU A CG  1 
ATOM   182  C  CD  . GLU A 1 24  ? 0.181   14.040  -3.263  1.00 34.80 ? 24  GLU A CD  1 
ATOM   183  O  OE1 . GLU A 1 24  ? 1.096   14.641  -2.639  1.00 38.53 ? 24  GLU A OE1 1 
ATOM   184  O  OE2 . GLU A 1 24  ? -0.070  14.187  -4.473  1.00 39.42 ? 24  GLU A OE2 1 
ATOM   185  N  N   . PHE A 1 25  ? -1.724  10.307  -1.083  1.00 19.41 ? 25  PHE A N   1 
ATOM   186  C  CA  . PHE A 1 25  ? -1.201  8.972   -0.855  1.00 20.35 ? 25  PHE A CA  1 
ATOM   187  C  C   . PHE A 1 25  ? -0.791  8.339   -2.181  1.00 19.77 ? 25  PHE A C   1 
ATOM   188  O  O   . PHE A 1 25  ? -1.198  8.786   -3.256  1.00 21.70 ? 25  PHE A O   1 
ATOM   189  C  CB  . PHE A 1 25  ? -2.311  8.080   -0.291  1.00 20.40 ? 25  PHE A CB  1 
ATOM   190  C  CG  . PHE A 1 25  ? -2.967  8.639   0.945   1.00 20.53 ? 25  PHE A CG  1 
ATOM   191  C  CD1 . PHE A 1 25  ? -3.965  9.641   0.822   1.00 20.45 ? 25  PHE A CD1 1 
ATOM   192  C  CD2 . PHE A 1 25  ? -2.533  8.227   2.218   1.00 22.28 ? 25  PHE A CD2 1 
ATOM   193  C  CE1 . PHE A 1 25  ? -4.510  10.243  1.968   1.00 21.74 ? 25  PHE A CE1 1 
ATOM   194  C  CE2 . PHE A 1 25  ? -3.085  8.832   3.378   1.00 24.40 ? 25  PHE A CE2 1 
ATOM   195  C  CZ  . PHE A 1 25  ? -4.055  9.823   3.241   1.00 22.80 ? 25  PHE A CZ  1 
ATOM   196  N  N   . THR A 1 26  ? 0.036   7.323   -2.067  1.00 17.64 ? 26  THR A N   1 
ATOM   197  C  CA  . THR A 1 26  ? 0.396   6.496   -3.217  1.00 17.75 ? 26  THR A CA  1 
ATOM   198  C  C   . THR A 1 26  ? -0.727  5.456   -3.284  1.00 17.21 ? 26  THR A C   1 
ATOM   199  O  O   . THR A 1 26  ? -1.173  4.950   -2.212  1.00 17.68 ? 26  THR A O   1 
ATOM   200  C  CB  . THR A 1 26  ? 1.671   5.754   -2.926  1.00 18.19 ? 26  THR A CB  1 
ATOM   201  O  OG1 . THR A 1 26  ? 2.711   6.709   -2.904  1.00 21.93 ? 26  THR A OG1 1 
ATOM   202  C  CG2 . THR A 1 26  ? 2.011   4.679   -4.078  1.00 19.90 ? 26  THR A CG2 1 
ATOM   203  N  N   . MET A 1 27  ? -1.218  5.143   -4.480  1.00 17.26 ? 27  MET A N   1 
ATOM   204  C  CA  . MET A 1 27  ? -2.253  4.112   -4.591  1.00 17.56 ? 27  MET A CA  1 
ATOM   205  C  C   . MET A 1 27  ? -1.769  2.991   -5.486  1.00 19.03 ? 27  MET A C   1 
ATOM   206  O  O   . MET A 1 27  ? -1.143  3.261   -6.499  1.00 20.39 ? 27  MET A O   1 
ATOM   207  C  CB  . MET A 1 27  ? -3.582  4.660   -5.173  1.00 18.69 ? 27  MET A CB  1 
ATOM   208  C  CG  . MET A 1 27  ? -4.620  3.632   -5.183  1.00 19.46 ? 27  MET A CG  1 
ATOM   209  S  SD  . MET A 1 27  ? -6.264  4.313   -5.561  1.00 22.38 ? 27  MET A SD  1 
ATOM   210  C  CE  . MET A 1 27  ? -6.026  4.778   -7.212  1.00 23.24 ? 27  MET A CE  1 
ATOM   211  N  N   . LEU A 1 28  ? -2.098  1.745   -5.138  1.00 18.17 ? 28  LEU A N   1 
ATOM   212  C  CA  . LEU A 1 28  ? -1.631  0.612   -5.969  1.00 17.95 ? 28  LEU A CA  1 
ATOM   213  C  C   . LEU A 1 28  ? -2.837  -0.118  -6.530  1.00 17.74 ? 28  LEU A C   1 
ATOM   214  O  O   . LEU A 1 28  ? -3.736  -0.497  -5.768  1.00 19.54 ? 28  LEU A O   1 
ATOM   215  C  CB  . LEU A 1 28  ? -0.792  -0.385  -5.125  1.00 19.28 ? 28  LEU A CB  1 
ATOM   216  C  CG  . LEU A 1 28  ? -0.249  -1.643  -5.891  1.00 18.61 ? 28  LEU A CG  1 
ATOM   217  C  CD1 . LEU A 1 28  ? 0.871   -1.212  -6.878  1.00 20.38 ? 28  LEU A CD1 1 
ATOM   218  C  CD2 . LEU A 1 28  ? 0.246   -2.700  -4.867  1.00 19.34 ? 28  LEU A CD2 1 
ATOM   219  N  N   . GLY A 1 29  ? -2.852  -0.270  -7.859  1.00 16.93 ? 29  GLY A N   1 
ATOM   220  C  CA  . GLY A 1 29  ? -3.917  -1.001  -8.551  1.00 17.13 ? 29  GLY A CA  1 
ATOM   221  C  C   . GLY A 1 29  ? -3.540  -2.453  -8.447  1.00 18.53 ? 29  GLY A C   1 
ATOM   222  O  O   . GLY A 1 29  ? -2.350  -2.779  -8.665  1.00 19.83 ? 29  GLY A O   1 
ATOM   223  N  N   . ILE A 1 30  ? -4.512  -3.320  -8.179  1.00 19.54 ? 30  ILE A N   1 
ATOM   224  C  CA  . ILE A 1 30  ? -4.253  -4.732  -7.964  1.00 20.25 ? 30  ILE A CA  1 
ATOM   225  C  C   . ILE A 1 30  ? -4.684  -5.536  -9.194  1.00 22.68 ? 30  ILE A C   1 
ATOM   226  O  O   . ILE A 1 30  ? -3.932  -6.326  -9.703  1.00 23.07 ? 30  ILE A O   1 
ATOM   227  C  CB  . ILE A 1 30  ? -5.015  -5.197  -6.726  1.00 22.08 ? 30  ILE A CB  1 
ATOM   228  C  CG1 . ILE A 1 30  ? -4.593  -4.380  -5.500  1.00 22.94 ? 30  ILE A CG1 1 
ATOM   229  C  CG2 . ILE A 1 30  ? -4.772  -6.681  -6.467  1.00 22.14 ? 30  ILE A CG2 1 
ATOM   230  C  CD1 . ILE A 1 30  ? -3.080  -4.460  -5.196  1.00 21.67 ? 30  ILE A CD1 1 
ATOM   231  N  N   . TYR A 1 31  ? -5.931  -5.375  -9.617  1.00 23.33 ? 31  TYR A N   1 
ATOM   232  C  CA  . TYR A 1 31  ? -6.388  -6.073  -10.832 1.00 25.46 ? 31  TYR A CA  1 
ATOM   233  C  C   . TYR A 1 31  ? -7.704  -5.433  -11.252 1.00 26.14 ? 31  TYR A C   1 
ATOM   234  O  O   . TYR A 1 31  ? -8.354  -4.788  -10.426 1.00 23.15 ? 31  TYR A O   1 
ATOM   235  C  CB  . TYR A 1 31  ? -6.599  -7.573  -10.582 1.00 25.07 ? 31  TYR A CB  1 
ATOM   236  C  CG  . TYR A 1 31  ? -7.818  -7.890  -9.736  1.00 25.79 ? 31  TYR A CG  1 
ATOM   237  C  CD1 . TYR A 1 31  ? -7.864  -7.578  -8.383  1.00 27.73 ? 31  TYR A CD1 1 
ATOM   238  C  CD2 . TYR A 1 31  ? -8.936  -8.481  -10.297 1.00 28.37 ? 31  TYR A CD2 1 
ATOM   239  C  CE1 . TYR A 1 31  ? -8.977  -7.839  -7.612  1.00 29.65 ? 31  TYR A CE1 1 
ATOM   240  C  CE2 . TYR A 1 31  ? -10.073 -8.741  -9.532  1.00 28.92 ? 31  TYR A CE2 1 
ATOM   241  C  CZ  . TYR A 1 31  ? -10.084 -8.417  -8.192  1.00 29.78 ? 31  TYR A CZ  1 
ATOM   242  O  OH  . TYR A 1 31  ? -11.203 -8.649  -7.422  1.00 31.01 ? 31  TYR A OH  1 
ATOM   243  N  N   . ASP A 1 32  ? -8.099  -5.596  -12.527 1.00 27.54 ? 32  ASP A N   1 
ATOM   244  C  CA  . ASP A 1 32  ? -9.383  -4.984  -12.987 1.00 29.07 ? 32  ASP A CA  1 
ATOM   245  C  C   . ASP A 1 32  ? -9.450  -3.504  -12.567 1.00 28.56 ? 32  ASP A C   1 
ATOM   246  O  O   . ASP A 1 32  ? -8.562  -2.723  -12.933 1.00 29.01 ? 32  ASP A O   1 
ATOM   247  C  CB  . ASP A 1 32  ? -10.536 -5.747  -12.361 1.00 32.29 ? 32  ASP A CB  1 
ATOM   248  C  CG  . ASP A 1 32  ? -11.819 -5.668  -13.182 1.00 36.55 ? 32  ASP A CG  1 
ATOM   249  O  OD1 . ASP A 1 32  ? -11.971 -4.807  -14.102 1.00 37.88 ? 32  ASP A OD1 1 
ATOM   250  O  OD2 . ASP A 1 32  ? -12.707 -6.485  -12.864 1.00 40.28 ? 32  ASP A OD2 1 
ATOM   251  N  N   . ARG A 1 33  ? -10.494 -3.092  -11.825 1.00 26.38 ? 33  ARG A N   1 
ATOM   252  C  CA  . ARG A 1 33  ? -10.546 -1.693  -11.351 1.00 27.60 ? 33  ARG A CA  1 
ATOM   253  C  C   . ARG A 1 33  ? -10.434 -1.596  -9.844  1.00 24.25 ? 33  ARG A C   1 
ATOM   254  O  O   . ARG A 1 33  ? -10.880 -0.635  -9.244  1.00 26.18 ? 33  ARG A O   1 
ATOM   255  C  CB  . ARG A 1 33  ? -11.831 -0.966  -11.810 1.00 28.64 ? 33  ARG A CB  1 
ATOM   256  C  CG  . ARG A 1 33  ? -11.833 -0.654  -13.306 1.00 32.30 ? 33  ARG A CG  1 
ATOM   257  C  CD  . ARG A 1 33  ? -12.710 -1.633  -14.065 1.00 35.13 ? 33  ARG A CD  1 
ATOM   258  N  NE  . ARG A 1 33  ? -12.765 -1.321  -15.486 1.00 41.59 ? 33  ARG A NE  1 
ATOM   259  C  CZ  . ARG A 1 33  ? -13.325 -2.105  -16.394 1.00 41.88 ? 33  ARG A CZ  1 
ATOM   260  N  NH1 . ARG A 1 33  ? -13.887 -3.235  -16.009 1.00 43.88 ? 33  ARG A NH1 1 
ATOM   261  N  NH2 . ARG A 1 33  ? -13.283 -1.788  -17.692 1.00 43.65 ? 33  ARG A NH2 1 
ATOM   262  N  N   . TRP A 1 34  ? -9.791  -2.580  -9.234  1.00 24.69 ? 34  TRP A N   1 
ATOM   263  C  CA  . TRP A 1 34  ? -9.633  -2.591  -7.764  1.00 24.69 ? 34  TRP A CA  1 
ATOM   264  C  C   . TRP A 1 34  ? -8.228  -2.117  -7.377  1.00 22.91 ? 34  TRP A C   1 
ATOM   265  O  O   . TRP A 1 34  ? -7.271  -2.637  -7.917  1.00 21.79 ? 34  TRP A O   1 
ATOM   266  C  CB  . TRP A 1 34  ? -9.799  -4.003  -7.231  1.00 27.06 ? 34  TRP A CB  1 
ATOM   267  C  CG  . TRP A 1 34  ? -11.221 -4.465  -7.092  1.00 30.51 ? 34  TRP A CG  1 
ATOM   268  C  CD1 . TRP A 1 34  ? -11.864 -5.360  -7.881  1.00 32.83 ? 34  TRP A CD1 1 
ATOM   269  C  CD2 . TRP A 1 34  ? -12.166 -4.061  -6.088  1.00 31.26 ? 34  TRP A CD2 1 
ATOM   270  N  NE1 . TRP A 1 34  ? -13.150 -5.540  -7.440  1.00 31.90 ? 34  TRP A NE1 1 
ATOM   271  C  CE2 . TRP A 1 34  ? -13.361 -4.760  -6.339  1.00 32.85 ? 34  TRP A CE2 1 
ATOM   272  C  CE3 . TRP A 1 34  ? -12.113 -3.186  -5.008  1.00 32.87 ? 34  TRP A CE3 1 
ATOM   273  C  CZ2 . TRP A 1 34  ? -14.491 -4.616  -5.549  1.00 32.26 ? 34  TRP A CZ2 1 
ATOM   274  C  CZ3 . TRP A 1 34  ? -13.251 -3.036  -4.202  1.00 35.07 ? 34  TRP A CZ3 1 
ATOM   275  C  CH2 . TRP A 1 34  ? -14.428 -3.755  -4.485  1.00 33.32 ? 34  TRP A CH2 1 
ATOM   276  N  N   . ALA A 1 35  ? -8.145  -1.134  -6.473  1.00 22.94 ? 35  ALA A N   1 
ATOM   277  C  CA  . ALA A 1 35  ? -6.872  -0.615  -5.991  1.00 20.95 ? 35  ALA A CA  1 
ATOM   278  C  C   . ALA A 1 35  ? -6.906  -0.602  -4.476  1.00 20.14 ? 35  ALA A C   1 
ATOM   279  O  O   . ALA A 1 35  ? -7.963  -0.806  -3.891  1.00 20.04 ? 35  ALA A O   1 
ATOM   280  C  CB  . ALA A 1 35  ? -6.652  0.786   -6.514  1.00 22.63 ? 35  ALA A CB  1 
ATOM   281  N  N   . VAL A 1 36  ? -5.759  -0.366  -3.823  1.00 19.48 ? 36  VAL A N   1 
ATOM   282  C  CA  . VAL A 1 36  ? -5.696  -0.282  -2.375  1.00 17.75 ? 36  VAL A CA  1 
ATOM   283  C  C   . VAL A 1 36  ? -5.056  0.998   -1.904  1.00 19.47 ? 36  VAL A C   1 
ATOM   284  O  O   . VAL A 1 36  ? -4.170  1.559   -2.574  1.00 17.43 ? 36  VAL A O   1 
ATOM   285  C  CB  . VAL A 1 36  ? -4.879  -1.499  -1.735  1.00 21.00 ? 36  VAL A CB  1 
ATOM   286  C  CG1 . VAL A 1 36  ? -4.770  -1.377  -0.264  1.00 23.12 ? 36  VAL A CG1 1 
ATOM   287  C  CG2 . VAL A 1 36  ? -5.703  -2.786  -1.843  1.00 20.59 ? 36  VAL A CG2 1 
ATOM   288  N  N   . LEU A 1 37  ? -5.565  1.490   -0.784  1.00 17.85 ? 37  LEU A N   1 
ATOM   289  C  CA  . LEU A 1 37  ? -5.067  2.672   -0.121  1.00 19.46 ? 37  LEU A CA  1 
ATOM   290  C  C   . LEU A 1 37  ? -5.020  2.371   1.345   1.00 18.00 ? 37  LEU A C   1 
ATOM   291  O  O   . LEU A 1 37  ? -5.695  1.470   1.806   1.00 18.34 ? 37  LEU A O   1 
ATOM   292  C  CB  . LEU A 1 37  ? -6.092  3.838   -0.230  1.00 22.40 ? 37  LEU A CB  1 
ATOM   293  C  CG  . LEU A 1 37  ? -5.994  4.675   -1.479  1.00 22.65 ? 37  LEU A CG  1 
ATOM   294  C  CD1 . LEU A 1 37  ? -7.158  5.659   -1.523  1.00 22.84 ? 37  LEU A CD1 1 
ATOM   295  C  CD2 . LEU A 1 37  ? -4.664  5.453   -1.470  1.00 22.95 ? 37  LEU A CD2 1 
ATOM   296  N  N   . PRO A 1 38  ? -4.193  3.116   2.101   1.00 16.52 ? 38  PRO A N   1 
ATOM   297  C  CA  . PRO A 1 38  ? -4.160  2.909   3.545   1.00 18.34 ? 38  PRO A CA  1 
ATOM   298  C  C   . PRO A 1 38  ? -5.559  3.357   4.005   1.00 17.84 ? 38  PRO A C   1 
ATOM   299  O  O   . PRO A 1 38  ? -6.141  4.313   3.439   1.00 19.43 ? 38  PRO A O   1 
ATOM   300  C  CB  . PRO A 1 38  ? -3.110  3.913   4.030   1.00 18.49 ? 38  PRO A CB  1 
ATOM   301  C  CG  . PRO A 1 38  ? -2.225  4.061   2.901   1.00 17.70 ? 38  PRO A CG  1 
ATOM   302  C  CD  . PRO A 1 38  ? -3.133  4.028   1.675   1.00 18.58 ? 38  PRO A CD  1 
ATOM   303  N  N   . ARG A 1 39  ? -6.060  2.710   5.055   1.00 19.25 ? 39  ARG A N   1 
ATOM   304  C  CA  . ARG A 1 39  ? -7.392  2.987   5.558   1.00 21.52 ? 39  ARG A CA  1 
ATOM   305  C  C   . ARG A 1 39  ? -7.541  4.464   5.927   1.00 21.99 ? 39  ARG A C   1 
ATOM   306  O  O   . ARG A 1 39  ? -8.549  5.101   5.585   1.00 20.49 ? 39  ARG A O   1 
ATOM   307  C  CB  . ARG A 1 39  ? -7.673  2.101   6.803   1.00 24.52 ? 39  ARG A CB  1 
ATOM   308  C  CG  . ARG A 1 39  ? -9.086  2.287   7.327   1.00 27.23 ? 39  ARG A CG  1 
ATOM   309  C  CD  . ARG A 1 39  ? -9.352  1.406   8.572   1.00 34.57 ? 39  ARG A CD  1 
ATOM   310  N  NE  . ARG A 1 39  ? -10.798 1.147   8.669   1.00 37.05 ? 39  ARG A NE  1 
ATOM   311  C  CZ  . ARG A 1 39  ? -11.375 0.351   9.579   1.00 40.04 ? 39  ARG A CZ  1 
ATOM   312  N  NH1 . ARG A 1 39  ? -10.640 -0.275  10.498  1.00 39.15 ? 39  ARG A NH1 1 
ATOM   313  N  NH2 . ARG A 1 39  ? -12.690 0.157   9.545   1.00 39.22 ? 39  ARG A NH2 1 
ATOM   314  N  N   . HIS A 1 40  ? -6.514  5.037   6.526   1.00 21.14 ? 40  HIS A N   1 
ATOM   315  C  CA  . HIS A 1 40  ? -6.708  6.377   6.963   1.00 23.16 ? 40  HIS A CA  1 
ATOM   316  C  C   . HIS A 1 40  ? -6.796  7.451   5.893   1.00 20.92 ? 40  HIS A C   1 
ATOM   317  O  O   . HIS A 1 40  ? -6.980  8.628   6.207   1.00 22.31 ? 40  HIS A O   1 
ATOM   318  C  CB  . HIS A 1 40  ? -5.708  6.713   8.028   1.00 24.78 ? 40  HIS A CB  1 
ATOM   319  C  CG  . HIS A 1 40  ? -4.308  6.628   7.562   1.00 24.57 ? 40  HIS A CG  1 
ATOM   320  N  ND1 . HIS A 1 40  ? -3.557  5.468   7.656   1.00 26.15 ? 40  HIS A ND1 1 
ATOM   321  C  CD2 . HIS A 1 40  ? -3.491  7.568   7.052   1.00 27.83 ? 40  HIS A CD2 1 
ATOM   322  C  CE1 . HIS A 1 40  ? -2.335  5.709   7.237   1.00 26.63 ? 40  HIS A CE1 1 
ATOM   323  N  NE2 . HIS A 1 40  ? -2.271  6.968   6.865   1.00 27.80 ? 40  HIS A NE2 1 
ATOM   324  N  N   . ALA A 1 41  ? -6.669  7.056   4.622   1.00 19.91 ? 41  ALA A N   1 
ATOM   325  C  CA  . ALA A 1 41  ? -6.847  7.986   3.514   1.00 19.41 ? 41  ALA A CA  1 
ATOM   326  C  C   . ALA A 1 41  ? -8.365  8.362   3.430   1.00 20.85 ? 41  ALA A C   1 
ATOM   327  O  O   . ALA A 1 41  ? -8.735  9.401   2.884   1.00 19.68 ? 41  ALA A O   1 
ATOM   328  C  CB  . ALA A 1 41  ? -6.407  7.340   2.233   1.00 21.29 ? 41  ALA A CB  1 
ATOM   329  N  N   . LYS A 1 42  ? -9.204  7.515   4.022   1.00 21.86 ? 42  LYS A N   1 
ATOM   330  C  CA  . LYS A 1 42  ? -10.690 7.698   4.073   1.00 23.35 ? 42  LYS A CA  1 
ATOM   331  C  C   . LYS A 1 42  ? -11.251 8.267   2.796   1.00 24.61 ? 42  LYS A C   1 
ATOM   332  O  O   . LYS A 1 42  ? -11.818 9.394   2.770   1.00 25.82 ? 42  LYS A O   1 
ATOM   333  C  CB  . LYS A 1 42  ? -11.063 8.579   5.279   1.00 24.28 ? 42  LYS A CB  1 
ATOM   334  C  CG  . LYS A 1 42  ? -10.410 8.167   6.614   1.00 24.85 ? 42  LYS A CG  1 
ATOM   335  C  CD  . LYS A 1 42  ? -10.579 9.286   7.670   1.00 24.88 ? 42  LYS A CD  1 
ATOM   336  C  CE  . LYS A 1 42  ? -9.700  9.165   8.897   1.00 27.25 ? 42  LYS A CE  1 
ATOM   337  N  NZ  . LYS A 1 42  ? -10.233 8.140   9.867   1.00 25.81 ? 42  LYS A NZ  1 
ATOM   338  N  N   . PRO A 1 43  ? -11.063 7.542   1.691   1.00 25.45 ? 43  PRO A N   1 
ATOM   339  C  CA  . PRO A 1 43  ? -11.564 8.001   0.391   1.00 25.86 ? 43  PRO A CA  1 
ATOM   340  C  C   . PRO A 1 43  ? -13.069 8.192   0.418   1.00 28.44 ? 43  PRO A C   1 
ATOM   341  O  O   . PRO A 1 43  ? -13.767 7.452   1.089   1.00 27.76 ? 43  PRO A O   1 
ATOM   342  C  CB  . PRO A 1 43  ? -11.156 6.886   -0.554  1.00 27.16 ? 43  PRO A CB  1 
ATOM   343  C  CG  . PRO A 1 43  ? -11.019 5.702   0.345   1.00 24.28 ? 43  PRO A CG  1 
ATOM   344  C  CD  . PRO A 1 43  ? -10.319 6.289   1.534   1.00 25.83 ? 43  PRO A CD  1 
ATOM   345  N  N   . GLY A 1 44  ? -13.528 9.219   -0.272  1.00 29.48 ? 44  GLY A N   1 
ATOM   346  C  CA  . GLY A 1 44  ? -14.954 9.487   -0.348  1.00 32.16 ? 44  GLY A CA  1 
ATOM   347  C  C   . GLY A 1 44  ? -15.507 8.954   -1.646  1.00 34.07 ? 44  GLY A C   1 
ATOM   348  O  O   . GLY A 1 44  ? -14.832 8.175   -2.357  1.00 33.60 ? 44  GLY A O   1 
ATOM   349  N  N   . PRO A 1 45  ? -16.749 9.373   -2.007  1.00 34.38 ? 45  PRO A N   1 
ATOM   350  C  CA  . PRO A 1 45  ? -17.368 8.907   -3.243  1.00 34.64 ? 45  PRO A CA  1 
ATOM   351  C  C   . PRO A 1 45  ? -16.528 9.227   -4.491  1.00 33.82 ? 45  PRO A C   1 
ATOM   352  O  O   . PRO A 1 45  ? -16.720 8.619   -5.533  1.00 35.10 ? 45  PRO A O   1 
ATOM   353  C  CB  . PRO A 1 45  ? -18.773 9.565   -3.201  1.00 34.49 ? 45  PRO A CB  1 
ATOM   354  C  CG  . PRO A 1 45  ? -18.564 10.792  -2.396  1.00 34.44 ? 45  PRO A CG  1 
ATOM   355  C  CD  . PRO A 1 45  ? -17.627 10.318  -1.293  1.00 34.17 ? 45  PRO A CD  1 
ATOM   356  N  N   . THR A 1 46  ? -15.616 10.188  -4.384  1.00 34.49 ? 46  THR A N   1 
ATOM   357  C  CA  . THR A 1 46  ? -14.701 10.485  -5.476  1.00 34.10 ? 46  THR A CA  1 
ATOM   358  C  C   . THR A 1 46  ? -13.308 10.791  -4.885  1.00 32.84 ? 46  THR A C   1 
ATOM   359  O  O   . THR A 1 46  ? -13.196 11.273  -3.772  1.00 31.66 ? 46  THR A O   1 
ATOM   360  C  CB  . THR A 1 46  ? -15.153 11.694  -6.353  1.00 35.85 ? 46  THR A CB  1 
ATOM   361  O  OG1 . THR A 1 46  ? -15.232 12.874  -5.554  1.00 37.92 ? 46  THR A OG1 1 
ATOM   362  C  CG2 . THR A 1 46  ? -16.505 11.418  -6.991  1.00 36.00 ? 46  THR A CG2 1 
ATOM   363  N  N   . ILE A 1 47  ? -12.247 10.493  -5.624  1.00 30.60 ? 47  ILE A N   1 
ATOM   364  C  CA  . ILE A 1 47  ? -10.901 10.787  -5.143  1.00 29.20 ? 47  ILE A CA  1 
ATOM   365  C  C   . ILE A 1 47  ? -10.203 11.503  -6.299  1.00 29.10 ? 47  ILE A C   1 
ATOM   366  O  O   . ILE A 1 47  ? -10.690 11.472  -7.427  1.00 31.95 ? 47  ILE A O   1 
ATOM   367  C  CB  . ILE A 1 47  ? -10.099 9.484   -4.849  1.00 30.43 ? 47  ILE A CB  1 
ATOM   368  C  CG1 . ILE A 1 47  ? -9.953  8.642   -6.118  1.00 30.90 ? 47  ILE A CG1 1 
ATOM   369  C  CG2 . ILE A 1 47  ? -10.812 8.609   -3.754  1.00 31.04 ? 47  ILE A CG2 1 
ATOM   370  C  CD1 . ILE A 1 47  ? -9.075  7.394   -5.917  1.00 27.91 ? 47  ILE A CD1 1 
ATOM   371  N  N   . LEU A 1 48  ? -9.100  12.179  -6.058  1.00 28.76 ? 48  LEU A N   1 
ATOM   372  C  CA  . LEU A 1 48  ? -8.400  12.751  -7.187  1.00 29.68 ? 48  LEU A CA  1 
ATOM   373  C  C   . LEU A 1 48  ? -7.351  11.706  -7.525  1.00 28.96 ? 48  LEU A C   1 
ATOM   374  O  O   . LEU A 1 48  ? -6.521  11.424  -6.683  1.00 28.53 ? 48  LEU A O   1 
ATOM   375  C  CB  . LEU A 1 48  ? -7.719  14.073  -6.839  1.00 32.48 ? 48  LEU A CB  1 
ATOM   376  C  CG  . LEU A 1 48  ? -8.716  15.245  -6.768  1.00 35.04 ? 48  LEU A CG  1 
ATOM   377  C  CD1 . LEU A 1 48  ? -8.059  16.454  -6.078  1.00 37.18 ? 48  LEU A CD1 1 
ATOM   378  C  CD2 . LEU A 1 48  ? -9.215  15.578  -8.185  1.00 35.69 ? 48  LEU A CD2 1 
ATOM   379  N  N   . MET A 1 49  ? -7.411  11.099  -8.716  1.00 27.06 ? 49  MET A N   1 
ATOM   380  C  CA  . MET A 1 49  ? -6.381  10.118  -9.087  1.00 28.45 ? 49  MET A CA  1 
ATOM   381  C  C   . MET A 1 49  ? -5.575  10.765  -10.205 1.00 28.93 ? 49  MET A C   1 
ATOM   382  O  O   . MET A 1 49  ? -6.109  11.031  -11.284 1.00 28.54 ? 49  MET A O   1 
ATOM   383  C  CB  . MET A 1 49  ? -7.007  8.816   -9.582  1.00 27.39 ? 49  MET A CB  1 
ATOM   384  C  CG  . MET A 1 49  ? -5.990  7.775   -9.950  1.00 27.65 ? 49  MET A CG  1 
ATOM   385  S  SD  . MET A 1 49  ? -6.917  6.442   -10.601 1.00 28.34 ? 49  MET A SD  1 
ATOM   386  C  CE  . MET A 1 49  ? -5.685  5.347   -11.249 1.00 30.77 ? 49  MET A CE  1 
ATOM   387  N  N   . ASN A 1 50  ? -4.305  11.016  -9.946  1.00 30.63 ? 50  ASN A N   1 
ATOM   388  C  CA  . ASN A 1 50  ? -3.462  11.699  -10.915 1.00 34.34 ? 50  ASN A CA  1 
ATOM   389  C  C   . ASN A 1 50  ? -4.138  12.994  -11.320 1.00 37.21 ? 50  ASN A C   1 
ATOM   390  O  O   . ASN A 1 50  ? -4.248  13.305  -12.508 1.00 38.15 ? 50  ASN A O   1 
ATOM   391  C  CB  . ASN A 1 50  ? -3.200  10.796  -12.134 1.00 33.08 ? 50  ASN A CB  1 
ATOM   392  C  CG  . ASN A 1 50  ? -2.294  9.642   -11.781 1.00 32.39 ? 50  ASN A CG  1 
ATOM   393  O  OD1 . ASN A 1 50  ? -1.614  9.666   -10.735 1.00 30.33 ? 50  ASN A OD1 1 
ATOM   394  N  ND2 . ASN A 1 50  ? -2.270  8.622   -12.631 1.00 32.94 ? 50  ASN A ND2 1 
ATOM   395  N  N   . ASP A 1 51  ? -4.605  13.749  -10.324 1.00 38.72 ? 51  ASP A N   1 
ATOM   396  C  CA  . ASP A 1 51  ? -5.264  15.037  -10.563 1.00 41.51 ? 51  ASP A CA  1 
ATOM   397  C  C   . ASP A 1 51  ? -6.646  14.955  -11.119 1.00 41.10 ? 51  ASP A C   1 
ATOM   398  O  O   . ASP A 1 51  ? -7.301  15.980  -11.301 1.00 43.13 ? 51  ASP A O   1 
ATOM   399  C  CB  . ASP A 1 51  ? -4.513  15.873  -11.575 1.00 43.69 ? 51  ASP A CB  1 
ATOM   400  C  CG  . ASP A 1 51  ? -3.489  16.755  -10.960 1.00 45.85 ? 51  ASP A CG  1 
ATOM   401  O  OD1 . ASP A 1 51  ? -3.255  16.656  -9.739  1.00 46.41 ? 51  ASP A OD1 1 
ATOM   402  O  OD2 . ASP A 1 51  ? -2.925  17.558  -11.729 1.00 48.39 ? 51  ASP A OD2 1 
ATOM   403  N  N   . GLN A 1 52  ? -7.119  13.786  -11.459 1.00 41.05 ? 52  GLN A N   1 
ATOM   404  C  CA  . GLN A 1 52  ? -8.454  13.826  -11.990 1.00 42.33 ? 52  GLN A CA  1 
ATOM   405  C  C   . GLN A 1 52  ? -9.457  13.124  -11.172 1.00 42.19 ? 52  GLN A C   1 
ATOM   406  O  O   . GLN A 1 52  ? -9.180  12.093  -10.566 1.00 40.92 ? 52  GLN A O   1 
ATOM   407  C  CB  . GLN A 1 52  ? -8.528  13.319  -13.420 1.00 43.33 ? 52  GLN A CB  1 
ATOM   408  C  CG  . GLN A 1 52  ? -7.540  12.305  -13.783 1.00 46.05 ? 52  GLN A CG  1 
ATOM   409  C  CD  . GLN A 1 52  ? -7.860  11.780  -15.137 1.00 46.86 ? 52  GLN A CD  1 
ATOM   410  O  OE1 . GLN A 1 52  ? -7.184  10.906  -15.645 1.00 47.70 ? 52  GLN A OE1 1 
ATOM   411  N  NE2 . GLN A 1 52  ? -8.932  12.310  -15.739 1.00 49.44 ? 52  GLN A NE2 1 
ATOM   412  N  N   . GLU A 1 53  ? -10.649 13.696  -11.166 1.00 41.81 ? 53  GLU A N   1 
ATOM   413  C  CA  . GLU A 1 53  ? -11.721 13.109  -10.407 1.00 42.46 ? 53  GLU A CA  1 
ATOM   414  C  C   . GLU A 1 53  ? -12.124 11.768  -10.959 1.00 40.97 ? 53  GLU A C   1 
ATOM   415  O  O   . GLU A 1 53  ? -12.470 11.623  -12.134 1.00 40.31 ? 53  GLU A O   1 
ATOM   416  C  CB  . GLU A 1 53  ? -12.929 14.018  -10.385 1.00 44.29 ? 53  GLU A CB  1 
ATOM   417  C  CG  . GLU A 1 53  ? -12.663 15.302  -9.643  1.00 50.16 ? 53  GLU A CG  1 
ATOM   418  C  CD  . GLU A 1 53  ? -13.836 16.261  -9.708  1.00 51.64 ? 53  GLU A CD  1 
ATOM   419  O  OE1 . GLU A 1 53  ? -14.950 15.889  -9.253  1.00 52.06 ? 53  GLU A OE1 1 
ATOM   420  O  OE2 . GLU A 1 53  ? -13.626 17.387  -10.219 1.00 54.75 ? 53  GLU A OE2 1 
ATOM   421  N  N   . VAL A 1 54  ? -12.090 10.784  -10.073 1.00 38.02 ? 54  VAL A N   1 
ATOM   422  C  CA  . VAL A 1 54  ? -12.456 9.443   -10.408 1.00 36.39 ? 54  VAL A CA  1 
ATOM   423  C  C   . VAL A 1 54  ? -13.438 8.999   -9.357  1.00 35.45 ? 54  VAL A C   1 
ATOM   424  O  O   . VAL A 1 54  ? -13.194 9.128   -8.157  1.00 34.51 ? 54  VAL A O   1 
ATOM   425  C  CB  . VAL A 1 54  ? -11.210 8.495   -10.422 1.00 34.91 ? 54  VAL A CB  1 
ATOM   426  C  CG1 . VAL A 1 54  ? -11.647 7.059   -10.617 1.00 33.27 ? 54  VAL A CG1 1 
ATOM   427  C  CG2 . VAL A 1 54  ? -10.243 8.937   -11.519 1.00 34.97 ? 54  VAL A CG2 1 
ATOM   428  N  N   . GLY A 1 55  ? -14.560 8.472   -9.801  1.00 34.58 ? 55  GLY A N   1 
ATOM   429  C  CA  . GLY A 1 55  ? -15.539 8.039   -8.838  1.00 34.84 ? 55  GLY A CA  1 
ATOM   430  C  C   . GLY A 1 55  ? -15.080 6.760   -8.218  1.00 35.81 ? 55  GLY A C   1 
ATOM   431  O  O   . GLY A 1 55  ? -14.307 6.004   -8.832  1.00 35.72 ? 55  GLY A O   1 
ATOM   432  N  N   . VAL A 1 56  ? -15.526 6.521   -6.991  1.00 35.32 ? 56  VAL A N   1 
ATOM   433  C  CA  . VAL A 1 56  ? -15.213 5.284   -6.309  1.00 35.88 ? 56  VAL A CA  1 
ATOM   434  C  C   . VAL A 1 56  ? -16.538 4.572   -6.356  1.00 37.18 ? 56  VAL A C   1 
ATOM   435  O  O   . VAL A 1 56  ? -17.556 5.143   -5.935  1.00 38.29 ? 56  VAL A O   1 
ATOM   436  C  CB  . VAL A 1 56  ? -14.808 5.526   -4.848  1.00 33.94 ? 56  VAL A CB  1 
ATOM   437  C  CG1 . VAL A 1 56  ? -14.759 4.203   -4.074  1.00 32.68 ? 56  VAL A CG1 1 
ATOM   438  C  CG2 . VAL A 1 56  ? -13.462 6.272   -4.822  1.00 31.56 ? 56  VAL A CG2 1 
ATOM   439  N  N   . LEU A 1 57  ? -16.564 3.355   -6.880  1.00 38.49 ? 57  LEU A N   1 
ATOM   440  C  CA  . LEU A 1 57  ? -17.814 2.623   -6.953  1.00 39.83 ? 57  LEU A CA  1 
ATOM   441  C  C   . LEU A 1 57  ? -18.068 1.809   -5.695  1.00 40.18 ? 57  LEU A C   1 
ATOM   442  O  O   . LEU A 1 57  ? -19.205 1.529   -5.335  1.00 40.52 ? 57  LEU A O   1 
ATOM   443  C  CB  . LEU A 1 57  ? -17.824 1.683   -8.149  1.00 40.03 ? 57  LEU A CB  1 
ATOM   444  C  CG  . LEU A 1 57  ? -17.623 2.349   -9.499  1.00 41.33 ? 57  LEU A CG  1 
ATOM   445  C  CD1 . LEU A 1 57  ? -17.793 1.330   -10.578 1.00 41.62 ? 57  LEU A CD1 1 
ATOM   446  C  CD2 . LEU A 1 57  ? -18.623 3.482   -9.663  1.00 41.46 ? 57  LEU A CD2 1 
ATOM   447  N  N   . ASP A 1 58  ? -16.997 1.396   -5.032  1.00 38.97 ? 58  ASP A N   1 
ATOM   448  C  CA  . ASP A 1 58  ? -17.168 0.599   -3.838  1.00 38.67 ? 58  ASP A CA  1 
ATOM   449  C  C   . ASP A 1 58  ? -15.868 0.679   -3.084  1.00 37.31 ? 58  ASP A C   1 
ATOM   450  O  O   . ASP A 1 58  ? -14.814 0.787   -3.690  1.00 35.71 ? 58  ASP A O   1 
ATOM   451  C  CB  . ASP A 1 58  ? -17.496 -0.846  -4.214  1.00 39.61 ? 58  ASP A CB  1 
ATOM   452  C  CG  . ASP A 1 58  ? -17.904 -1.678  -3.017  1.00 41.07 ? 58  ASP A CG  1 
ATOM   453  O  OD1 . ASP A 1 58  ? -18.468 -1.103  -2.071  1.00 42.69 ? 58  ASP A OD1 1 
ATOM   454  O  OD2 . ASP A 1 58  ? -17.663 -2.904  -3.032  1.00 41.95 ? 58  ASP A OD2 1 
ATOM   455  N  N   . ALA A 1 59  ? -15.962 0.681   -1.766  1.00 35.54 ? 59  ALA A N   1 
ATOM   456  C  CA  . ALA A 1 59  ? -14.788 0.758   -0.936  1.00 34.79 ? 59  ALA A CA  1 
ATOM   457  C  C   . ALA A 1 59  ? -14.980 -0.174  0.231   1.00 35.70 ? 59  ALA A C   1 
ATOM   458  O  O   . ALA A 1 59  ? -16.057 -0.226  0.842   1.00 37.30 ? 59  ALA A O   1 
ATOM   459  C  CB  . ALA A 1 59  ? -14.570 2.157   -0.441  1.00 34.01 ? 59  ALA A CB  1 
ATOM   460  N  N   . LYS A 1 60  ? -13.937 -0.914  0.564   1.00 33.92 ? 60  LYS A N   1 
ATOM   461  C  CA  . LYS A 1 60  ? -14.042 -1.847  1.662   1.00 32.12 ? 60  LYS A CA  1 
ATOM   462  C  C   . LYS A 1 60  ? -12.868 -1.764  2.606   1.00 30.35 ? 60  LYS A C   1 
ATOM   463  O  O   . LYS A 1 60  ? -11.749 -1.959  2.155   1.00 25.78 ? 60  LYS A O   1 
ATOM   464  C  CB  . LYS A 1 60  ? -14.140 -3.262  1.112   1.00 34.88 ? 60  LYS A CB  1 
ATOM   465  C  CG  . LYS A 1 60  ? -15.523 -3.612  0.585   1.00 40.04 ? 60  LYS A CG  1 
ATOM   466  C  CD  . LYS A 1 60  ? -15.485 -4.924  -0.190  1.00 42.29 ? 60  LYS A CD  1 
ATOM   467  C  CE  . LYS A 1 60  ? -14.501 -4.835  -1.350  1.00 43.33 ? 60  LYS A CE  1 
ATOM   468  N  NZ  . LYS A 1 60  ? -14.438 -6.105  -2.093  1.00 46.34 ? 60  LYS A NZ  1 
ATOM   469  N  N   . GLU A 1 61  ? -13.134 -1.490  3.894   1.00 27.56 ? 61  GLU A N   1 
ATOM   470  C  CA  . GLU A 1 61  ? -12.081 -1.393  4.911   1.00 27.84 ? 61  GLU A CA  1 
ATOM   471  C  C   . GLU A 1 61  ? -11.859 -2.787  5.398   1.00 28.83 ? 61  GLU A C   1 
ATOM   472  O  O   . GLU A 1 61  ? -12.751 -3.420  6.008   1.00 28.75 ? 61  GLU A O   1 
ATOM   473  C  CB  . GLU A 1 61  ? -12.471 -0.428  6.033   1.00 29.35 ? 61  GLU A CB  1 
ATOM   474  C  CG  . GLU A 1 61  ? -12.784 0.975   5.445   1.00 32.68 ? 61  GLU A CG  1 
ATOM   475  C  CD  . GLU A 1 61  ? -12.918 2.065   6.496   1.00 35.74 ? 61  GLU A CD  1 
ATOM   476  O  OE1 . GLU A 1 61  ? -13.235 1.737   7.644   1.00 38.53 ? 61  GLU A OE1 1 
ATOM   477  O  OE2 . GLU A 1 61  ? -12.713 3.255   6.174   1.00 35.44 ? 61  GLU A OE2 1 
ATOM   478  N  N   . LEU A 1 62  ? -10.685 -3.319  5.069   1.00 26.77 ? 62  LEU A N   1 
ATOM   479  C  CA  . LEU A 1 62  ? -10.372 -4.688  5.424   1.00 24.61 ? 62  LEU A CA  1 
ATOM   480  C  C   . LEU A 1 62  ? -10.147 -4.966  6.887   1.00 24.30 ? 62  LEU A C   1 
ATOM   481  O  O   . LEU A 1 62  ? -9.480  -4.217  7.574   1.00 25.18 ? 62  LEU A O   1 
ATOM   482  C  CB  . LEU A 1 62  ? -9.130  -5.162  4.696   1.00 21.94 ? 62  LEU A CB  1 
ATOM   483  C  CG  . LEU A 1 62  ? -9.294  -5.815  3.330   1.00 25.95 ? 62  LEU A CG  1 
ATOM   484  C  CD1 . LEU A 1 62  ? -10.517 -5.354  2.631   1.00 22.44 ? 62  LEU A CD1 1 
ATOM   485  C  CD2 . LEU A 1 62  ? -8.021  -5.641  2.558   1.00 22.57 ? 62  LEU A CD2 1 
ATOM   486  N  N   . VAL A 1 63  ? -10.724 -6.071  7.342   1.00 24.78 ? 63  VAL A N   1 
ATOM   487  C  CA  . VAL A 1 63  ? -10.552 -6.479  8.714   1.00 23.83 ? 63  VAL A CA  1 
ATOM   488  C  C   . VAL A 1 63  ? -10.296 -7.973  8.818   1.00 23.12 ? 63  VAL A C   1 
ATOM   489  O  O   . VAL A 1 63  ? -10.628 -8.691  7.905   1.00 23.70 ? 63  VAL A O   1 
ATOM   490  C  CB  . VAL A 1 63  ? -11.753 -6.056  9.553   1.00 26.41 ? 63  VAL A CB  1 
ATOM   491  C  CG1 . VAL A 1 63  ? -12.966 -6.818  9.211   1.00 25.54 ? 63  VAL A CG1 1 
ATOM   492  C  CG2 . VAL A 1 63  ? -11.397 -6.247  10.901  1.00 29.97 ? 63  VAL A CG2 1 
ATOM   493  N  N   . ASP A 1 64  ? -9.703  -8.472  9.908   1.00 24.47 ? 64  ASP A N   1 
ATOM   494  C  CA  . ASP A 1 64  ? -9.484  -9.920  9.981   1.00 24.74 ? 64  ASP A CA  1 
ATOM   495  C  C   . ASP A 1 64  ? -10.725 -10.647 10.509  1.00 25.26 ? 64  ASP A C   1 
ATOM   496  O  O   . ASP A 1 64  ? -11.778 -10.049 10.621  1.00 26.42 ? 64  ASP A O   1 
ATOM   497  C  CB  . ASP A 1 64  ? -8.231  -10.273 10.806  1.00 25.21 ? 64  ASP A CB  1 
ATOM   498  C  CG  . ASP A 1 64  ? -8.373  -10.002 12.279  1.00 29.06 ? 64  ASP A CG  1 
ATOM   499  O  OD1 . ASP A 1 64  ? -7.321  -10.098 12.975  1.00 30.86 ? 64  ASP A OD1 1 
ATOM   500  O  OD2 . ASP A 1 64  ? -9.484  -9.688  12.765  1.00 27.67 ? 64  ASP A OD2 1 
ATOM   501  N  N   . LYS A 1 65  ? -10.594 -11.924 10.826  1.00 27.07 ? 65  LYS A N   1 
ATOM   502  C  CA  . LYS A 1 65  ? -11.740 -12.705 11.264  1.00 28.35 ? 65  LYS A CA  1 
ATOM   503  C  C   . LYS A 1 65  ? -12.331 -12.284 12.604  1.00 29.61 ? 65  LYS A C   1 
ATOM   504  O  O   . LYS A 1 65  ? -13.511 -12.547 12.892  1.00 30.36 ? 65  LYS A O   1 
ATOM   505  C  CB  . LYS A 1 65  ? -11.376 -14.184 11.230  1.00 28.14 ? 65  LYS A CB  1 
ATOM   506  C  CG  . LYS A 1 65  ? -11.060 -14.676 9.817   1.00 31.04 ? 65  LYS A CG  1 
ATOM   507  C  CD  . LYS A 1 65  ? -9.972  -13.793 9.066   1.00 33.96 ? 65  LYS A CD  1 
ATOM   508  C  CE  . LYS A 1 65  ? -8.446  -13.941 9.537   1.00 32.70 ? 65  LYS A CE  1 
ATOM   509  N  NZ  . LYS A 1 65  ? -8.103  -13.705 10.954  1.00 30.13 ? 65  LYS A NZ  1 
ATOM   510  N  N   . ASP A 1 66  ? -11.542 -11.555 13.385  1.00 29.36 ? 66  ASP A N   1 
ATOM   511  C  CA  . ASP A 1 66  ? -11.988 -11.037 14.661  1.00 30.01 ? 66  ASP A CA  1 
ATOM   512  C  C   . ASP A 1 66  ? -12.539 -9.646  14.496  1.00 31.07 ? 66  ASP A C   1 
ATOM   513  O  O   . ASP A 1 66  ? -13.074 -9.088  15.453  1.00 32.25 ? 66  ASP A O   1 
ATOM   514  C  CB  . ASP A 1 66  ? -10.865 -10.954 15.670  1.00 28.54 ? 66  ASP A CB  1 
ATOM   515  C  CG  . ASP A 1 66  ? -10.325 -12.300 16.049  1.00 30.04 ? 66  ASP A CG  1 
ATOM   516  O  OD1 . ASP A 1 66  ? -11.084 -13.316 15.993  1.00 30.08 ? 66  ASP A OD1 1 
ATOM   517  O  OD2 . ASP A 1 66  ? -9.132  -12.339 16.402  1.00 31.99 ? 66  ASP A OD2 1 
ATOM   518  N  N   . GLY A 1 67  ? -12.406 -9.060  13.306  1.00 27.96 ? 67  GLY A N   1 
ATOM   519  C  CA  . GLY A 1 67  ? -12.896 -7.714  13.147  1.00 30.89 ? 67  GLY A CA  1 
ATOM   520  C  C   . GLY A 1 67  ? -11.769 -6.721  13.421  1.00 29.97 ? 67  GLY A C   1 
ATOM   521  O  O   . GLY A 1 67  ? -11.966 -5.502  13.419  1.00 32.34 ? 67  GLY A O   1 
ATOM   522  N  N   . THR A 1 68  ? -10.561 -7.229  13.590  1.00 31.75 ? 68  THR A N   1 
ATOM   523  C  CA  . THR A 1 68  ? -9.427  -6.351  13.860  1.00 29.72 ? 68  THR A CA  1 
ATOM   524  C  C   . THR A 1 68  ? -8.942  -5.635  12.586  1.00 30.17 ? 68  THR A C   1 
ATOM   525  O  O   . THR A 1 68  ? -8.828  -6.211  11.515  1.00 29.67 ? 68  THR A O   1 
ATOM   526  C  CB  . THR A 1 68  ? -8.287  -7.129  14.449  1.00 32.36 ? 68  THR A CB  1 
ATOM   527  O  OG1 . THR A 1 68  ? -8.759  -7.805  15.624  1.00 33.57 ? 68  THR A OG1 1 
ATOM   528  C  CG2 . THR A 1 68  ? -7.119  -6.201  14.829  1.00 32.27 ? 68  THR A CG2 1 
ATOM   529  N  N   . ASN A 1 69  ? -8.645  -4.361  12.749  1.00 28.97 ? 69  ASN A N   1 
ATOM   530  C  CA  . ASN A 1 69  ? -8.163  -3.522  11.669  1.00 26.77 ? 69  ASN A CA  1 
ATOM   531  C  C   . ASN A 1 69  ? -6.970  -4.067  10.917  1.00 24.12 ? 69  ASN A C   1 
ATOM   532  O  O   . ASN A 1 69  ? -6.032  -4.577  11.504  1.00 25.33 ? 69  ASN A O   1 
ATOM   533  C  CB  . ASN A 1 69  ? -7.816  -2.154  12.278  1.00 28.12 ? 69  ASN A CB  1 
ATOM   534  C  CG  . ASN A 1 69  ? -7.289  -1.187  11.276  1.00 26.58 ? 69  ASN A CG  1 
ATOM   535  O  OD1 . ASN A 1 69  ? -6.236  -0.595  11.475  1.00 28.13 ? 69  ASN A OD1 1 
ATOM   536  N  ND2 . ASN A 1 69  ? -8.021  -0.996  10.219  1.00 20.46 ? 69  ASN A ND2 1 
ATOM   537  N  N   . LEU A 1 70  ? -6.988  -3.935  9.595   1.00 24.10 ? 70  LEU A N   1 
ATOM   538  C  CA  . LEU A 1 70  ? -5.814  -4.346  8.837   1.00 21.85 ? 70  LEU A CA  1 
ATOM   539  C  C   . LEU A 1 70  ? -5.246  -3.083  8.198   1.00 20.65 ? 70  LEU A C   1 
ATOM   540  O  O   . LEU A 1 70  ? -4.170  -3.102  7.595   1.00 20.34 ? 70  LEU A O   1 
ATOM   541  C  CB  . LEU A 1 70  ? -6.142  -5.388  7.796   1.00 20.85 ? 70  LEU A CB  1 
ATOM   542  C  CG  . LEU A 1 70  ? -6.625  -6.691  8.411   1.00 23.11 ? 70  LEU A CG  1 
ATOM   543  C  CD1 . LEU A 1 70  ? -7.046  -7.651  7.315   1.00 22.01 ? 70  LEU A CD1 1 
ATOM   544  C  CD2 . LEU A 1 70  ? -5.510  -7.248  9.214   1.00 22.73 ? 70  LEU A CD2 1 
ATOM   545  N  N   . GLU A 1 71  ? -5.974  -1.977  8.334   1.00 20.46 ? 71  GLU A N   1 
ATOM   546  C  CA  . GLU A 1 71  ? -5.489  -0.666  7.818   1.00 22.09 ? 71  GLU A CA  1 
ATOM   547  C  C   . GLU A 1 71  ? -5.394  -0.570  6.313   1.00 22.03 ? 71  GLU A C   1 
ATOM   548  O  O   . GLU A 1 71  ? -4.593  0.182   5.772   1.00 23.01 ? 71  GLU A O   1 
ATOM   549  C  CB  . GLU A 1 71  ? -4.119  -0.314  8.432   1.00 21.93 ? 71  GLU A CB  1 
ATOM   550  C  CG  . GLU A 1 71  ? -3.758  1.216   8.461   1.00 25.29 ? 71  GLU A CG  1 
ATOM   551  C  CD  . GLU A 1 71  ? -4.860  2.154   8.999   1.00 30.74 ? 71  GLU A CD  1 
ATOM   552  O  OE1 . GLU A 1 71  ? -5.624  1.773   9.942   1.00 27.93 ? 71  GLU A OE1 1 
ATOM   553  O  OE2 . GLU A 1 71  ? -4.943  3.305   8.477   1.00 30.86 ? 71  GLU A OE2 1 
ATOM   554  N  N   . LEU A 1 72  ? -6.258  -1.278  5.622   1.00 22.98 ? 72  LEU A N   1 
ATOM   555  C  CA  . LEU A 1 72  ? -6.264  -1.224  4.182   1.00 20.16 ? 72  LEU A CA  1 
ATOM   556  C  C   . LEU A 1 72  ? -7.690  -0.986  3.735   1.00 21.93 ? 72  LEU A C   1 
ATOM   557  O  O   . LEU A 1 72  ? -8.617  -1.512  4.310   1.00 20.23 ? 72  LEU A O   1 
ATOM   558  C  CB  . LEU A 1 72  ? -5.811  -2.569  3.598   1.00 19.82 ? 72  LEU A CB  1 
ATOM   559  C  CG  . LEU A 1 72  ? -4.320  -2.983  3.722   1.00 20.29 ? 72  LEU A CG  1 
ATOM   560  C  CD1 . LEU A 1 72  ? -4.199  -4.457  3.302   1.00 21.37 ? 72  LEU A CD1 1 
ATOM   561  C  CD2 . LEU A 1 72  ? -3.479  -2.132  2.852   1.00 20.97 ? 72  LEU A CD2 1 
ATOM   562  N  N   . THR A 1 73  ? -7.855  -0.191  2.694   1.00 21.56 ? 73  THR A N   1 
ATOM   563  C  CA  . THR A 1 73  ? -9.152  0.006   2.104   1.00 22.27 ? 73  THR A CA  1 
ATOM   564  C  C   . THR A 1 73  ? -9.019  -0.390  0.659   1.00 22.40 ? 73  THR A C   1 
ATOM   565  O  O   . THR A 1 73  ? -8.137  0.124   -0.014  1.00 18.58 ? 73  THR A O   1 
ATOM   566  C  CB  . THR A 1 73  ? -9.554  1.462   2.181   1.00 24.63 ? 73  THR A CB  1 
ATOM   567  O  OG1 . THR A 1 73  ? -9.771  1.763   3.562   1.00 25.20 ? 73  THR A OG1 1 
ATOM   568  C  CG2 . THR A 1 73  ? -10.829 1.751   1.325   1.00 25.54 ? 73  THR A CG2 1 
ATOM   569  N  N   . LEU A 1 74  ? -9.896  -1.304  0.189   1.00 22.29 ? 74  LEU A N   1 
ATOM   570  C  CA  . LEU A 1 74  ? -9.923  -1.722  -1.207  1.00 23.83 ? 74  LEU A CA  1 
ATOM   571  C  C   . LEU A 1 74  ? -10.992 -0.839  -1.839  1.00 25.39 ? 74  LEU A C   1 
ATOM   572  O  O   . LEU A 1 74  ? -12.066 -0.671  -1.279  1.00 25.73 ? 74  LEU A O   1 
ATOM   573  C  CB  . LEU A 1 74  ? -10.347 -3.185  -1.358  1.00 27.94 ? 74  LEU A CB  1 
ATOM   574  C  CG  . LEU A 1 74  ? -9.233  -4.218  -1.379  1.00 32.81 ? 74  LEU A CG  1 
ATOM   575  C  CD1 . LEU A 1 74  ? -8.189  -3.820  -0.361  1.00 34.32 ? 74  LEU A CD1 1 
ATOM   576  C  CD2 . LEU A 1 74  ? -9.819  -5.620  -1.150  1.00 32.07 ? 74  LEU A CD2 1 
ATOM   577  N  N   . LEU A 1 75  ? -10.660 -0.310  -3.010  1.00 25.71 ? 75  LEU A N   1 
ATOM   578  C  CA  . LEU A 1 75  ? -11.521 0.588   -3.793  1.00 28.98 ? 75  LEU A CA  1 
ATOM   579  C  C   . LEU A 1 75  ? -11.775 0.069   -5.195  1.00 27.83 ? 75  LEU A C   1 
ATOM   580  O  O   . LEU A 1 75  ? -10.852 -0.450  -5.824  1.00 28.79 ? 75  LEU A O   1 
ATOM   581  C  CB  . LEU A 1 75  ? -10.818 1.928   -3.995  1.00 27.97 ? 75  LEU A CB  1 
ATOM   582  C  CG  . LEU A 1 75  ? -10.510 2.861   -2.873  1.00 31.16 ? 75  LEU A CG  1 
ATOM   583  C  CD1 . LEU A 1 75  ? -10.059 4.211   -3.433  1.00 27.66 ? 75  LEU A CD1 1 
ATOM   584  C  CD2 . LEU A 1 75  ? -11.810 2.983   -2.046  1.00 30.27 ? 75  LEU A CD2 1 
ATOM   585  N  N   . LYS A 1 76  ? -13.009 0.198   -5.696  1.00 29.32 ? 76  LYS A N   1 
ATOM   586  C  CA  . LYS A 1 76  ? -13.311 -0.221  -7.074  1.00 29.75 ? 76  LYS A CA  1 
ATOM   587  C  C   . LYS A 1 76  ? -13.483 1.122   -7.797  1.00 30.03 ? 76  LYS A C   1 
ATOM   588  O  O   . LYS A 1 76  ? -14.287 1.954   -7.410  1.00 31.09 ? 76  LYS A O   1 
ATOM   589  C  CB  . LYS A 1 76  ? -14.604 -1.028  -7.157  1.00 31.57 ? 76  LYS A CB  1 
ATOM   590  C  CG  . LYS A 1 76  ? -14.862 -1.697  -8.486  1.00 33.56 ? 76  LYS A CG  1 
ATOM   591  C  CD  . LYS A 1 76  ? -16.168 -2.463  -8.332  1.00 37.49 ? 76  LYS A CD  1 
ATOM   592  C  CE  . LYS A 1 76  ? -16.243 -3.725  -9.182  1.00 37.68 ? 76  LYS A CE  1 
ATOM   593  N  NZ  . LYS A 1 76  ? -17.424 -4.553  -8.651  1.00 40.67 ? 76  LYS A NZ  1 
ATOM   594  N  N   . LEU A 1 77  ? -12.723 1.332   -8.855  1.00 29.63 ? 77  LEU A N   1 
ATOM   595  C  CA  . LEU A 1 77  ? -12.732 2.613   -9.516  1.00 29.03 ? 77  LEU A CA  1 
ATOM   596  C  C   . LEU A 1 77  ? -13.571 2.708   -10.765 1.00 28.61 ? 77  LEU A C   1 
ATOM   597  O  O   . LEU A 1 77  ? -13.644 1.750   -11.516 1.00 27.47 ? 77  LEU A O   1 
ATOM   598  C  CB  . LEU A 1 77  ? -11.297 3.010   -9.858  1.00 28.19 ? 77  LEU A CB  1 
ATOM   599  C  CG  . LEU A 1 77  ? -10.295 2.963   -8.686  1.00 28.50 ? 77  LEU A CG  1 
ATOM   600  C  CD1 . LEU A 1 77  ? -8.941  3.344   -9.220  1.00 25.94 ? 77  LEU A CD1 1 
ATOM   601  C  CD2 . LEU A 1 77  ? -10.747 3.916   -7.581  1.00 26.63 ? 77  LEU A CD2 1 
ATOM   602  N  N   . ASN A 1 78  ? -14.172 3.884   -10.977 1.00 31.27 ? 78  ASN A N   1 
ATOM   603  C  CA  . ASN A 1 78  ? -15.002 4.093   -12.164 1.00 33.00 ? 78  ASN A CA  1 
ATOM   604  C  C   . ASN A 1 78  ? -14.214 4.656   -13.337 1.00 33.11 ? 78  ASN A C   1 
ATOM   605  O  O   . ASN A 1 78  ? -14.199 5.863   -13.576 1.00 33.93 ? 78  ASN A O   1 
ATOM   606  C  CB  . ASN A 1 78  ? -16.168 5.030   -11.846 1.00 34.23 ? 78  ASN A CB  1 
ATOM   607  C  CG  . ASN A 1 78  ? -17.022 5.261   -13.043 1.00 37.59 ? 78  ASN A CG  1 
ATOM   608  O  OD1 . ASN A 1 78  ? -17.416 4.319   -13.720 1.00 38.11 ? 78  ASN A OD1 1 
ATOM   609  N  ND2 . ASN A 1 78  ? -17.310 6.518   -13.323 1.00 39.24 ? 78  ASN A ND2 1 
ATOM   610  N  N   . ARG A 1 79  ? -13.525 3.778   -14.039 1.00 33.82 ? 79  ARG A N   1 
ATOM   611  C  CA  . ARG A 1 79  ? -12.762 4.195   -15.180 1.00 34.75 ? 79  ARG A CA  1 
ATOM   612  C  C   . ARG A 1 79  ? -12.599 2.993   -16.083 1.00 34.12 ? 79  ARG A C   1 
ATOM   613  O  O   . ARG A 1 79  ? -12.655 1.846   -15.652 1.00 34.49 ? 79  ARG A O   1 
ATOM   614  C  CB  . ARG A 1 79  ? -11.418 4.788   -14.728 1.00 34.90 ? 79  ARG A CB  1 
ATOM   615  C  CG  . ARG A 1 79  ? -10.479 3.796   -14.129 1.00 35.28 ? 79  ARG A CG  1 
ATOM   616  C  CD  . ARG A 1 79  ? -9.277  4.494   -13.651 1.00 36.73 ? 79  ARG A CD  1 
ATOM   617  N  NE  . ARG A 1 79  ? -8.181  3.571   -13.651 1.00 37.16 ? 79  ARG A NE  1 
ATOM   618  C  CZ  . ARG A 1 79  ? -6.971  3.857   -14.088 1.00 37.84 ? 79  ARG A CZ  1 
ATOM   619  N  NH1 . ARG A 1 79  ? -6.696  5.063   -14.560 1.00 38.04 ? 79  ARG A NH1 1 
ATOM   620  N  NH2 . ARG A 1 79  ? -6.040  2.915   -14.066 1.00 38.38 ? 79  ARG A NH2 1 
ATOM   621  N  N   . ASN A 1 80  ? -12.455 3.277   -17.360 1.00 32.06 ? 80  ASN A N   1 
ATOM   622  C  CA  . ASN A 1 80  ? -12.316 2.259   -18.352 1.00 33.22 ? 80  ASN A CA  1 
ATOM   623  C  C   . ASN A 1 80  ? -11.106 1.320   -18.246 1.00 32.33 ? 80  ASN A C   1 
ATOM   624  O  O   . ASN A 1 80  ? -11.196 0.092   -18.349 1.00 30.73 ? 80  ASN A O   1 
ATOM   625  C  CB  . ASN A 1 80  ? -12.298 2.926   -19.721 1.00 32.90 ? 80  ASN A CB  1 
ATOM   626  C  CG  . ASN A 1 80  ? -12.289 1.918   -20.796 1.00 32.15 ? 80  ASN A CG  1 
ATOM   627  O  OD1 . ASN A 1 80  ? -11.268 1.654   -21.436 1.00 33.50 ? 80  ASN A OD1 1 
ATOM   628  N  ND2 . ASN A 1 80  ? -13.433 1.295   -20.979 1.00 33.88 ? 80  ASN A ND2 1 
ATOM   629  N  N   . GLU A 1 81  ? -9.953  1.921   -18.016 1.00 32.93 ? 81  GLU A N   1 
ATOM   630  C  CA  . GLU A 1 81  ? -8.748  1.130   -17.943 1.00 34.35 ? 81  GLU A CA  1 
ATOM   631  C  C   . GLU A 1 81  ? -8.711  0.097   -16.803 1.00 33.41 ? 81  GLU A C   1 
ATOM   632  O  O   . GLU A 1 81  ? -9.146  0.365   -15.681 1.00 33.85 ? 81  GLU A O   1 
ATOM   633  C  CB  . GLU A 1 81  ? -7.549  2.064   -17.854 1.00 34.83 ? 81  GLU A CB  1 
ATOM   634  C  CG  . GLU A 1 81  ? -6.244  1.370   -18.114 1.00 38.60 ? 81  GLU A CG  1 
ATOM   635  C  CD  . GLU A 1 81  ? -5.142  2.362   -18.345 1.00 40.82 ? 81  GLU A CD  1 
ATOM   636  O  OE1 . GLU A 1 81  ? -5.369  3.302   -19.155 1.00 42.40 ? 81  GLU A OE1 1 
ATOM   637  O  OE2 . GLU A 1 81  ? -4.063  2.211   -17.732 1.00 40.95 ? 81  GLU A OE2 1 
ATOM   638  N  N   . LYS A 1 82  ? -8.211  -1.081  -17.135 1.00 33.37 ? 82  LYS A N   1 
ATOM   639  C  CA  . LYS A 1 82  ? -8.037  -2.183  -16.188 1.00 33.62 ? 82  LYS A CA  1 
ATOM   640  C  C   . LYS A 1 82  ? -6.598  -2.150  -15.697 1.00 31.78 ? 82  LYS A C   1 
ATOM   641  O  O   . LYS A 1 82  ? -5.702  -1.781  -16.439 1.00 33.43 ? 82  LYS A O   1 
ATOM   642  C  CB  . LYS A 1 82  ? -8.263  -3.535  -16.873 1.00 34.26 ? 82  LYS A CB  1 
ATOM   643  C  CG  . LYS A 1 82  ? -9.751  -3.903  -17.099 1.00 36.39 ? 82  LYS A CG  1 
ATOM   644  C  CD  . LYS A 1 82  ? -9.952  -5.378  -17.303 1.00 38.11 ? 82  LYS A CD  1 
ATOM   645  C  CE  . LYS A 1 82  ? -11.438 -5.734  -17.232 1.00 40.09 ? 82  LYS A CE  1 
ATOM   646  N  NZ  . LYS A 1 82  ? -11.694 -7.165  -17.653 1.00 41.39 ? 82  LYS A NZ  1 
ATOM   647  N  N   . PHE A 1 83  ? -6.362  -2.514  -14.440 1.00 29.59 ? 83  PHE A N   1 
ATOM   648  C  CA  . PHE A 1 83  ? -4.989  -2.573  -13.948 1.00 27.45 ? 83  PHE A CA  1 
ATOM   649  C  C   . PHE A 1 83  ? -4.376  -3.883  -14.374 1.00 27.53 ? 83  PHE A C   1 
ATOM   650  O  O   . PHE A 1 83  ? -5.051  -4.926  -14.472 1.00 27.81 ? 83  PHE A O   1 
ATOM   651  C  CB  . PHE A 1 83  ? -4.963  -2.590  -12.410 1.00 23.88 ? 83  PHE A CB  1 
ATOM   652  C  CG  . PHE A 1 83  ? -5.402  -1.309  -11.807 1.00 22.87 ? 83  PHE A CG  1 
ATOM   653  C  CD1 . PHE A 1 83  ? -4.636  -0.156  -12.004 1.00 20.26 ? 83  PHE A CD1 1 
ATOM   654  C  CD2 . PHE A 1 83  ? -6.543  -1.258  -11.008 1.00 22.36 ? 83  PHE A CD2 1 
ATOM   655  C  CE1 . PHE A 1 83  ? -4.994  1.034   -11.386 1.00 24.88 ? 83  PHE A CE1 1 
ATOM   656  C  CE2 . PHE A 1 83  ? -6.914  -0.068  -10.382 1.00 25.48 ? 83  PHE A CE2 1 
ATOM   657  C  CZ  . PHE A 1 83  ? -6.138  1.085   -10.565 1.00 21.20 ? 83  PHE A CZ  1 
ATOM   658  N  N   . ARG A 1 84  ? -3.087  -3.856  -14.598 1.00 26.62 ? 84  ARG A N   1 
ATOM   659  C  CA  . ARG A 1 84  ? -2.390  -5.086  -14.880 1.00 26.80 ? 84  ARG A CA  1 
ATOM   660  C  C   . ARG A 1 84  ? -2.560  -5.939  -13.590 1.00 26.74 ? 84  ARG A C   1 
ATOM   661  O  O   . ARG A 1 84  ? -2.397  -5.452  -12.463 1.00 26.76 ? 84  ARG A O   1 
ATOM   662  C  CB  . ARG A 1 84  ? -0.932  -4.730  -15.216 1.00 29.77 ? 84  ARG A CB  1 
ATOM   663  C  CG  . ARG A 1 84  ? -0.055  -5.864  -15.706 1.00 32.09 ? 84  ARG A CG  1 
ATOM   664  C  CD  . ARG A 1 84  ? 0.677   -6.479  -14.545 1.00 33.75 ? 84  ARG A CD  1 
ATOM   665  N  NE  . ARG A 1 84  ? 1.443   -5.488  -13.782 1.00 33.11 ? 84  ARG A NE  1 
ATOM   666  C  CZ  . ARG A 1 84  ? 2.755   -5.532  -13.599 1.00 35.35 ? 84  ARG A CZ  1 
ATOM   667  N  NH1 . ARG A 1 84  ? 3.508   -6.517  -14.141 1.00 36.52 ? 84  ARG A NH1 1 
ATOM   668  N  NH2 . ARG A 1 84  ? 3.318   -4.627  -12.822 1.00 33.91 ? 84  ARG A NH2 1 
ATOM   669  N  N   . ASP A 1 85  ? -2.967  -7.193  -13.749 1.00 25.21 ? 85  ASP A N   1 
ATOM   670  C  CA  . ASP A 1 85  ? -3.200  -8.096  -12.615 1.00 24.85 ? 85  ASP A CA  1 
ATOM   671  C  C   . ASP A 1 85  ? -1.912  -8.506  -11.897 1.00 24.28 ? 85  ASP A C   1 
ATOM   672  O  O   . ASP A 1 85  ? -1.129  -9.322  -12.419 1.00 26.05 ? 85  ASP A O   1 
ATOM   673  C  CB  . ASP A 1 85  ? -3.940  -9.361  -13.108 1.00 26.93 ? 85  ASP A CB  1 
ATOM   674  C  CG  . ASP A 1 85  ? -4.442  -10.241 -11.948 1.00 30.79 ? 85  ASP A CG  1 
ATOM   675  O  OD1 . ASP A 1 85  ? -4.058  -9.986  -10.785 1.00 28.93 ? 85  ASP A OD1 1 
ATOM   676  O  OD2 . ASP A 1 85  ? -5.238  -11.203 -12.175 1.00 31.30 ? 85  ASP A OD2 1 
ATOM   677  N  N   . ILE A 1 86  ? -1.685  -7.978  -10.684 1.00 23.74 ? 86  ILE A N   1 
ATOM   678  C  CA  . ILE A 1 86  ? -0.461  -8.328  -9.963  1.00 23.87 ? 86  ILE A CA  1 
ATOM   679  C  C   . ILE A 1 86  ? -0.697  -9.277  -8.792  1.00 22.73 ? 86  ILE A C   1 
ATOM   680  O  O   . ILE A 1 86  ? 0.124   -9.421  -7.874  1.00 22.36 ? 86  ILE A O   1 
ATOM   681  C  CB  . ILE A 1 86  ? 0.211   -7.059  -9.462  1.00 21.94 ? 86  ILE A CB  1 
ATOM   682  C  CG1 . ILE A 1 86  ? -0.758  -6.318  -8.547  1.00 22.20 ? 86  ILE A CG1 1 
ATOM   683  C  CG2 . ILE A 1 86  ? 0.699   -6.244  -10.671 1.00 24.31 ? 86  ILE A CG2 1 
ATOM   684  C  CD1 . ILE A 1 86  ? -0.084  -5.196  -7.706  1.00 25.21 ? 86  ILE A CD1 1 
ATOM   685  N  N   . ARG A 1 87  ? -1.821  -9.982  -8.802  1.00 22.98 ? 87  ARG A N   1 
ATOM   686  C  CA  . ARG A 1 87  ? -2.066  -10.856 -7.699  1.00 21.87 ? 87  ARG A CA  1 
ATOM   687  C  C   . ARG A 1 87  ? -1.104  -12.002 -7.528  1.00 22.67 ? 87  ARG A C   1 
ATOM   688  O  O   . ARG A 1 87  ? -0.993  -12.506 -6.444  1.00 24.07 ? 87  ARG A O   1 
ATOM   689  C  CB  . ARG A 1 87  ? -3.487  -11.393 -7.718  1.00 23.96 ? 87  ARG A CB  1 
ATOM   690  C  CG  . ARG A 1 87  ? -4.495  -10.315 -7.355  1.00 25.05 ? 87  ARG A CG  1 
ATOM   691  C  CD  . ARG A 1 87  ? -5.885  -10.852 -7.545  1.00 27.58 ? 87  ARG A CD  1 
ATOM   692  N  NE  . ARG A 1 87  ? -6.142  -11.125 -8.945  1.00 29.51 ? 87  ARG A NE  1 
ATOM   693  C  CZ  . ARG A 1 87  ? -7.319  -11.556 -9.417  1.00 31.14 ? 87  ARG A CZ  1 
ATOM   694  N  NH1 . ARG A 1 87  ? -8.338  -11.779 -8.597  1.00 29.53 ? 87  ARG A NH1 1 
ATOM   695  N  NH2 . ARG A 1 87  ? -7.479  -11.717 -10.722 1.00 30.42 ? 87  ARG A NH2 1 
ATOM   696  N  N   . GLY A 1 88  ? -0.412  -12.387 -8.570  1.00 21.88 ? 88  GLY A N   1 
ATOM   697  C  CA  . GLY A 1 88  ? 0.512   -13.499 -8.416  1.00 23.95 ? 88  GLY A CA  1 
ATOM   698  C  C   . GLY A 1 88  ? 1.759   -13.022 -7.696  1.00 23.20 ? 88  GLY A C   1 
ATOM   699  O  O   . GLY A 1 88  ? 2.591   -13.838 -7.267  1.00 22.74 ? 88  GLY A O   1 
ATOM   700  N  N   . PHE A 1 89  ? 1.917   -11.688 -7.590  1.00 21.80 ? 89  PHE A N   1 
ATOM   701  C  CA  . PHE A 1 89  ? 3.060   -11.144 -6.853  1.00 20.85 ? 89  PHE A CA  1 
ATOM   702  C  C   . PHE A 1 89  ? 2.779   -11.012 -5.351  1.00 20.76 ? 89  PHE A C   1 
ATOM   703  O  O   . PHE A 1 89  ? 3.683   -10.624 -4.579  1.00 21.40 ? 89  PHE A O   1 
ATOM   704  C  CB  . PHE A 1 89  ? 3.392   -9.738  -7.408  1.00 21.73 ? 89  PHE A CB  1 
ATOM   705  C  CG  . PHE A 1 89  ? 3.880   -9.760  -8.822  1.00 21.68 ? 89  PHE A CG  1 
ATOM   706  C  CD1 . PHE A 1 89  ? 5.112   -10.330 -9.134  1.00 23.89 ? 89  PHE A CD1 1 
ATOM   707  C  CD2 . PHE A 1 89  ? 3.095   -9.297  -9.868  1.00 25.52 ? 89  PHE A CD2 1 
ATOM   708  C  CE1 . PHE A 1 89  ? 5.555   -10.449 -10.471 1.00 26.54 ? 89  PHE A CE1 1 
ATOM   709  C  CE2 . PHE A 1 89  ? 3.530   -9.410  -11.229 1.00 23.90 ? 89  PHE A CE2 1 
ATOM   710  C  CZ  . PHE A 1 89  ? 4.768   -9.993  -11.521 1.00 26.84 ? 89  PHE A CZ  1 
ATOM   711  N  N   . LEU A 1 90  ? 1.552   -11.296 -4.923  1.00 18.69 ? 90  LEU A N   1 
ATOM   712  C  CA  . LEU A 1 90  ? 1.123   -11.157 -3.530  1.00 17.58 ? 90  LEU A CA  1 
ATOM   713  C  C   . LEU A 1 90  ? 1.217   -12.509 -2.838  1.00 21.64 ? 90  LEU A C   1 
ATOM   714  O  O   . LEU A 1 90  ? 0.703   -13.547 -3.352  1.00 22.32 ? 90  LEU A O   1 
ATOM   715  C  CB  . LEU A 1 90  ? -0.328  -10.694 -3.500  1.00 19.81 ? 90  LEU A CB  1 
ATOM   716  C  CG  . LEU A 1 90  ? -0.781  -9.430  -4.202  1.00 19.58 ? 90  LEU A CG  1 
ATOM   717  C  CD1 . LEU A 1 90  ? -2.247  -9.199  -3.840  1.00 18.42 ? 90  LEU A CD1 1 
ATOM   718  C  CD2 . LEU A 1 90  ? 0.121   -8.263  -3.698  1.00 19.95 ? 90  LEU A CD2 1 
ATOM   719  N  N   . ALA A 1 91  ? 1.866   -12.539 -1.689  1.00 20.89 ? 91  ALA A N   1 
ATOM   720  C  CA  . ALA A 1 91  ? 2.016   -13.760 -0.923  1.00 21.09 ? 91  ALA A CA  1 
ATOM   721  C  C   . ALA A 1 91  ? 0.730   -14.236 -0.282  1.00 21.16 ? 91  ALA A C   1 
ATOM   722  O  O   . ALA A 1 91  ? -0.278  -13.478 -0.144  1.00 20.97 ? 91  ALA A O   1 
ATOM   723  C  CB  . ALA A 1 91  ? 3.082   -13.558 0.152   1.00 21.16 ? 91  ALA A CB  1 
ATOM   724  N  N   . LYS A 1 92  ? 0.729   -15.500 0.155   1.00 23.29 ? 92  LYS A N   1 
ATOM   725  C  CA  . LYS A 1 92  ? -0.434  -16.027 0.847   1.00 23.91 ? 92  LYS A CA  1 
ATOM   726  C  C   . LYS A 1 92  ? -0.376  -15.691 2.316   1.00 25.35 ? 92  LYS A C   1 
ATOM   727  O  O   . LYS A 1 92  ? -1.396  -15.632 2.998   1.00 25.16 ? 92  LYS A O   1 
ATOM   728  C  CB  . LYS A 1 92  ? -0.530  -17.566 0.683   1.00 25.28 ? 92  LYS A CB  1 
ATOM   729  C  CG  . LYS A 1 92  ? -1.112  -17.995 -0.610  1.00 29.63 ? 92  LYS A CG  1 
ATOM   730  C  CD  . LYS A 1 92  ? -1.610  -19.460 -0.443  1.00 31.77 ? 92  LYS A CD  1 
ATOM   731  C  CE  . LYS A 1 92  ? -2.149  -20.005 -1.759  1.00 37.30 ? 92  LYS A CE  1 
ATOM   732  N  NZ  . LYS A 1 92  ? -1.083  -19.962 -2.757  1.00 39.17 ? 92  LYS A NZ  1 
ATOM   733  N  N   . GLU A 1 93  ? 0.833   -15.449 2.816   1.00 26.73 ? 93  GLU A N   1 
ATOM   734  C  CA  . GLU A 1 93  ? 1.033   -15.120 4.229   1.00 27.16 ? 93  GLU A CA  1 
ATOM   735  C  C   . GLU A 1 93  ? 2.178   -14.105 4.292   1.00 25.85 ? 93  GLU A C   1 
ATOM   736  O  O   . GLU A 1 93  ? 2.946   -14.014 3.348   1.00 24.81 ? 93  GLU A O   1 
ATOM   737  C  CB  . GLU A 1 93  ? 1.407   -16.382 5.030   1.00 30.20 ? 93  GLU A CB  1 
ATOM   738  C  CG  . GLU A 1 93  ? 2.618   -17.147 4.488   1.00 33.30 ? 93  GLU A CG  1 
ATOM   739  C  CD  . GLU A 1 93  ? 2.904   -18.417 5.285   1.00 37.58 ? 93  GLU A CD  1 
ATOM   740  O  OE1 . GLU A 1 93  ? 3.415   -18.330 6.420   1.00 38.82 ? 93  GLU A OE1 1 
ATOM   741  O  OE2 . GLU A 1 93  ? 2.607   -19.521 4.790   1.00 39.28 ? 93  GLU A OE2 1 
ATOM   742  N  N   . GLU A 1 94  ? 2.269   -13.390 5.400   1.00 27.33 ? 94  GLU A N   1 
ATOM   743  C  CA  . GLU A 1 94  ? 3.272   -12.337 5.617   1.00 29.57 ? 94  GLU A CA  1 
ATOM   744  C  C   . GLU A 1 94  ? 4.634   -12.786 5.215   1.00 30.38 ? 94  GLU A C   1 
ATOM   745  O  O   . GLU A 1 94  ? 5.088   -13.867 5.605   1.00 29.94 ? 94  GLU A O   1 
ATOM   746  C  CB  . GLU A 1 94  ? 3.311   -11.919 7.077   1.00 30.75 ? 94  GLU A CB  1 
ATOM   747  C  CG  . GLU A 1 94  ? 2.083   -11.235 7.573   1.00 31.40 ? 94  GLU A CG  1 
ATOM   748  C  CD  . GLU A 1 94  ? 1.106   -12.198 8.201   1.00 34.32 ? 94  GLU A CD  1 
ATOM   749  O  OE1 . GLU A 1 94  ? 0.445   -11.805 9.171   1.00 37.37 ? 94  GLU A OE1 1 
ATOM   750  O  OE2 . GLU A 1 94  ? 0.998   -13.360 7.743   1.00 36.65 ? 94  GLU A OE2 1 
ATOM   751  N  N   . VAL A 1 95  ? 5.287   -11.969 4.401   1.00 31.26 ? 95  VAL A N   1 
ATOM   752  C  CA  . VAL A 1 95  ? 6.629   -12.295 3.969   1.00 31.42 ? 95  VAL A CA  1 
ATOM   753  C  C   . VAL A 1 95  ? 7.724   -11.494 4.682   1.00 31.10 ? 95  VAL A C   1 
ATOM   754  O  O   . VAL A 1 95  ? 7.705   -10.237 4.692   1.00 30.62 ? 95  VAL A O   1 
ATOM   755  C  CB  . VAL A 1 95  ? 6.741   -12.088 2.433   1.00 31.22 ? 95  VAL A CB  1 
ATOM   756  C  CG1 . VAL A 1 95  ? 8.165   -12.116 1.982   1.00 31.93 ? 95  VAL A CG1 1 
ATOM   757  C  CG2 . VAL A 1 95  ? 5.963   -13.174 1.752   1.00 32.71 ? 95  VAL A CG2 1 
ATOM   758  N  N   . GLU A 1 96  ? 8.677   -12.211 5.283   1.00 30.79 ? 96  GLU A N   1 
ATOM   759  C  CA  . GLU A 1 96  ? 9.823   -11.539 5.879   1.00 33.20 ? 96  GLU A CA  1 
ATOM   760  C  C   . GLU A 1 96  ? 10.930  -11.612 4.853   1.00 33.35 ? 96  GLU A C   1 
ATOM   761  O  O   . GLU A 1 96  ? 11.144  -12.659 4.226   1.00 33.30 ? 96  GLU A O   1 
ATOM   762  C  CB  . GLU A 1 96  ? 10.257  -12.184 7.180   1.00 32.15 ? 96  GLU A CB  1 
ATOM   763  C  CG  . GLU A 1 96  ? 9.287   -11.982 8.274   1.00 35.67 ? 96  GLU A CG  1 
ATOM   764  C  CD  . GLU A 1 96  ? 9.871   -12.447 9.555   1.00 37.35 ? 96  GLU A CD  1 
ATOM   765  O  OE1 . GLU A 1 96  ? 10.459  -13.541 9.504   1.00 39.86 ? 96  GLU A OE1 1 
ATOM   766  O  OE2 . GLU A 1 96  ? 9.767   -11.749 10.581  1.00 37.21 ? 96  GLU A OE2 1 
ATOM   767  N  N   . VAL A 1 97  ? 11.612  -10.482 4.650   1.00 31.63 ? 97  VAL A N   1 
ATOM   768  C  CA  . VAL A 1 97  ? 12.665  -10.391 3.673   1.00 32.16 ? 97  VAL A CA  1 
ATOM   769  C  C   . VAL A 1 97  ? 13.857  -9.682  4.340   1.00 32.63 ? 97  VAL A C   1 
ATOM   770  O  O   . VAL A 1 97  ? 13.661  -8.947  5.294   1.00 32.91 ? 97  VAL A O   1 
ATOM   771  C  CB  . VAL A 1 97  ? 12.086  -9.641  2.408   1.00 33.56 ? 97  VAL A CB  1 
ATOM   772  C  CG1 . VAL A 1 97  ? 12.104  -8.122  2.568   1.00 31.13 ? 97  VAL A CG1 1 
ATOM   773  C  CG2 . VAL A 1 97  ? 12.808  -10.081 1.151   1.00 35.54 ? 97  VAL A CG2 1 
ATOM   774  N  N   . ASN A 1 98  ? 15.077  -9.922  3.873   1.00 33.72 ? 98  ASN A N   1 
ATOM   775  C  CA  . ASN A 1 98  ? 16.248  -9.283  4.452   1.00 34.53 ? 98  ASN A CA  1 
ATOM   776  C  C   . ASN A 1 98  ? 16.471  -7.958  3.772   1.00 32.84 ? 98  ASN A C   1 
ATOM   777  O  O   . ASN A 1 98  ? 17.097  -7.075  4.343   1.00 32.79 ? 98  ASN A O   1 
ATOM   778  C  CB  . ASN A 1 98  ? 17.504  -10.158 4.281   1.00 39.03 ? 98  ASN A CB  1 
ATOM   779  C  CG  . ASN A 1 98  ? 17.722  -11.146 5.451   1.00 44.15 ? 98  ASN A CG  1 
ATOM   780  O  OD1 . ASN A 1 98  ? 18.017  -10.753 6.596   1.00 48.01 ? 98  ASN A OD1 1 
ATOM   781  N  ND2 . ASN A 1 98  ? 17.586  -12.438 5.158   1.00 47.11 ? 98  ASN A ND2 1 
ATOM   782  N  N   . GLU A 1 99  ? 15.989  -7.812  2.536   1.00 31.58 ? 99  GLU A N   1 
ATOM   783  C  CA  . GLU A 1 99  ? 16.140  -6.549  1.797   1.00 32.17 ? 99  GLU A CA  1 
ATOM   784  C  C   . GLU A 1 99  ? 14.830  -6.214  1.067   1.00 29.45 ? 99  GLU A C   1 
ATOM   785  O  O   . GLU A 1 99  ? 14.389  -6.989  0.258   1.00 28.96 ? 99  GLU A O   1 
ATOM   786  C  CB  . GLU A 1 99  ? 17.238  -6.635  0.740   1.00 36.33 ? 99  GLU A CB  1 
ATOM   787  C  CG  . GLU A 1 99  ? 18.643  -6.877  1.293   1.00 42.64 ? 99  GLU A CG  1 
ATOM   788  C  CD  . GLU A 1 99  ? 19.000  -5.878  2.381   1.00 47.20 ? 99  GLU A CD  1 
ATOM   789  O  OE1 . GLU A 1 99  ? 18.740  -4.674  2.168   1.00 49.39 ? 99  GLU A OE1 1 
ATOM   790  O  OE2 . GLU A 1 99  ? 19.541  -6.280  3.450   1.00 49.41 ? 99  GLU A OE2 1 
ATOM   791  N  N   . ALA A 1 100 ? 14.257  -5.049  1.327   1.00 26.20 ? 100 ALA A N   1 
ATOM   792  C  CA  . ALA A 1 100 ? 13.006  -4.655  0.665   1.00 23.85 ? 100 ALA A CA  1 
ATOM   793  C  C   . ALA A 1 100 ? 13.169  -3.244  0.140   1.00 25.56 ? 100 ALA A C   1 
ATOM   794  O  O   . ALA A 1 100 ? 14.075  -2.512  0.594   1.00 25.33 ? 100 ALA A O   1 
ATOM   795  C  CB  . ALA A 1 100 ? 11.859  -4.703  1.693   1.00 23.25 ? 100 ALA A CB  1 
ATOM   796  N  N   . VAL A 1 101 ? 12.346  -2.844  -0.837  1.00 21.21 ? 101 VAL A N   1 
ATOM   797  C  CA  . VAL A 1 101 ? 12.367  -1.480  -1.342  1.00 21.54 ? 101 VAL A CA  1 
ATOM   798  C  C   . VAL A 1 101 ? 10.976  -0.893  -1.082  1.00 23.04 ? 101 VAL A C   1 
ATOM   799  O  O   . VAL A 1 101 ? 9.981   -1.570  -1.277  1.00 20.61 ? 101 VAL A O   1 
ATOM   800  C  CB  . VAL A 1 101 ? 12.619  -1.428  -2.840  1.00 21.53 ? 101 VAL A CB  1 
ATOM   801  C  CG1 . VAL A 1 101 ? 12.519  0.013   -3.352  1.00 21.96 ? 101 VAL A CG1 1 
ATOM   802  C  CG2 . VAL A 1 101 ? 14.000  -2.038  -3.160  1.00 24.02 ? 101 VAL A CG2 1 
ATOM   803  N  N   . LEU A 1 102 ? 10.923  0.366   -0.630  1.00 20.39 ? 102 LEU A N   1 
ATOM   804  C  CA  . LEU A 1 102 ? 9.637   1.059   -0.399  1.00 20.11 ? 102 LEU A CA  1 
ATOM   805  C  C   . LEU A 1 102 ? 9.580   2.117   -1.499  1.00 19.93 ? 102 LEU A C   1 
ATOM   806  O  O   . LEU A 1 102 ? 10.485  2.926   -1.662  1.00 19.88 ? 102 LEU A O   1 
ATOM   807  C  CB  . LEU A 1 102 ? 9.567   1.680   1.006   1.00 19.62 ? 102 LEU A CB  1 
ATOM   808  C  CG  . LEU A 1 102 ? 8.285   2.489   1.281   1.00 20.42 ? 102 LEU A CG  1 
ATOM   809  C  CD1 . LEU A 1 102 ? 7.089   1.525   1.336   1.00 21.04 ? 102 LEU A CD1 1 
ATOM   810  C  CD2 . LEU A 1 102 ? 8.389   3.201   2.635   1.00 23.75 ? 102 LEU A CD2 1 
ATOM   811  N  N   . ALA A 1 103 ? 8.533   2.063   -2.318  1.00 19.59 ? 103 ALA A N   1 
ATOM   812  C  CA  . ALA A 1 103 ? 8.343   2.963   -3.505  1.00 19.04 ? 103 ALA A CA  1 
ATOM   813  C  C   . ALA A 1 103 ? 7.175   3.899   -3.267  1.00 20.39 ? 103 ALA A C   1 
ATOM   814  O  O   . ALA A 1 103 ? 6.080   3.469   -2.851  1.00 19.04 ? 103 ALA A O   1 
ATOM   815  C  CB  . ALA A 1 103 ? 8.090   2.126   -4.762  1.00 19.96 ? 103 ALA A CB  1 
ATOM   816  N  N   . ILE A 1 104 ? 7.437   5.172   -3.532  1.00 21.88 ? 104 ILE A N   1 
ATOM   817  C  CA  . ILE A 1 104 ? 6.439   6.209   -3.312  1.00 24.63 ? 104 ILE A CA  1 
ATOM   818  C  C   . ILE A 1 104 ? 6.168   6.993   -4.537  1.00 25.97 ? 104 ILE A C   1 
ATOM   819  O  O   . ILE A 1 104 ? 7.049   7.253   -5.356  1.00 25.14 ? 104 ILE A O   1 
ATOM   820  C  CB  . ILE A 1 104 ? 6.836   7.110   -2.152  1.00 25.88 ? 104 ILE A CB  1 
ATOM   821  C  CG1 . ILE A 1 104 ? 6.834   6.249   -0.873  1.00 27.14 ? 104 ILE A CG1 1 
ATOM   822  C  CG2 . ILE A 1 104 ? 5.757   8.232   -1.990  1.00 25.95 ? 104 ILE A CG2 1 
ATOM   823  C  CD1 . ILE A 1 104 ? 7.619   6.822   0.265   1.00 29.10 ? 104 ILE A CD1 1 
ATOM   824  N  N   . ASN A 1 105 ? 4.902   7.355   -4.708  1.00 25.38 ? 105 ASN A N   1 
ATOM   825  C  CA  . ASN A 1 105 ? 4.532   8.110   -5.874  1.00 28.20 ? 105 ASN A CA  1 
ATOM   826  C  C   . ASN A 1 105 ? 3.473   9.147   -5.442  1.00 29.02 ? 105 ASN A C   1 
ATOM   827  O  O   . ASN A 1 105 ? 2.292   8.861   -5.464  1.00 30.67 ? 105 ASN A O   1 
ATOM   828  C  CB  . ASN A 1 105 ? 3.986   7.141   -6.942  1.00 30.14 ? 105 ASN A CB  1 
ATOM   829  C  CG  . ASN A 1 105 ? 3.305   7.843   -8.126  1.00 32.44 ? 105 ASN A CG  1 
ATOM   830  O  OD1 . ASN A 1 105 ? 3.280   9.083   -8.238  1.00 30.54 ? 105 ASN A OD1 1 
ATOM   831  N  ND2 . ASN A 1 105 ? 2.728   7.031   -9.023  1.00 30.74 ? 105 ASN A ND2 1 
ATOM   832  N  N   . THR A 1 106 ? 3.907   10.303  -4.985  1.00 30.14 ? 106 THR A N   1 
ATOM   833  C  CA  . THR A 1 106 ? 2.931   11.354  -4.685  1.00 33.74 ? 106 THR A CA  1 
ATOM   834  C  C   . THR A 1 106 ? 3.392   12.624  -5.430  1.00 36.32 ? 106 THR A C   1 
ATOM   835  O  O   . THR A 1 106 ? 4.361   12.578  -6.211  1.00 34.80 ? 106 THR A O   1 
ATOM   836  C  CB  . THR A 1 106 ? 2.740   11.627  -3.158  1.00 35.01 ? 106 THR A CB  1 
ATOM   837  O  OG1 . THR A 1 106 ? 3.973   12.025  -2.560  1.00 36.66 ? 106 THR A OG1 1 
ATOM   838  C  CG2 . THR A 1 106 ? 2.182   10.394  -2.459  1.00 33.55 ? 106 THR A CG2 1 
ATOM   839  N  N   . SER A 1 107 ? 2.670   13.734  -5.244  1.00 37.17 ? 107 SER A N   1 
ATOM   840  C  CA  . SER A 1 107 ? 3.029   14.977  -5.914  1.00 41.54 ? 107 SER A CA  1 
ATOM   841  C  C   . SER A 1 107 ? 4.342   15.453  -5.336  1.00 43.25 ? 107 SER A C   1 
ATOM   842  O  O   . SER A 1 107 ? 5.209   15.960  -6.040  1.00 45.56 ? 107 SER A O   1 
ATOM   843  C  CB  . SER A 1 107 ? 1.946   16.042  -5.653  1.00 40.68 ? 107 SER A CB  1 
ATOM   844  O  OG  . SER A 1 107 ? 0.738   15.670  -6.295  1.00 42.21 ? 107 SER A OG  1 
ATOM   845  N  N   . LYS A 1 108 ? 4.427   15.285  -4.025  1.00 46.11 ? 108 LYS A N   1 
ATOM   846  C  CA  . LYS A 1 108 ? 5.541   15.647  -3.159  1.00 47.63 ? 108 LYS A CA  1 
ATOM   847  C  C   . LYS A 1 108 ? 6.713   14.673  -3.250  1.00 49.02 ? 108 LYS A C   1 
ATOM   848  O  O   . LYS A 1 108 ? 7.879   15.063  -3.060  1.00 50.29 ? 108 LYS A O   1 
ATOM   849  C  CB  . LYS A 1 108 ? 5.002   15.665  -1.735  1.00 48.90 ? 108 LYS A CB  1 
ATOM   850  C  CG  . LYS A 1 108 ? 5.963   16.091  -0.628  1.00 52.50 ? 108 LYS A CG  1 
ATOM   851  C  CD  . LYS A 1 108 ? 5.182   16.802  0.492   1.00 54.22 ? 108 LYS A CD  1 
ATOM   852  C  CE  . LYS A 1 108 ? 3.992   15.971  0.965   1.00 54.86 ? 108 LYS A CE  1 
ATOM   853  N  NZ  . LYS A 1 108 ? 3.089   16.760  1.846   1.00 55.78 ? 108 LYS A NZ  1 
ATOM   854  N  N   . PHE A 1 109 ? 6.409   13.397  -3.495  1.00 48.26 ? 109 PHE A N   1 
ATOM   855  C  CA  . PHE A 1 109 ? 7.450   12.371  -3.621  1.00 47.63 ? 109 PHE A CA  1 
ATOM   856  C  C   . PHE A 1 109 ? 7.134   11.578  -4.861  1.00 45.13 ? 109 PHE A C   1 
ATOM   857  O  O   . PHE A 1 109 ? 6.712   10.431  -4.780  1.00 42.87 ? 109 PHE A O   1 
ATOM   858  C  CB  . PHE A 1 109 ? 7.469   11.418  -2.412  1.00 49.96 ? 109 PHE A CB  1 
ATOM   859  C  CG  . PHE A 1 109 ? 7.797   12.091  -1.093  1.00 53.45 ? 109 PHE A CG  1 
ATOM   860  C  CD1 . PHE A 1 109 ? 7.440   11.488  0.117   1.00 54.57 ? 109 PHE A CD1 1 
ATOM   861  C  CD2 . PHE A 1 109 ? 8.456   13.318  -1.056  1.00 54.58 ? 109 PHE A CD2 1 
ATOM   862  C  CE1 . PHE A 1 109 ? 7.734   12.099  1.338   1.00 55.46 ? 109 PHE A CE1 1 
ATOM   863  C  CE2 . PHE A 1 109 ? 8.753   13.935  0.157   1.00 54.99 ? 109 PHE A CE2 1 
ATOM   864  C  CZ  . PHE A 1 109 ? 8.391   13.328  1.355   1.00 54.83 ? 109 PHE A CZ  1 
ATOM   865  N  N   . PRO A 1 110 ? 7.266   12.200  -6.038  1.00 43.44 ? 110 PRO A N   1 
ATOM   866  C  CA  . PRO A 1 110 ? 6.974   11.437  -7.238  1.00 42.60 ? 110 PRO A CA  1 
ATOM   867  C  C   . PRO A 1 110 ? 8.194   10.563  -7.450  1.00 41.73 ? 110 PRO A C   1 
ATOM   868  O  O   . PRO A 1 110 ? 9.314   10.943  -7.080  1.00 41.22 ? 110 PRO A O   1 
ATOM   869  C  CB  . PRO A 1 110 ? 6.844   12.513  -8.304  1.00 42.44 ? 110 PRO A CB  1 
ATOM   870  C  CG  . PRO A 1 110 ? 7.791   13.522  -7.829  1.00 41.94 ? 110 PRO A CG  1 
ATOM   871  C  CD  . PRO A 1 110 ? 7.410   13.612  -6.389  1.00 43.48 ? 110 PRO A CD  1 
ATOM   872  N  N   . ASN A 1 111 ? 7.935   9.398   -8.020  1.00 40.00 ? 111 ASN A N   1 
ATOM   873  C  CA  . ASN A 1 111 ? 8.935   8.404   -8.326  1.00 38.87 ? 111 ASN A CA  1 
ATOM   874  C  C   . ASN A 1 111 ? 10.099  8.266   -7.404  1.00 36.12 ? 111 ASN A C   1 
ATOM   875  O  O   . ASN A 1 111 ? 11.224  8.361   -7.861  1.00 34.99 ? 111 ASN A O   1 
ATOM   876  C  CB  . ASN A 1 111 ? 9.487   8.651   -9.692  1.00 42.61 ? 111 ASN A CB  1 
ATOM   877  C  CG  . ASN A 1 111 ? 9.036   7.640   -10.661 1.00 45.19 ? 111 ASN A CG  1 
ATOM   878  O  OD1 . ASN A 1 111 ? 9.519   6.490   -10.665 1.00 46.44 ? 111 ASN A OD1 1 
ATOM   879  N  ND2 . ASN A 1 111 ? 8.073   8.038   -11.509 1.00 47.78 ? 111 ASN A ND2 1 
ATOM   880  N  N   . MET A 1 112 ? 9.855   8.011   -6.134  1.00 32.44 ? 112 MET A N   1 
ATOM   881  C  CA  . MET A 1 112 ? 10.934  7.860   -5.183  1.00 30.24 ? 112 MET A CA  1 
ATOM   882  C  C   . MET A 1 112 ? 11.043  6.396   -4.680  1.00 28.22 ? 112 MET A C   1 
ATOM   883  O  O   . MET A 1 112 ? 10.002  5.758   -4.424  1.00 26.06 ? 112 MET A O   1 
ATOM   884  C  CB  . MET A 1 112 ? 10.638  8.790   -4.044  1.00 34.54 ? 112 MET A CB  1 
ATOM   885  C  CG  . MET A 1 112 ? 11.444  10.094  -4.034  1.00 39.85 ? 112 MET A CG  1 
ATOM   886  S  SD  . MET A 1 112 ? 11.053  11.113  -2.600  1.00 49.73 ? 112 MET A SD  1 
ATOM   887  C  CE  . MET A 1 112 ? 10.838  12.832  -3.371  1.00 47.14 ? 112 MET A CE  1 
ATOM   888  N  N   . TYR A 1 113 ? 12.266  5.861   -4.500  1.00 22.97 ? 113 TYR A N   1 
ATOM   889  C  CA  . TYR A 1 113 ? 12.462  4.465   -4.016  1.00 21.43 ? 113 TYR A CA  1 
ATOM   890  C  C   . TYR A 1 113 ? 13.412  4.438   -2.806  1.00 22.16 ? 113 TYR A C   1 
ATOM   891  O  O   . TYR A 1 113 ? 14.498  5.034   -2.858  1.00 22.14 ? 113 TYR A O   1 
ATOM   892  C  CB  . TYR A 1 113 ? 13.039  3.572   -5.141  1.00 22.42 ? 113 TYR A CB  1 
ATOM   893  C  CG  . TYR A 1 113 ? 12.159  3.554   -6.329  1.00 20.08 ? 113 TYR A CG  1 
ATOM   894  C  CD1 . TYR A 1 113 ? 12.084  4.658   -7.194  1.00 20.56 ? 113 TYR A CD1 1 
ATOM   895  C  CD2 . TYR A 1 113 ? 11.270  2.502   -6.514  1.00 19.66 ? 113 TYR A CD2 1 
ATOM   896  C  CE1 . TYR A 1 113 ? 11.095  4.697   -8.236  1.00 21.02 ? 113 TYR A CE1 1 
ATOM   897  C  CE2 . TYR A 1 113 ? 10.297  2.556   -7.521  1.00 18.93 ? 113 TYR A CE2 1 
ATOM   898  C  CZ  . TYR A 1 113 ? 10.212  3.609   -8.351  1.00 18.41 ? 113 TYR A CZ  1 
ATOM   899  O  OH  . TYR A 1 113 ? 9.300   3.668   -9.359  1.00 21.69 ? 113 TYR A OH  1 
ATOM   900  N  N   . ILE A 1 114 ? 13.040  3.712   -1.766  1.00 19.59 ? 114 ILE A N   1 
ATOM   901  C  CA  . ILE A 1 114 ? 13.819  3.662   -0.520  1.00 21.90 ? 114 ILE A CA  1 
ATOM   902  C  C   . ILE A 1 114 ? 14.182  2.231   -0.110  1.00 22.65 ? 114 ILE A C   1 
ATOM   903  O  O   . ILE A 1 114 ? 13.286  1.408   0.116   1.00 19.49 ? 114 ILE A O   1 
ATOM   904  C  CB  . ILE A 1 114 ? 12.979  4.281   0.678   1.00 23.47 ? 114 ILE A CB  1 
ATOM   905  C  CG1 . ILE A 1 114 ? 12.471  5.691   0.317   1.00 24.52 ? 114 ILE A CG1 1 
ATOM   906  C  CG2 . ILE A 1 114 ? 13.825  4.331   1.928   1.00 23.45 ? 114 ILE A CG2 1 
ATOM   907  C  CD1 . ILE A 1 114 ? 11.254  6.162   1.179   1.00 26.02 ? 114 ILE A CD1 1 
ATOM   908  N  N   . PRO A 1 115 ? 15.482  1.913   0.007   1.00 22.52 ? 115 PRO A N   1 
ATOM   909  C  CA  . PRO A 1 115 ? 15.873  0.563   0.420   1.00 23.36 ? 115 PRO A CA  1 
ATOM   910  C  C   . PRO A 1 115 ? 15.704  0.603   1.934   1.00 26.51 ? 115 PRO A C   1 
ATOM   911  O  O   . PRO A 1 115 ? 16.408  1.373   2.619   1.00 29.54 ? 115 PRO A O   1 
ATOM   912  C  CB  . PRO A 1 115 ? 17.339  0.457   -0.056  1.00 22.88 ? 115 PRO A CB  1 
ATOM   913  C  CG  . PRO A 1 115 ? 17.814  1.912   -0.030  1.00 24.93 ? 115 PRO A CG  1 
ATOM   914  C  CD  . PRO A 1 115 ? 16.632  2.719   -0.466  1.00 23.53 ? 115 PRO A CD  1 
ATOM   915  N  N   . VAL A 1 116 ? 14.769  -0.173  2.486   1.00 24.16 ? 116 VAL A N   1 
ATOM   916  C  CA  . VAL A 1 116 ? 14.512  -0.104  3.919   1.00 25.13 ? 116 VAL A CA  1 
ATOM   917  C  C   . VAL A 1 116 ? 15.163  -1.167  4.757   1.00 25.60 ? 116 VAL A C   1 
ATOM   918  O  O   . VAL A 1 116 ? 14.998  -1.196  5.987   1.00 27.62 ? 116 VAL A O   1 
ATOM   919  C  CB  . VAL A 1 116 ? 12.989  -0.130  4.212   1.00 25.92 ? 116 VAL A CB  1 
ATOM   920  C  CG1 . VAL A 1 116 ? 12.331  1.080   3.571   1.00 26.96 ? 116 VAL A CG1 1 
ATOM   921  C  CG2 . VAL A 1 116 ? 12.379  -1.403  3.667   1.00 25.76 ? 116 VAL A CG2 1 
ATOM   922  N  N   . GLY A 1 117 ? 15.882  -2.076  4.107   1.00 27.09 ? 117 GLY A N   1 
ATOM   923  C  CA  . GLY A 1 117 ? 16.519  -3.121  4.869   1.00 28.88 ? 117 GLY A CA  1 
ATOM   924  C  C   . GLY A 1 117 ? 15.635  -4.304  5.256   1.00 28.20 ? 117 GLY A C   1 
ATOM   925  O  O   . GLY A 1 117 ? 14.718  -4.657  4.521   1.00 29.93 ? 117 GLY A O   1 
ATOM   926  N  N   . GLN A 1 118 ? 15.892  -4.922  6.403   1.00 28.47 ? 118 GLN A N   1 
ATOM   927  C  CA  . GLN A 1 118 ? 15.118  -6.078  6.817   1.00 28.92 ? 118 GLN A CA  1 
ATOM   928  C  C   . GLN A 1 118 ? 13.684  -5.747  7.135   1.00 27.95 ? 118 GLN A C   1 
ATOM   929  O  O   . GLN A 1 118 ? 13.396  -4.744  7.785   1.00 27.86 ? 118 GLN A O   1 
ATOM   930  C  CB  . GLN A 1 118 ? 15.727  -6.743  8.063   1.00 31.78 ? 118 GLN A CB  1 
ATOM   931  C  CG  . GLN A 1 118 ? 14.946  -7.949  8.577   1.00 33.80 ? 118 GLN A CG  1 
ATOM   932  C  CD  . GLN A 1 118 ? 15.682  -8.721  9.668   1.00 36.37 ? 118 GLN A CD  1 
ATOM   933  O  OE1 . GLN A 1 118 ? 15.536  -8.454  10.859  1.00 37.74 ? 118 GLN A OE1 1 
ATOM   934  N  NE2 . GLN A 1 118 ? 16.481  -9.694  9.252   1.00 39.43 ? 118 GLN A NE2 1 
ATOM   935  N  N   . VAL A 1 119 ? 12.785  -6.620  6.704   1.00 25.36 ? 119 VAL A N   1 
ATOM   936  C  CA  . VAL A 1 119 ? 11.371  -6.496  6.990   1.00 25.12 ? 119 VAL A CA  1 
ATOM   937  C  C   . VAL A 1 119 ? 10.983  -7.681  7.870   1.00 26.71 ? 119 VAL A C   1 
ATOM   938  O  O   . VAL A 1 119 ? 11.280  -8.852  7.528   1.00 26.36 ? 119 VAL A O   1 
ATOM   939  C  CB  . VAL A 1 119 ? 10.534  -6.565  5.695   1.00 24.94 ? 119 VAL A CB  1 
ATOM   940  C  CG1 . VAL A 1 119 ? 9.075   -6.557  6.041   1.00 24.48 ? 119 VAL A CG1 1 
ATOM   941  C  CG2 . VAL A 1 119 ? 10.878  -5.410  4.791   1.00 26.17 ? 119 VAL A CG2 1 
ATOM   942  N  N   . THR A 1 120 ? 10.371  -7.408  9.011   1.00 27.20 ? 120 THR A N   1 
ATOM   943  C  CA  . THR A 1 120 ? 9.996   -8.504  9.864   1.00 29.83 ? 120 THR A CA  1 
ATOM   944  C  C   . THR A 1 120 ? 8.537   -8.445  10.176  1.00 31.51 ? 120 THR A C   1 
ATOM   945  O  O   . THR A 1 120 ? 7.891   -7.399  10.083  1.00 31.01 ? 120 THR A O   1 
ATOM   946  C  CB  . THR A 1 120 ? 10.823  -8.517  11.172  1.00 31.68 ? 120 THR A CB  1 
ATOM   947  O  OG1 . THR A 1 120 ? 10.671  -7.266  11.822  1.00 33.28 ? 120 THR A OG1 1 
ATOM   948  C  CG2 . THR A 1 120 ? 12.295  -8.719  10.889  1.00 33.37 ? 120 THR A CG2 1 
ATOM   949  N  N   . GLU A 1 121 ? 8.007   -9.614  10.524  1.00 31.74 ? 121 GLU A N   1 
ATOM   950  C  CA  . GLU A 1 121 ? 6.632   -9.757  10.863  1.00 34.63 ? 121 GLU A CA  1 
ATOM   951  C  C   . GLU A 1 121 ? 6.586   -9.214  12.280  1.00 36.31 ? 121 GLU A C   1 
ATOM   952  O  O   . GLU A 1 121 ? 7.074   -9.812  13.226  1.00 36.79 ? 121 GLU A O   1 
ATOM   953  C  CB  . GLU A 1 121 ? 6.267   -11.249 10.769  1.00 36.69 ? 121 GLU A CB  1 
ATOM   954  C  CG  . GLU A 1 121 ? 4.833   -11.546 10.619  1.00 39.18 ? 121 GLU A CG  1 
ATOM   955  C  CD  . GLU A 1 121 ? 4.586   -13.040 10.441  1.00 41.99 ? 121 GLU A CD  1 
ATOM   956  O  OE1 . GLU A 1 121 ? 3.470   -13.455 10.818  1.00 44.24 ? 121 GLU A OE1 1 
ATOM   957  O  OE2 . GLU A 1 121 ? 5.472   -13.773 9.930   1.00 40.05 ? 121 GLU A OE2 1 
ATOM   958  N  N   . TYR A 1 122 ? 6.015   -8.043  12.400  1.00 35.57 ? 122 TYR A N   1 
ATOM   959  C  CA  . TYR A 1 122 ? 5.924   -7.343  13.644  1.00 39.09 ? 122 TYR A CA  1 
ATOM   960  C  C   . TYR A 1 122 ? 4.664   -7.759  14.345  1.00 40.67 ? 122 TYR A C   1 
ATOM   961  O  O   . TYR A 1 122 ? 4.621   -7.865  15.575  1.00 43.27 ? 122 TYR A O   1 
ATOM   962  C  CB  . TYR A 1 122 ? 5.860   -5.868  13.343  1.00 37.64 ? 122 TYR A CB  1 
ATOM   963  C  CG  . TYR A 1 122 ? 5.951   -5.017  14.555  1.00 38.70 ? 122 TYR A CG  1 
ATOM   964  C  CD1 . TYR A 1 122 ? 7.203   -4.606  15.033  1.00 38.08 ? 122 TYR A CD1 1 
ATOM   965  C  CD2 . TYR A 1 122 ? 4.795   -4.516  15.156  1.00 37.98 ? 122 TYR A CD2 1 
ATOM   966  C  CE1 . TYR A 1 122 ? 7.298   -3.699  16.058  1.00 38.62 ? 122 TYR A CE1 1 
ATOM   967  C  CE2 . TYR A 1 122 ? 4.883   -3.610  16.185  1.00 40.29 ? 122 TYR A CE2 1 
ATOM   968  C  CZ  . TYR A 1 122 ? 6.139   -3.200  16.622  1.00 37.44 ? 122 TYR A CZ  1 
ATOM   969  O  OH  . TYR A 1 122 ? 6.230   -2.206  17.572  1.00 41.24 ? 122 TYR A OH  1 
ATOM   970  N  N   . GLY A 1 123 ? 3.609   -7.954  13.571  1.00 42.40 ? 123 GLY A N   1 
ATOM   971  C  CA  . GLY A 1 123 ? 2.352   -8.391  14.155  1.00 43.58 ? 123 GLY A CA  1 
ATOM   972  C  C   . GLY A 1 123 ? 1.382   -7.322  14.626  1.00 44.45 ? 123 GLY A C   1 
ATOM   973  O  O   . GLY A 1 123 ? 0.859   -6.511  13.838  1.00 45.37 ? 123 GLY A O   1 
ATOM   974  N  N   . PHE A 1 124 ? 1.137   -7.315  15.930  1.00 42.69 ? 124 PHE A N   1 
ATOM   975  C  CA  . PHE A 1 124 ? 0.205   -6.364  16.492  1.00 42.45 ? 124 PHE A CA  1 
ATOM   976  C  C   . PHE A 1 124 ? 0.876   -5.044  16.796  1.00 41.70 ? 124 PHE A C   1 
ATOM   977  O  O   . PHE A 1 124 ? 1.999   -4.989  17.296  1.00 41.25 ? 124 PHE A O   1 
ATOM   978  C  CB  . PHE A 1 124 ? -0.408  -6.901  17.765  1.00 44.39 ? 124 PHE A CB  1 
ATOM   979  C  CG  . PHE A 1 124 ? -1.348  -5.936  18.402  1.00 46.49 ? 124 PHE A CG  1 
ATOM   980  C  CD1 . PHE A 1 124 ? -2.664  -5.860  17.979  1.00 46.50 ? 124 PHE A CD1 1 
ATOM   981  C  CD2 . PHE A 1 124 ? -0.886  -5.011  19.337  1.00 47.05 ? 124 PHE A CD2 1 
ATOM   982  C  CE1 . PHE A 1 124 ? -3.499  -4.894  18.456  1.00 46.70 ? 124 PHE A CE1 1 
ATOM   983  C  CE2 . PHE A 1 124 ? -1.732  -4.024  19.817  1.00 47.33 ? 124 PHE A CE2 1 
ATOM   984  C  CZ  . PHE A 1 124 ? -3.039  -3.969  19.375  1.00 47.14 ? 124 PHE A CZ  1 
ATOM   985  N  N   . LEU A 1 125 ? 0.164   -3.974  16.500  1.00 40.90 ? 125 LEU A N   1 
ATOM   986  C  CA  . LEU A 1 125 ? 0.702   -2.634  16.706  1.00 40.05 ? 125 LEU A CA  1 
ATOM   987  C  C   . LEU A 1 125 ? -0.511  -1.777  16.898  1.00 38.73 ? 125 LEU A C   1 
ATOM   988  O  O   . LEU A 1 125 ? -1.479  -1.882  16.160  1.00 37.87 ? 125 LEU A O   1 
ATOM   989  C  CB  . LEU A 1 125 ? 1.463   -2.168  15.454  1.00 39.69 ? 125 LEU A CB  1 
ATOM   990  C  CG  . LEU A 1 125 ? 1.713   -0.672  15.332  1.00 39.11 ? 125 LEU A CG  1 
ATOM   991  C  CD1 . LEU A 1 125 ? 2.757   -0.255  16.361  1.00 40.80 ? 125 LEU A CD1 1 
ATOM   992  C  CD2 . LEU A 1 125 ? 2.205   -0.328  13.932  1.00 39.36 ? 125 LEU A CD2 1 
ATOM   993  N  N   . ASN A 1 126 ? -0.489  -0.944  17.921  1.00 39.92 ? 126 ASN A N   1 
ATOM   994  C  CA  . ASN A 1 126 ? -1.613  -0.082  18.131  1.00 39.32 ? 126 ASN A CA  1 
ATOM   995  C  C   . ASN A 1 126 ? -1.231  1.115   17.275  1.00 40.64 ? 126 ASN A C   1 
ATOM   996  O  O   . ASN A 1 126 ? -0.297  1.865   17.616  1.00 39.82 ? 126 ASN A O   1 
ATOM   997  C  CB  . ASN A 1 126 ? -1.705  0.276   19.602  1.00 42.96 ? 126 ASN A CB  1 
ATOM   998  C  CG  . ASN A 1 126 ? -2.966  1.014   19.914  1.00 44.63 ? 126 ASN A CG  1 
ATOM   999  O  OD1 . ASN A 1 126 ? -3.148  2.143   19.457  1.00 46.64 ? 126 ASN A OD1 1 
ATOM   1000 N  ND2 . ASN A 1 126 ? -3.878  0.367   20.665  1.00 46.10 ? 126 ASN A ND2 1 
ATOM   1001 N  N   . LEU A 1 127 ? -1.948  1.279   16.165  1.00 39.73 ? 127 LEU A N   1 
ATOM   1002 C  CA  . LEU A 1 127 ? -1.665  2.330   15.197  1.00 40.20 ? 127 LEU A CA  1 
ATOM   1003 C  C   . LEU A 1 127 ? -2.627  3.503   15.279  1.00 40.63 ? 127 LEU A C   1 
ATOM   1004 O  O   . LEU A 1 127 ? -3.835  3.356   15.094  1.00 39.99 ? 127 LEU A O   1 
ATOM   1005 C  CB  . LEU A 1 127 ? -1.683  1.711   13.799  1.00 37.73 ? 127 LEU A CB  1 
ATOM   1006 C  CG  . LEU A 1 127 ? -1.180  2.507   12.618  1.00 37.71 ? 127 LEU A CG  1 
ATOM   1007 C  CD1 . LEU A 1 127 ? 0.322   2.553   12.657  1.00 36.32 ? 127 LEU A CD1 1 
ATOM   1008 C  CD2 . LEU A 1 127 ? -1.642  1.813   11.342  1.00 37.02 ? 127 LEU A CD2 1 
ATOM   1009 N  N   . GLY A 1 128 ? -2.087  4.687   15.542  1.00 42.28 ? 128 GLY A N   1 
ATOM   1010 C  CA  . GLY A 1 128 ? -2.949  5.843   15.657  1.00 43.81 ? 128 GLY A CA  1 
ATOM   1011 C  C   . GLY A 1 128 ? -4.083  5.493   16.615  1.00 44.18 ? 128 GLY A C   1 
ATOM   1012 O  O   . GLY A 1 128 ? -5.254  5.789   16.364  1.00 44.75 ? 128 GLY A O   1 
ATOM   1013 N  N   . GLY A 1 129 ? -3.738  4.826   17.714  1.00 44.99 ? 129 GLY A N   1 
ATOM   1014 C  CA  . GLY A 1 129 ? -4.754  4.456   18.676  1.00 44.72 ? 129 GLY A CA  1 
ATOM   1015 C  C   . GLY A 1 129 ? -5.527  3.180   18.408  1.00 44.55 ? 129 GLY A C   1 
ATOM   1016 O  O   . GLY A 1 129 ? -6.301  2.756   19.270  1.00 46.14 ? 129 GLY A O   1 
ATOM   1017 N  N   . THR A 1 130 ? -5.344  2.542   17.247  1.00 44.18 ? 130 THR A N   1 
ATOM   1018 C  CA  . THR A 1 130 ? -6.090  1.303   16.992  1.00 42.11 ? 130 THR A CA  1 
ATOM   1019 C  C   . THR A 1 130 ? -5.295  0.021   16.790  1.00 40.65 ? 130 THR A C   1 
ATOM   1020 O  O   . THR A 1 130 ? -4.296  -0.004  16.061  1.00 39.44 ? 130 THR A O   1 
ATOM   1021 C  CB  . THR A 1 130 ? -7.104  1.450   15.834  1.00 43.29 ? 130 THR A CB  1 
ATOM   1022 O  OG1 . THR A 1 130 ? -7.060  0.285   15.027  1.00 44.40 ? 130 THR A OG1 1 
ATOM   1023 C  CG2 . THR A 1 130 ? -6.840  2.645   15.008  1.00 43.44 ? 130 THR A CG2 1 
ATOM   1024 N  N   . PRO A 1 131 ? -5.712  -1.061  17.480  1.00 38.58 ? 131 PRO A N   1 
ATOM   1025 C  CA  . PRO A 1 131 ? -5.036  -2.361  17.376  1.00 38.06 ? 131 PRO A CA  1 
ATOM   1026 C  C   . PRO A 1 131 ? -5.051  -2.728  15.918  1.00 35.02 ? 131 PRO A C   1 
ATOM   1027 O  O   . PRO A 1 131 ? -6.055  -2.606  15.271  1.00 35.10 ? 131 PRO A O   1 
ATOM   1028 C  CB  . PRO A 1 131 ? -5.910  -3.268  18.242  1.00 38.95 ? 131 PRO A CB  1 
ATOM   1029 C  CG  . PRO A 1 131 ? -6.358  -2.313  19.331  1.00 39.19 ? 131 PRO A CG  1 
ATOM   1030 C  CD  . PRO A 1 131 ? -6.779  -1.112  18.505  1.00 39.53 ? 131 PRO A CD  1 
ATOM   1031 N  N   . THR A 1 132 ? -3.918  -3.153  15.403  1.00 35.48 ? 132 THR A N   1 
ATOM   1032 C  CA  . THR A 1 132 ? -3.825  -3.459  13.984  1.00 31.79 ? 132 THR A CA  1 
ATOM   1033 C  C   . THR A 1 132 ? -2.970  -4.671  13.822  1.00 31.12 ? 132 THR A C   1 
ATOM   1034 O  O   . THR A 1 132 ? -1.895  -4.763  14.456  1.00 30.52 ? 132 THR A O   1 
ATOM   1035 C  CB  . THR A 1 132 ? -3.174  -2.238  13.247  1.00 33.22 ? 132 THR A CB  1 
ATOM   1036 O  OG1 . THR A 1 132 ? -3.996  -1.082  13.466  1.00 30.92 ? 132 THR A OG1 1 
ATOM   1037 C  CG2 . THR A 1 132 ? -3.082  -2.487  11.727  1.00 29.91 ? 132 THR A CG2 1 
ATOM   1038 N  N   . LYS A 1 133 ? -3.404  -5.619  12.994  1.00 27.44 ? 133 LYS A N   1 
ATOM   1039 C  CA  . LYS A 1 133 ? -2.545  -6.788  12.802  1.00 29.84 ? 133 LYS A CA  1 
ATOM   1040 C  C   . LYS A 1 133 ? -1.969  -6.876  11.432  1.00 27.46 ? 133 LYS A C   1 
ATOM   1041 O  O   . LYS A 1 133 ? -2.298  -6.051  10.559  1.00 29.14 ? 133 LYS A O   1 
ATOM   1042 C  CB  . LYS A 1 133 ? -3.295  -8.081  13.105  1.00 29.75 ? 133 LYS A CB  1 
ATOM   1043 C  CG  . LYS A 1 133 ? -3.471  -8.287  14.624  1.00 32.72 ? 133 LYS A CG  1 
ATOM   1044 C  CD  . LYS A 1 133 ? -4.227  -9.535  14.936  1.00 33.69 ? 133 LYS A CD  1 
ATOM   1045 C  CE  . LYS A 1 133 ? -4.573  -9.552  16.427  1.00 34.30 ? 133 LYS A CE  1 
ATOM   1046 N  NZ  . LYS A 1 133 ? -5.375  -10.767 16.815  1.00 34.91 ? 133 LYS A NZ  1 
ATOM   1047 N  N   . ARG A 1 134 ? -1.093  -7.866  11.280  1.00 28.15 ? 134 ARG A N   1 
ATOM   1048 C  CA  . ARG A 1 134 ? -0.417  -8.218  10.035  1.00 28.03 ? 134 ARG A CA  1 
ATOM   1049 C  C   . ARG A 1 134 ? 0.503   -7.097  9.552   1.00 27.59 ? 134 ARG A C   1 
ATOM   1050 O  O   . ARG A 1 134 ? 0.590   -6.854  8.373   1.00 26.10 ? 134 ARG A O   1 
ATOM   1051 C  CB  . ARG A 1 134 ? -1.453  -8.573  8.954   1.00 27.78 ? 134 ARG A CB  1 
ATOM   1052 C  CG  . ARG A 1 134 ? -2.317  -9.738  9.374   1.00 27.37 ? 134 ARG A CG  1 
ATOM   1053 C  CD  . ARG A 1 134 ? -2.991  -10.378 8.223   1.00 29.16 ? 134 ARG A CD  1 
ATOM   1054 N  NE  . ARG A 1 134 ? -3.742  -11.534 8.683   1.00 30.31 ? 134 ARG A NE  1 
ATOM   1055 C  CZ  . ARG A 1 134 ? -4.985  -11.818 8.318   1.00 32.62 ? 134 ARG A CZ  1 
ATOM   1056 N  NH1 . ARG A 1 134 ? -5.622  -11.028 7.468   1.00 31.35 ? 134 ARG A NH1 1 
ATOM   1057 N  NH2 . ARG A 1 134 ? -5.596  -12.897 8.818   1.00 32.61 ? 134 ARG A NH2 1 
ATOM   1058 N  N   . MET A 1 135 ? 1.180   -6.454  10.503  1.00 27.35 ? 135 MET A N   1 
ATOM   1059 C  CA  . MET A 1 135 ? 2.125   -5.345  10.224  1.00 26.61 ? 135 MET A CA  1 
ATOM   1060 C  C   . MET A 1 135 ? 3.484   -5.941  9.904   1.00 25.75 ? 135 MET A C   1 
ATOM   1061 O  O   . MET A 1 135 ? 3.892   -6.926  10.539  1.00 26.24 ? 135 MET A O   1 
ATOM   1062 C  CB  . MET A 1 135 ? 2.288   -4.421  11.452  1.00 28.49 ? 135 MET A CB  1 
ATOM   1063 C  CG  . MET A 1 135 ? 1.085   -3.624  11.917  1.00 30.43 ? 135 MET A CG  1 
ATOM   1064 S  SD  . MET A 1 135 ? 0.622   -2.285  10.867  1.00 33.90 ? 135 MET A SD  1 
ATOM   1065 C  CE  . MET A 1 135 ? -0.520  -3.097  9.756   1.00 29.43 ? 135 MET A CE  1 
ATOM   1066 N  N   . LEU A 1 136 ? 4.190   -5.335  8.959   1.00 20.92 ? 136 LEU A N   1 
ATOM   1067 C  CA  . LEU A 1 136 ? 5.515   -5.722  8.553   1.00 23.89 ? 136 LEU A CA  1 
ATOM   1068 C  C   . LEU A 1 136 ? 6.322   -4.512  8.987   1.00 25.05 ? 136 LEU A C   1 
ATOM   1069 O  O   . LEU A 1 136 ? 5.979   -3.402  8.624   1.00 24.29 ? 136 LEU A O   1 
ATOM   1070 C  CB  . LEU A 1 136 ? 5.615   -5.861  7.042   1.00 21.91 ? 136 LEU A CB  1 
ATOM   1071 C  CG  . LEU A 1 136 ? 4.611   -6.891  6.529   1.00 23.98 ? 136 LEU A CG  1 
ATOM   1072 C  CD1 . LEU A 1 136 ? 4.626   -6.921  5.023   1.00 24.08 ? 136 LEU A CD1 1 
ATOM   1073 C  CD2 . LEU A 1 136 ? 4.956   -8.272  7.109   1.00 23.08 ? 136 LEU A CD2 1 
ATOM   1074 N  N   . MET A 1 137 ? 7.403   -4.738  9.712   1.00 23.94 ? 137 MET A N   1 
ATOM   1075 C  CA  . MET A 1 137 ? 8.183   -3.598  10.237  1.00 24.58 ? 137 MET A CA  1 
ATOM   1076 C  C   . MET A 1 137 ? 9.537   -3.503  9.614   1.00 23.17 ? 137 MET A C   1 
ATOM   1077 O  O   . MET A 1 137 ? 10.156  -4.512  9.253   1.00 22.95 ? 137 MET A O   1 
ATOM   1078 C  CB  . MET A 1 137 ? 8.322   -3.710  11.785  1.00 24.58 ? 137 MET A CB  1 
ATOM   1079 C  CG  . MET A 1 137 ? 9.125   -2.539  12.467  1.00 26.26 ? 137 MET A CG  1 
ATOM   1080 S  SD  . MET A 1 137 ? 10.924  -2.684  12.418  1.00 28.39 ? 137 MET A SD  1 
ATOM   1081 C  CE  . MET A 1 137 ? 11.200  -4.083  13.432  1.00 29.52 ? 137 MET A CE  1 
ATOM   1082 N  N   . TYR A 1 138 ? 9.985   -2.271  9.429   1.00 23.97 ? 138 TYR A N   1 
ATOM   1083 C  CA  . TYR A 1 138 ? 11.284  -1.990  8.890   1.00 24.81 ? 138 TYR A CA  1 
ATOM   1084 C  C   . TYR A 1 138 ? 11.764  -0.761  9.650   1.00 27.55 ? 138 TYR A C   1 
ATOM   1085 O  O   . TYR A 1 138 ? 10.966  0.102   10.045  1.00 24.48 ? 138 TYR A O   1 
ATOM   1086 C  CB  . TYR A 1 138 ? 11.313  -1.776  7.343   1.00 26.02 ? 138 TYR A CB  1 
ATOM   1087 C  CG  . TYR A 1 138 ? 10.030  -1.219  6.752   1.00 23.44 ? 138 TYR A CG  1 
ATOM   1088 C  CD1 . TYR A 1 138 ? 8.901   -2.021  6.636   1.00 25.26 ? 138 TYR A CD1 1 
ATOM   1089 C  CD2 . TYR A 1 138 ? 9.929   0.132   6.414   1.00 20.96 ? 138 TYR A CD2 1 
ATOM   1090 C  CE1 . TYR A 1 138 ? 7.687   -1.484  6.210   1.00 21.79 ? 138 TYR A CE1 1 
ATOM   1091 C  CE2 . TYR A 1 138 ? 8.695   0.695   5.991   1.00 21.77 ? 138 TYR A CE2 1 
ATOM   1092 C  CZ  . TYR A 1 138 ? 7.587   -0.134  5.902   1.00 22.12 ? 138 TYR A CZ  1 
ATOM   1093 O  OH  . TYR A 1 138 ? 6.349   0.372   5.524   1.00 23.25 ? 138 TYR A OH  1 
ATOM   1094 N  N   . ASN A 1 139 ? 13.073  -0.723  9.865   1.00 29.49 ? 139 ASN A N   1 
ATOM   1095 C  CA  . ASN A 1 139 ? 13.740  0.347   10.595  1.00 34.60 ? 139 ASN A CA  1 
ATOM   1096 C  C   . ASN A 1 139 ? 14.144  1.514   9.759   1.00 37.96 ? 139 ASN A C   1 
ATOM   1097 O  O   . ASN A 1 139 ? 15.335  1.561   9.353   1.00 40.59 ? 139 ASN A O   1 
ATOM   1098 C  CB  . ASN A 1 139 ? 15.012  -0.195  11.259  1.00 35.88 ? 139 ASN A CB  1 
ATOM   1099 C  CG  . ASN A 1 139 ? 14.713  -1.045  12.455  1.00 38.41 ? 139 ASN A CG  1 
ATOM   1100 O  OD1 . ASN A 1 139 ? 14.875  -2.287  12.412  1.00 41.51 ? 139 ASN A OD1 1 
ATOM   1101 N  ND2 . ASN A 1 139 ? 14.256  -0.405  13.549  1.00 39.07 ? 139 ASN A ND2 1 
ATOM   1102 N  N   . PHE A 1 140 ? 13.222  2.466   9.488   1.00 39.58 ? 140 PHE A N   1 
ATOM   1103 C  CA  . PHE A 1 140 ? 13.526  3.669   8.654   1.00 42.42 ? 140 PHE A CA  1 
ATOM   1104 C  C   . PHE A 1 140 ? 12.758  4.854   9.180   1.00 44.30 ? 140 PHE A C   1 
ATOM   1105 O  O   . PHE A 1 140 ? 11.596  4.742   9.534   1.00 45.53 ? 140 PHE A O   1 
ATOM   1106 C  CB  . PHE A 1 140 ? 13.111  3.463   7.163   1.00 43.62 ? 140 PHE A CB  1 
ATOM   1107 C  CG  . PHE A 1 140 ? 13.718  4.431   6.188   1.00 42.48 ? 140 PHE A CG  1 
ATOM   1108 C  CD1 . PHE A 1 140 ? 14.969  4.187   5.635   1.00 42.56 ? 140 PHE A CD1 1 
ATOM   1109 C  CD2 . PHE A 1 140 ? 13.055  5.621   5.857   1.00 42.95 ? 140 PHE A CD2 1 
ATOM   1110 C  CE1 . PHE A 1 140 ? 15.550  5.118   4.776   1.00 42.66 ? 140 PHE A CE1 1 
ATOM   1111 C  CE2 . PHE A 1 140 ? 13.625  6.549   5.009   1.00 42.78 ? 140 PHE A CE2 1 
ATOM   1112 C  CZ  . PHE A 1 140 ? 14.870  6.300   4.471   1.00 43.35 ? 140 PHE A CZ  1 
ATOM   1113 N  N   . PRO A 1 141 ? 13.427  6.011   9.267   1.00 46.29 ? 141 PRO A N   1 
ATOM   1114 C  CA  . PRO A 1 141 ? 12.824  7.262   9.740   1.00 48.17 ? 141 PRO A CA  1 
ATOM   1115 C  C   . PRO A 1 141 ? 11.748  7.624   8.716   1.00 49.64 ? 141 PRO A C   1 
ATOM   1116 O  O   . PRO A 1 141 ? 11.883  8.566   7.931   1.00 50.99 ? 141 PRO A O   1 
ATOM   1117 C  CB  . PRO A 1 141 ? 13.984  8.236   9.712   1.00 46.85 ? 141 PRO A CB  1 
ATOM   1118 C  CG  . PRO A 1 141 ? 14.795  7.741   8.577   1.00 47.07 ? 141 PRO A CG  1 
ATOM   1119 C  CD  . PRO A 1 141 ? 14.804  6.239   8.805   1.00 46.31 ? 141 PRO A CD  1 
ATOM   1120 N  N   . THR A 1 142 ? 10.678  6.850   8.717   1.00 50.74 ? 142 THR A N   1 
ATOM   1121 C  CA  . THR A 1 142 ? 9.606   7.059   7.758   1.00 51.09 ? 142 THR A CA  1 
ATOM   1122 C  C   . THR A 1 142 ? 8.682   8.223   8.188   1.00 52.11 ? 142 THR A C   1 
ATOM   1123 O  O   . THR A 1 142 ? 8.639   8.569   9.373   1.00 51.58 ? 142 THR A O   1 
ATOM   1124 C  CB  . THR A 1 142 ? 8.874   5.696   7.576   1.00 49.96 ? 142 THR A CB  1 
ATOM   1125 O  OG1 . THR A 1 142 ? 8.852   5.352   6.191   1.00 50.17 ? 142 THR A OG1 1 
ATOM   1126 C  CG2 . THR A 1 142 ? 7.521   5.702   8.163   1.00 48.63 ? 142 THR A CG2 1 
ATOM   1127 N  N   . ARG A 1 143 ? 7.991   8.843   7.216   1.00 52.82 ? 143 ARG A N   1 
ATOM   1128 C  CA  . ARG A 1 143 ? 7.065   9.963   7.480   1.00 53.42 ? 143 ARG A CA  1 
ATOM   1129 C  C   . ARG A 1 143 ? 5.771   9.825   6.690   1.00 52.75 ? 143 ARG A C   1 
ATOM   1130 O  O   . ARG A 1 143 ? 5.645   8.978   5.804   1.00 52.60 ? 143 ARG A O   1 
ATOM   1131 C  CB  . ARG A 1 143 ? 7.677   11.335  7.106   1.00 54.77 ? 143 ARG A CB  1 
ATOM   1132 C  CG  . ARG A 1 143 ? 8.918   11.727  7.872   1.00 56.84 ? 143 ARG A CG  1 
ATOM   1133 C  CD  . ARG A 1 143 ? 10.143  10.999  7.339   1.00 59.66 ? 143 ARG A CD  1 
ATOM   1134 N  NE  . ARG A 1 143 ? 11.320  11.189  8.190   1.00 61.75 ? 143 ARG A NE  1 
ATOM   1135 C  CZ  . ARG A 1 143 ? 11.404  10.779  9.455   1.00 61.94 ? 143 ARG A CZ  1 
ATOM   1136 N  NH1 . ARG A 1 143 ? 10.385  10.150  10.030  1.00 62.39 ? 143 ARG A NH1 1 
ATOM   1137 N  NH2 . ARG A 1 143 ? 12.506  11.014  10.152  1.00 62.42 ? 143 ARG A NH2 1 
ATOM   1138 N  N   . ALA A 1 144 ? 4.801   10.665  7.031   1.00 51.90 ? 144 ALA A N   1 
ATOM   1139 C  CA  . ALA A 1 144 ? 3.530   10.670  6.320   1.00 51.07 ? 144 ALA A CA  1 
ATOM   1140 C  C   . ALA A 1 144 ? 3.891   11.174  4.920   1.00 50.09 ? 144 ALA A C   1 
ATOM   1141 O  O   . ALA A 1 144 ? 4.943   11.791  4.709   1.00 50.65 ? 144 ALA A O   1 
ATOM   1142 C  CB  . ALA A 1 144 ? 2.546   11.616  7.004   1.00 51.46 ? 144 ALA A CB  1 
ATOM   1143 N  N   . GLY A 1 145 ? 3.033   10.939  3.955   1.00 48.89 ? 145 GLY A N   1 
ATOM   1144 C  CA  . GLY A 1 145 ? 3.401   11.370  2.623   1.00 46.54 ? 145 GLY A CA  1 
ATOM   1145 C  C   . GLY A 1 145 ? 4.078   10.153  2.026   1.00 44.72 ? 145 GLY A C   1 
ATOM   1146 O  O   . GLY A 1 145 ? 4.372   10.089  0.832   1.00 45.02 ? 145 GLY A O   1 
ATOM   1147 N  N   . GLN A 1 146 ? 4.332   9.173   2.886   1.00 41.83 ? 146 GLN A N   1 
ATOM   1148 C  CA  . GLN A 1 146 ? 4.913   7.940   2.415   1.00 38.55 ? 146 GLN A CA  1 
ATOM   1149 C  C   . GLN A 1 146 ? 3.799   6.934   2.579   1.00 34.77 ? 146 GLN A C   1 
ATOM   1150 O  O   . GLN A 1 146 ? 3.886   5.769   2.130   1.00 29.17 ? 146 GLN A O   1 
ATOM   1151 C  CB  . GLN A 1 146 ? 6.140   7.626   3.233   1.00 40.68 ? 146 GLN A CB  1 
ATOM   1152 C  CG  . GLN A 1 146 ? 6.944   8.910   3.324   1.00 44.10 ? 146 GLN A CG  1 
ATOM   1153 C  CD  . GLN A 1 146 ? 8.401   8.694   3.602   1.00 43.87 ? 146 GLN A CD  1 
ATOM   1154 O  OE1 . GLN A 1 146 ? 8.753   7.985   4.525   1.00 46.23 ? 146 GLN A OE1 1 
ATOM   1155 N  NE2 . GLN A 1 146 ? 9.256   9.330   2.821   1.00 44.57 ? 146 GLN A NE2 1 
ATOM   1156 N  N   . CYS A 1 147 ? 2.697   7.395   3.156   1.00 31.57 ? 147 CYS A N   1 
ATOM   1157 C  CA  . CYS A 1 147 ? 1.630   6.437   3.315   1.00 30.26 ? 147 CYS A CA  1 
ATOM   1158 C  C   . CYS A 1 147 ? 1.157   5.955   1.979   1.00 26.66 ? 147 CYS A C   1 
ATOM   1159 O  O   . CYS A 1 147 ? 1.047   6.739   1.062   1.00 28.30 ? 147 CYS A O   1 
ATOM   1160 C  CB  . CYS A 1 147 ? 0.475   7.003   4.162   1.00 31.38 ? 147 CYS A CB  1 
ATOM   1161 S  SG  . CYS A 1 147 ? 1.060   6.857   5.851   1.00 36.20 ? 147 CYS A SG  1 
ATOM   1162 N  N   . GLY A 1 148 ? 0.893   4.657   1.892   1.00 24.71 ? 148 GLY A N   1 
ATOM   1163 C  CA  . GLY A 1 148 ? 0.425   4.058   0.661   1.00 23.27 ? 148 GLY A CA  1 
ATOM   1164 C  C   . GLY A 1 148 ? 1.612   3.584   -0.146  1.00 24.27 ? 148 GLY A C   1 
ATOM   1165 O  O   . GLY A 1 148 ? 1.427   2.913   -1.199  1.00 23.45 ? 148 GLY A O   1 
ATOM   1166 N  N   . GLY A 1 149 ? 2.816   3.964   0.312   1.00 19.18 ? 149 GLY A N   1 
ATOM   1167 C  CA  . GLY A 1 149 ? 4.009   3.529   -0.408  1.00 18.08 ? 149 GLY A CA  1 
ATOM   1168 C  C   . GLY A 1 149 ? 3.917   2.031   -0.617  1.00 17.76 ? 149 GLY A C   1 
ATOM   1169 O  O   . GLY A 1 149 ? 3.339   1.333   0.206   1.00 19.63 ? 149 GLY A O   1 
ATOM   1170 N  N   . VAL A 1 150 ? 4.533   1.516   -1.661  1.00 16.35 ? 150 VAL A N   1 
ATOM   1171 C  CA  . VAL A 1 150 ? 4.472   0.074   -1.937  1.00 16.11 ? 150 VAL A CA  1 
ATOM   1172 C  C   . VAL A 1 150 ? 5.791   -0.600  -1.521  1.00 17.77 ? 150 VAL A C   1 
ATOM   1173 O  O   . VAL A 1 150 ? 6.870   -0.248  -2.047  1.00 18.90 ? 150 VAL A O   1 
ATOM   1174 C  CB  . VAL A 1 150 ? 4.158   -0.107  -3.431  1.00 17.12 ? 150 VAL A CB  1 
ATOM   1175 C  CG1 . VAL A 1 150 ? 4.005   -1.619  -3.805  1.00 18.66 ? 150 VAL A CG1 1 
ATOM   1176 C  CG2 . VAL A 1 150 ? 2.869   0.683   -3.737  1.00 19.26 ? 150 VAL A CG2 1 
ATOM   1177 N  N   . LEU A 1 151 ? 5.692   -1.536  -0.579  1.00 15.71 ? 151 LEU A N   1 
ATOM   1178 C  CA  . LEU A 1 151 ? 6.829   -2.311  -0.082  1.00 16.92 ? 151 LEU A CA  1 
ATOM   1179 C  C   . LEU A 1 151 ? 7.054   -3.580  -0.963  1.00 17.81 ? 151 LEU A C   1 
ATOM   1180 O  O   . LEU A 1 151 ? 6.207   -4.461  -1.073  1.00 19.59 ? 151 LEU A O   1 
ATOM   1181 C  CB  . LEU A 1 151 ? 6.582   -2.698  1.399   1.00 17.48 ? 151 LEU A CB  1 
ATOM   1182 C  CG  . LEU A 1 151 ? 7.687   -3.453  2.175   1.00 19.36 ? 151 LEU A CG  1 
ATOM   1183 C  CD1 . LEU A 1 151 ? 8.867   -2.478  2.293   1.00 19.82 ? 151 LEU A CD1 1 
ATOM   1184 C  CD2 . LEU A 1 151 ? 7.247   -3.895  3.525   1.00 20.61 ? 151 LEU A CD2 1 
ATOM   1185 N  N   . MET A 1 152 ? 8.246   -3.717  -1.493  1.00 17.94 ? 152 MET A N   1 
ATOM   1186 C  CA  . MET A 1 152 ? 8.510   -4.808  -2.452  1.00 18.73 ? 152 MET A CA  1 
ATOM   1187 C  C   . MET A 1 152 ? 9.890   -5.414  -2.273  1.00 22.39 ? 152 MET A C   1 
ATOM   1188 O  O   . MET A 1 152 ? 10.766  -4.829  -1.642  1.00 21.96 ? 152 MET A O   1 
ATOM   1189 C  CB  . MET A 1 152 ? 8.473   -4.252  -3.879  1.00 18.12 ? 152 MET A CB  1 
ATOM   1190 C  CG  . MET A 1 152 ? 7.051   -3.855  -4.416  1.00 19.53 ? 152 MET A CG  1 
ATOM   1191 S  SD  . MET A 1 152 ? 6.985   -3.009  -5.963  1.00 20.80 ? 152 MET A SD  1 
ATOM   1192 C  CE  . MET A 1 152 ? 7.181   -1.314  -5.502  1.00 19.57 ? 152 MET A CE  1 
ATOM   1193 N  N   . SER A 1 153 ? 10.033  -6.614  -2.833  1.00 24.05 ? 153 SER A N   1 
ATOM   1194 C  CA  . SER A 1 153 ? 11.328  -7.293  -2.945  1.00 26.01 ? 153 SER A CA  1 
ATOM   1195 C  C   . SER A 1 153 ? 11.287  -7.920  -4.343  1.00 25.98 ? 153 SER A C   1 
ATOM   1196 O  O   . SER A 1 153 ? 10.283  -7.835  -5.068  1.00 25.83 ? 153 SER A O   1 
ATOM   1197 C  CB  . SER A 1 153 ? 11.564  -8.311  -1.839  1.00 27.62 ? 153 SER A CB  1 
ATOM   1198 O  OG  . SER A 1 153 ? 10.552  -9.314  -1.777  1.00 29.40 ? 153 SER A OG  1 
ATOM   1199 N  N   . THR A 1 154 ? 12.371  -8.529  -4.797  1.00 24.63 ? 154 THR A N   1 
ATOM   1200 C  CA  . THR A 1 154 ? 12.303  -9.008  -6.151  1.00 26.83 ? 154 THR A CA  1 
ATOM   1201 C  C   . THR A 1 154 ? 11.190  -10.010 -6.407  1.00 25.31 ? 154 THR A C   1 
ATOM   1202 O  O   . THR A 1 154 ? 11.131  -11.051 -5.755  1.00 26.63 ? 154 THR A O   1 
ATOM   1203 C  CB  . THR A 1 154 ? 13.646  -9.610  -6.599  1.00 28.37 ? 154 THR A CB  1 
ATOM   1204 O  OG1 . THR A 1 154 ? 14.593  -8.548  -6.805  1.00 31.72 ? 154 THR A OG1 1 
ATOM   1205 C  CG2 . THR A 1 154 ? 13.482  -10.265 -7.908  1.00 29.71 ? 154 THR A CG2 1 
ATOM   1206 N  N   . GLY A 1 155 ? 10.337  -9.668  -7.371  1.00 24.05 ? 155 GLY A N   1 
ATOM   1207 C  CA  . GLY A 1 155 ? 9.191   -10.462 -7.751  1.00 24.25 ? 155 GLY A CA  1 
ATOM   1208 C  C   . GLY A 1 155 ? 8.148   -10.561 -6.656  1.00 23.15 ? 155 GLY A C   1 
ATOM   1209 O  O   . GLY A 1 155 ? 7.317   -11.450 -6.700  1.00 22.50 ? 155 GLY A O   1 
ATOM   1210 N  N   . LYS A 1 156 ? 8.189   -9.690  -5.641  1.00 20.57 ? 156 LYS A N   1 
ATOM   1211 C  CA  . LYS A 1 156 ? 7.173   -9.762  -4.598  1.00 19.71 ? 156 LYS A CA  1 
ATOM   1212 C  C   . LYS A 1 156 ? 6.628   -8.400  -4.176  1.00 20.18 ? 156 LYS A C   1 
ATOM   1213 O  O   . LYS A 1 156 ? 7.427   -7.454  -3.981  1.00 20.35 ? 156 LYS A O   1 
ATOM   1214 C  CB  . LYS A 1 156 ? 7.714   -10.412 -3.309  1.00 21.48 ? 156 LYS A CB  1 
ATOM   1215 C  CG  . LYS A 1 156 ? 8.385   -11.764 -3.499  1.00 21.65 ? 156 LYS A CG  1 
ATOM   1216 C  CD  . LYS A 1 156 ? 8.893   -12.294 -2.189  1.00 26.86 ? 156 LYS A CD  1 
ATOM   1217 C  CE  . LYS A 1 156 ? 9.986   -13.334 -2.543  1.00 28.99 ? 156 LYS A CE  1 
ATOM   1218 N  NZ  . LYS A 1 156 ? 9.841   -14.394 -1.552  1.00 32.57 ? 156 LYS A NZ  1 
ATOM   1219 N  N   . VAL A 1 157 ? 5.290   -8.290  -4.071  1.00 17.87 ? 157 VAL A N   1 
ATOM   1220 C  CA  . VAL A 1 157 ? 4.695   -7.056  -3.544  1.00 18.47 ? 157 VAL A CA  1 
ATOM   1221 C  C   . VAL A 1 157 ? 4.313   -7.475  -2.125  1.00 17.91 ? 157 VAL A C   1 
ATOM   1222 O  O   . VAL A 1 157 ? 3.452   -8.297  -1.911  1.00 20.23 ? 157 VAL A O   1 
ATOM   1223 C  CB  . VAL A 1 157 ? 3.473   -6.591  -4.374  1.00 14.99 ? 157 VAL A CB  1 
ATOM   1224 C  CG1 . VAL A 1 157 ? 2.742   -5.418  -3.623  1.00 18.36 ? 157 VAL A CG1 1 
ATOM   1225 C  CG2 . VAL A 1 157 ? 3.972   -6.185  -5.764  1.00 16.13 ? 157 VAL A CG2 1 
ATOM   1226 N  N   . LEU A 1 158 ? 4.991   -6.910  -1.117  1.00 18.10 ? 158 LEU A N   1 
ATOM   1227 C  CA  . LEU A 1 158 ? 4.816   -7.339  0.246   1.00 18.05 ? 158 LEU A CA  1 
ATOM   1228 C  C   . LEU A 1 158 ? 3.725   -6.617  1.034   1.00 17.83 ? 158 LEU A C   1 
ATOM   1229 O  O   . LEU A 1 158 ? 3.094   -7.226  1.873   1.00 19.39 ? 158 LEU A O   1 
ATOM   1230 C  CB  . LEU A 1 158 ? 6.155   -7.167  1.001   1.00 18.26 ? 158 LEU A CB  1 
ATOM   1231 C  CG  . LEU A 1 158 ? 7.433   -7.801  0.454   1.00 21.73 ? 158 LEU A CG  1 
ATOM   1232 C  CD1 . LEU A 1 158 ? 8.656   -7.233  1.255   1.00 24.82 ? 158 LEU A CD1 1 
ATOM   1233 C  CD2 . LEU A 1 158 ? 7.340   -9.274  0.636   1.00 24.68 ? 158 LEU A CD2 1 
ATOM   1234 N  N   . GLY A 1 159 ? 3.534   -5.320  0.795   1.00 16.06 ? 159 GLY A N   1 
ATOM   1235 C  CA  . GLY A 1 159 ? 2.552   -4.583  1.570   1.00 17.91 ? 159 GLY A CA  1 
ATOM   1236 C  C   . GLY A 1 159 ? 2.502   -3.130  1.195   1.00 15.49 ? 159 GLY A C   1 
ATOM   1237 O  O   . GLY A 1 159 ? 3.227   -2.762  0.270   1.00 16.86 ? 159 GLY A O   1 
ATOM   1238 N  N   . ILE A 1 160 ? 1.680   -2.334  1.915   1.00 16.68 ? 160 ILE A N   1 
ATOM   1239 C  CA  . ILE A 1 160 ? 1.448   -0.907  1.665   1.00 18.46 ? 160 ILE A CA  1 
ATOM   1240 C  C   . ILE A 1 160 ? 1.836   -0.171  2.981   1.00 15.29 ? 160 ILE A C   1 
ATOM   1241 O  O   . ILE A 1 160 ? 1.428   -0.598  4.074   1.00 15.70 ? 160 ILE A O   1 
ATOM   1242 C  CB  . ILE A 1 160 ? -0.118  -0.654  1.483   1.00 18.17 ? 160 ILE A CB  1 
ATOM   1243 C  CG1 . ILE A 1 160 ? -0.620  -1.444  0.280   1.00 23.49 ? 160 ILE A CG1 1 
ATOM   1244 C  CG2 . ILE A 1 160 ? -0.419  0.768   1.359   1.00 25.95 ? 160 ILE A CG2 1 
ATOM   1245 C  CD1 . ILE A 1 160 ? -0.008  -0.950  -1.042  1.00 22.17 ? 160 ILE A CD1 1 
ATOM   1246 N  N   . HIS A 1 161 ? 2.601   0.902   2.840   1.00 16.75 ? 161 HIS A N   1 
ATOM   1247 C  CA  . HIS A 1 161 ? 3.011   1.672   3.996   1.00 16.06 ? 161 HIS A CA  1 
ATOM   1248 C  C   . HIS A 1 161 ? 1.849   2.395   4.665   1.00 19.51 ? 161 HIS A C   1 
ATOM   1249 O  O   . HIS A 1 161 ? 1.172   3.183   4.002   1.00 19.42 ? 161 HIS A O   1 
ATOM   1250 C  CB  . HIS A 1 161 ? 4.113   2.647   3.599   1.00 18.81 ? 161 HIS A CB  1 
ATOM   1251 C  CG  . HIS A 1 161 ? 4.670   3.410   4.761   1.00 19.83 ? 161 HIS A CG  1 
ATOM   1252 N  ND1 . HIS A 1 161 ? 5.679   2.930   5.572   1.00 19.97 ? 161 HIS A ND1 1 
ATOM   1253 C  CD2 . HIS A 1 161 ? 4.357   4.639   5.244   1.00 22.12 ? 161 HIS A CD2 1 
ATOM   1254 C  CE1 . HIS A 1 161 ? 5.967   3.818   6.505   1.00 20.00 ? 161 HIS A CE1 1 
ATOM   1255 N  NE2 . HIS A 1 161 ? 5.176   4.871   6.336   1.00 22.33 ? 161 HIS A NE2 1 
ATOM   1256 N  N   . VAL A 1 162 ? 1.626   2.142   5.958   1.00 18.17 ? 162 VAL A N   1 
ATOM   1257 C  CA  . VAL A 1 162 ? 0.499   2.758   6.642   1.00 19.46 ? 162 VAL A CA  1 
ATOM   1258 C  C   . VAL A 1 162 ? 0.826   3.556   7.871   1.00 21.14 ? 162 VAL A C   1 
ATOM   1259 O  O   . VAL A 1 162 ? -0.052  4.161   8.466   1.00 21.52 ? 162 VAL A O   1 
ATOM   1260 C  CB  . VAL A 1 162 ? -0.561  1.690   7.026   1.00 19.68 ? 162 VAL A CB  1 
ATOM   1261 C  CG1 . VAL A 1 162 ? -1.031  0.976   5.757   1.00 21.28 ? 162 VAL A CG1 1 
ATOM   1262 C  CG2 . VAL A 1 162 ? -0.023  0.678   8.021   1.00 20.57 ? 162 VAL A CG2 1 
ATOM   1263 N  N   . GLY A 1 163 ? 2.081   3.584   8.267   1.00 22.85 ? 163 GLY A N   1 
ATOM   1264 C  CA  . GLY A 1 163 ? 2.348   4.343   9.470   1.00 23.21 ? 163 GLY A CA  1 
ATOM   1265 C  C   . GLY A 1 163 ? 3.780   4.227   9.898   1.00 23.23 ? 163 GLY A C   1 
ATOM   1266 O  O   . GLY A 1 163 ? 4.557   3.533   9.279   1.00 19.88 ? 163 GLY A O   1 
ATOM   1267 N  N   . GLY A 1 164 ? 4.108   4.879   11.009  1.00 25.31 ? 164 GLY A N   1 
ATOM   1268 C  CA  . GLY A 1 164 ? 5.477   4.870   11.479  1.00 26.40 ? 164 GLY A CA  1 
ATOM   1269 C  C   . GLY A 1 164 ? 5.464   5.575   12.827  1.00 29.12 ? 164 GLY A C   1 
ATOM   1270 O  O   . GLY A 1 164 ? 4.443   6.188   13.214  1.00 30.01 ? 164 GLY A O   1 
ATOM   1271 N  N   . ASN A 1 165 ? 6.553   5.450   13.566  1.00 28.01 ? 165 ASN A N   1 
ATOM   1272 C  CA  . ASN A 1 165 ? 6.601   6.070   14.899  1.00 28.92 ? 165 ASN A CA  1 
ATOM   1273 C  C   . ASN A 1 165 ? 7.759   7.007   14.958  1.00 29.16 ? 165 ASN A C   1 
ATOM   1274 O  O   . ASN A 1 165 ? 8.207   7.382   16.038  1.00 31.34 ? 165 ASN A O   1 
ATOM   1275 C  CB  . ASN A 1 165 ? 6.727   4.982   15.982  1.00 28.41 ? 165 ASN A CB  1 
ATOM   1276 C  CG  . ASN A 1 165 ? 7.803   4.010   15.659  1.00 26.23 ? 165 ASN A CG  1 
ATOM   1277 O  OD1 . ASN A 1 165 ? 8.757   4.370   14.985  1.00 27.12 ? 165 ASN A OD1 1 
ATOM   1278 N  ND2 . ASN A 1 165 ? 7.657   2.779   16.096  1.00 30.09 ? 165 ASN A ND2 1 
ATOM   1279 N  N   . GLY A 1 166 ? 8.216   7.407   13.783  1.00 29.04 ? 166 GLY A N   1 
ATOM   1280 C  CA  . GLY A 1 166 ? 9.339   8.315   13.659  1.00 29.68 ? 166 GLY A CA  1 
ATOM   1281 C  C   . GLY A 1 166 ? 10.627  7.561   13.536  1.00 28.77 ? 166 GLY A C   1 
ATOM   1282 O  O   . GLY A 1 166 ? 11.580  8.116   13.063  1.00 29.95 ? 166 GLY A O   1 
ATOM   1283 N  N   . HIS A 1 167 ? 10.661  6.279   13.919  1.00 29.25 ? 167 HIS A N   1 
ATOM   1284 C  CA  . HIS A 1 167 ? 11.901  5.496   13.806  1.00 27.05 ? 167 HIS A CA  1 
ATOM   1285 C  C   . HIS A 1 167 ? 11.765  4.207   12.951  1.00 25.68 ? 167 HIS A C   1 
ATOM   1286 O  O   . HIS A 1 167 ? 12.703  3.799   12.252  1.00 24.65 ? 167 HIS A O   1 
ATOM   1287 C  CB  . HIS A 1 167 ? 12.352  5.081   15.180  1.00 27.08 ? 167 HIS A CB  1 
ATOM   1288 C  CG  . HIS A 1 167 ? 12.426  6.216   16.147  1.00 27.42 ? 167 HIS A CG  1 
ATOM   1289 N  ND1 . HIS A 1 167 ? 13.348  7.223   16.028  1.00 28.80 ? 167 HIS A ND1 1 
ATOM   1290 C  CD2 . HIS A 1 167 ? 11.667  6.518   17.221  1.00 28.85 ? 167 HIS A CD2 1 
ATOM   1291 C  CE1 . HIS A 1 167 ? 13.149  8.113   16.986  1.00 25.03 ? 167 HIS A CE1 1 
ATOM   1292 N  NE2 . HIS A 1 167 ? 12.132  7.708   17.723  1.00 28.29 ? 167 HIS A NE2 1 
ATOM   1293 N  N   . GLN A 1 168 ? 10.617  3.567   13.076  1.00 25.14 ? 168 GLN A N   1 
ATOM   1294 C  CA  . GLN A 1 168 ? 10.299  2.358   12.304  1.00 23.89 ? 168 GLN A CA  1 
ATOM   1295 C  C   . GLN A 1 168 ? 9.094   2.731   11.426  1.00 23.39 ? 168 GLN A C   1 
ATOM   1296 O  O   . GLN A 1 168 ? 8.394   3.689   11.715  1.00 23.93 ? 168 GLN A O   1 
ATOM   1297 C  CB  . GLN A 1 168 ? 9.914   1.231   13.257  1.00 22.65 ? 168 GLN A CB  1 
ATOM   1298 C  CG  . GLN A 1 168 ? 10.994  0.922   14.291  1.00 26.97 ? 168 GLN A CG  1 
ATOM   1299 C  CD  . GLN A 1 168 ? 10.465  0.077   15.424  1.00 26.48 ? 168 GLN A CD  1 
ATOM   1300 O  OE1 . GLN A 1 168 ? 9.362   0.293   15.913  1.00 27.20 ? 168 GLN A OE1 1 
ATOM   1301 N  NE2 . GLN A 1 168 ? 11.270  -0.888  15.877  1.00 28.59 ? 168 GLN A NE2 1 
ATOM   1302 N  N   . GLY A 1 169 ? 8.910   2.013   10.316  1.00 22.56 ? 169 GLY A N   1 
ATOM   1303 C  CA  . GLY A 1 169 ? 7.765   2.268   9.460   1.00 21.00 ? 169 GLY A CA  1 
ATOM   1304 C  C   . GLY A 1 169 ? 7.035   0.933   9.411   1.00 21.83 ? 169 GLY A C   1 
ATOM   1305 O  O   . GLY A 1 169 ? 7.620   -0.122  9.658   1.00 21.39 ? 169 GLY A O   1 
ATOM   1306 N  N   . PHE A 1 170 ? 5.748   0.970   9.117   1.00 20.39 ? 170 PHE A N   1 
ATOM   1307 C  CA  . PHE A 1 170 ? 4.993   -0.262  9.133   1.00 20.51 ? 170 PHE A CA  1 
ATOM   1308 C  C   . PHE A 1 170 ? 4.130   -0.351  7.883   1.00 20.08 ? 170 PHE A C   1 
ATOM   1309 O  O   . PHE A 1 170 ? 3.581   0.658   7.437   1.00 18.57 ? 170 PHE A O   1 
ATOM   1310 C  CB  . PHE A 1 170 ? 4.072   -0.211  10.355  1.00 20.31 ? 170 PHE A CB  1 
ATOM   1311 C  CG  . PHE A 1 170 ? 4.802   -0.127  11.651  1.00 20.53 ? 170 PHE A CG  1 
ATOM   1312 C  CD1 . PHE A 1 170 ? 5.079   1.101   12.227  1.00 23.32 ? 170 PHE A CD1 1 
ATOM   1313 C  CD2 . PHE A 1 170 ? 5.233   -1.290  12.276  1.00 23.38 ? 170 PHE A CD2 1 
ATOM   1314 C  CE1 . PHE A 1 170 ? 5.775   1.147   13.442  1.00 22.36 ? 170 PHE A CE1 1 
ATOM   1315 C  CE2 . PHE A 1 170 ? 5.926   -1.257  13.457  1.00 22.93 ? 170 PHE A CE2 1 
ATOM   1316 C  CZ  . PHE A 1 170 ? 6.190   -0.014  14.046  1.00 25.41 ? 170 PHE A CZ  1 
ATOM   1317 N  N   . SER A 1 171 ? 4.035   -1.553  7.334   1.00 18.39 ? 171 SER A N   1 
ATOM   1318 C  CA  . SER A 1 171 ? 3.201   -1.796  6.179   1.00 18.75 ? 171 SER A CA  1 
ATOM   1319 C  C   . SER A 1 171 ? 2.193   -2.842  6.506   1.00 20.10 ? 171 SER A C   1 
ATOM   1320 O  O   . SER A 1 171 ? 2.457   -3.772  7.284   1.00 21.54 ? 171 SER A O   1 
ATOM   1321 C  CB  . SER A 1 171 ? 3.966   -2.338  4.997   1.00 18.05 ? 171 SER A CB  1 
ATOM   1322 O  OG  . SER A 1 171 ? 4.689   -1.372  4.288   1.00 17.85 ? 171 SER A OG  1 
ATOM   1323 N  N   . ALA A 1 172 ? 0.995   -2.649  5.967   1.00 18.65 ? 172 ALA A N   1 
ATOM   1324 C  CA  . ALA A 1 172 ? -0.054  -3.639  6.082   1.00 18.17 ? 172 ALA A CA  1 
ATOM   1325 C  C   . ALA A 1 172 ? 0.316   -4.718  5.057   1.00 17.68 ? 172 ALA A C   1 
ATOM   1326 O  O   . ALA A 1 172 ? 0.512   -4.403  3.906   1.00 17.56 ? 172 ALA A O   1 
ATOM   1327 C  CB  . ALA A 1 172 ? -1.355  -2.987  5.738   1.00 17.19 ? 172 ALA A CB  1 
ATOM   1328 N  N   . ALA A 1 173 ? 0.380   -6.004  5.440   1.00 17.60 ? 173 ALA A N   1 
ATOM   1329 C  CA  . ALA A 1 173 ? 0.780   -7.022  4.487   1.00 17.98 ? 173 ALA A CA  1 
ATOM   1330 C  C   . ALA A 1 173 ? -0.304  -7.134  3.412   1.00 18.88 ? 173 ALA A C   1 
ATOM   1331 O  O   . ALA A 1 173 ? -1.476  -6.991  3.695   1.00 18.18 ? 173 ALA A O   1 
ATOM   1332 C  CB  . ALA A 1 173 ? 0.988   -8.320  5.211   1.00 20.56 ? 173 ALA A CB  1 
ATOM   1333 N  N   . LEU A 1 174 ? 0.095   -7.355  2.181   1.00 18.11 ? 174 LEU A N   1 
ATOM   1334 C  CA  . LEU A 1 174 ? -0.887  -7.399  1.102   1.00 18.75 ? 174 LEU A CA  1 
ATOM   1335 C  C   . LEU A 1 174 ? -1.012  -8.864  0.694   1.00 18.70 ? 174 LEU A C   1 
ATOM   1336 O  O   . LEU A 1 174 ? -0.246  -9.393  -0.114  1.00 20.64 ? 174 LEU A O   1 
ATOM   1337 C  CB  . LEU A 1 174 ? -0.366  -6.465  -0.001  1.00 22.74 ? 174 LEU A CB  1 
ATOM   1338 C  CG  . LEU A 1 174 ? -1.249  -5.692  -0.977  1.00 28.39 ? 174 LEU A CG  1 
ATOM   1339 C  CD1 . LEU A 1 174 ? -2.465  -5.042  -0.285  1.00 24.59 ? 174 LEU A CD1 1 
ATOM   1340 C  CD2 . LEU A 1 174 ? -0.341  -4.640  -1.686  1.00 26.65 ? 174 LEU A CD2 1 
ATOM   1341 N  N   . LEU A 1 175 ? -2.014  -9.489  1.275   1.00 19.63 ? 175 LEU A N   1 
ATOM   1342 C  CA  . LEU A 1 175 ? -2.248  -10.885 1.106   1.00 20.63 ? 175 LEU A CA  1 
ATOM   1343 C  C   . LEU A 1 175 ? -3.204  -11.201 -0.013  1.00 21.79 ? 175 LEU A C   1 
ATOM   1344 O  O   . LEU A 1 175 ? -4.207  -10.503 -0.272  1.00 21.20 ? 175 LEU A O   1 
ATOM   1345 C  CB  . LEU A 1 175 ? -2.678  -11.449 2.447   1.00 22.63 ? 175 LEU A CB  1 
ATOM   1346 C  CG  . LEU A 1 175 ? -1.756  -11.194 3.642   1.00 22.02 ? 175 LEU A CG  1 
ATOM   1347 C  CD1 . LEU A 1 175 ? -2.265  -11.983 4.793   1.00 24.11 ? 175 LEU A CD1 1 
ATOM   1348 C  CD2 . LEU A 1 175 ? -0.375  -11.612 3.331   1.00 22.86 ? 175 LEU A CD2 1 
ATOM   1349 N  N   . LYS A 1 176 ? -2.863  -12.315 -0.640  1.00 22.50 ? 176 LYS A N   1 
ATOM   1350 C  CA  . LYS A 1 176 ? -3.539  -12.775 -1.825  1.00 25.68 ? 176 LYS A CA  1 
ATOM   1351 C  C   . LYS A 1 176 ? -5.023  -12.877 -1.609  1.00 23.95 ? 176 LYS A C   1 
ATOM   1352 O  O   . LYS A 1 176 ? -5.810  -12.481 -2.467  1.00 24.57 ? 176 LYS A O   1 
ATOM   1353 C  CB  . LYS A 1 176 ? -2.953  -14.134 -2.209  1.00 27.95 ? 176 LYS A CB  1 
ATOM   1354 C  CG  . LYS A 1 176 ? -2.821  -14.363 -3.654  1.00 29.85 ? 176 LYS A CG  1 
ATOM   1355 C  CD  . LYS A 1 176 ? -2.275  -15.799 -3.949  1.00 31.11 ? 176 LYS A CD  1 
ATOM   1356 C  CE  . LYS A 1 176 ? -0.798  -15.869 -4.220  1.00 29.75 ? 176 LYS A CE  1 
ATOM   1357 N  NZ  . LYS A 1 176 ? -0.267  -15.038 -5.380  1.00 28.66 ? 176 LYS A NZ  1 
ATOM   1358 N  N   . HIS A 1 177 ? -5.405  -13.385 -0.442  1.00 25.60 ? 177 HIS A N   1 
ATOM   1359 C  CA  . HIS A 1 177 ? -6.813  -13.670 -0.184  1.00 26.32 ? 177 HIS A CA  1 
ATOM   1360 C  C   . HIS A 1 177 ? -7.699  -12.472 -0.024  1.00 25.30 ? 177 HIS A C   1 
ATOM   1361 O  O   . HIS A 1 177 ? -8.923  -12.583 -0.035  1.00 24.16 ? 177 HIS A O   1 
ATOM   1362 C  CB  . HIS A 1 177 ? -6.998  -14.652 1.016   1.00 27.02 ? 177 HIS A CB  1 
ATOM   1363 C  CG  . HIS A 1 177 ? -6.820  -14.049 2.378   1.00 27.64 ? 177 HIS A CG  1 
ATOM   1364 N  ND1 . HIS A 1 177 ? -5.614  -14.052 3.042   1.00 28.23 ? 177 HIS A ND1 1 
ATOM   1365 C  CD2 . HIS A 1 177 ? -7.711  -13.474 3.227   1.00 26.78 ? 177 HIS A CD2 1 
ATOM   1366 C  CE1 . HIS A 1 177 ? -5.764  -13.503 4.233   1.00 28.42 ? 177 HIS A CE1 1 
ATOM   1367 N  NE2 . HIS A 1 177 ? -7.026  -13.140 4.365   1.00 30.13 ? 177 HIS A NE2 1 
ATOM   1368 N  N   . TYR A 1 178 ? -7.095  -11.293 0.076   1.00 24.36 ? 178 TYR A N   1 
ATOM   1369 C  CA  . TYR A 1 178 ? -7.904  -10.106 0.187   1.00 24.12 ? 178 TYR A CA  1 
ATOM   1370 C  C   . TYR A 1 178 ? -8.553  -9.777  -1.160  1.00 23.88 ? 178 TYR A C   1 
ATOM   1371 O  O   . TYR A 1 178 ? -9.512  -9.047  -1.171  1.00 23.77 ? 178 TYR A O   1 
ATOM   1372 C  CB  . TYR A 1 178 ? -7.046  -8.892  0.579   1.00 23.45 ? 178 TYR A CB  1 
ATOM   1373 C  CG  . TYR A 1 178 ? -6.408  -8.933  1.934   1.00 20.71 ? 178 TYR A CG  1 
ATOM   1374 C  CD1 . TYR A 1 178 ? -6.885  -9.751  2.950   1.00 21.44 ? 178 TYR A CD1 1 
ATOM   1375 C  CD2 . TYR A 1 178 ? -5.291  -8.142  2.193   1.00 19.66 ? 178 TYR A CD2 1 
ATOM   1376 C  CE1 . TYR A 1 178 ? -6.254  -9.803  4.217   1.00 21.78 ? 178 TYR A CE1 1 
ATOM   1377 C  CE2 . TYR A 1 178 ? -4.652  -8.175  3.416   1.00 18.98 ? 178 TYR A CE2 1 
ATOM   1378 C  CZ  . TYR A 1 178 ? -5.123  -8.994  4.431   1.00 19.69 ? 178 TYR A CZ  1 
ATOM   1379 O  OH  . TYR A 1 178 ? -4.464  -9.031  5.651   1.00 22.47 ? 178 TYR A OH  1 
ATOM   1380 N  N   . PHE A 1 179 ? -8.028  -10.305 -2.260  1.00 25.63 ? 179 PHE A N   1 
ATOM   1381 C  CA  . PHE A 1 179 ? -8.500  -9.956  -3.616  1.00 29.68 ? 179 PHE A CA  1 
ATOM   1382 C  C   . PHE A 1 179 ? -8.977  -11.162 -4.373  1.00 35.30 ? 179 PHE A C   1 
ATOM   1383 O  O   . PHE A 1 179 ? -8.858  -11.201 -5.607  1.00 36.22 ? 179 PHE A O   1 
ATOM   1384 C  CB  . PHE A 1 179 ? -7.366  -9.309  -4.447  1.00 29.32 ? 179 PHE A CB  1 
ATOM   1385 C  CG  . PHE A 1 179 ? -6.621  -8.249  -3.712  1.00 28.83 ? 179 PHE A CG  1 
ATOM   1386 C  CD1 . PHE A 1 179 ? -7.102  -6.948  -3.658  1.00 30.62 ? 179 PHE A CD1 1 
ATOM   1387 C  CD2 . PHE A 1 179 ? -5.473  -8.567  -2.982  1.00 25.93 ? 179 PHE A CD2 1 
ATOM   1388 C  CE1 . PHE A 1 179 ? -6.451  -5.971  -2.870  1.00 33.04 ? 179 PHE A CE1 1 
ATOM   1389 C  CE2 . PHE A 1 179 ? -4.815  -7.595  -2.184  1.00 27.54 ? 179 PHE A CE2 1 
ATOM   1390 C  CZ  . PHE A 1 179 ? -5.294  -6.312  -2.123  1.00 30.01 ? 179 PHE A CZ  1 
ATOM   1391 N  N   . ASN A 1 180 ? -9.466  -12.142 -3.620  1.00 39.38 ? 180 ASN A N   1 
ATOM   1392 C  CA  . ASN A 1 180 ? -9.976  -13.426 -4.120  1.00 44.94 ? 180 ASN A CA  1 
ATOM   1393 C  C   . ASN A 1 180 ? -8.933  -14.535 -4.050  1.00 46.92 ? 180 ASN A C   1 
ATOM   1394 O  O   . ASN A 1 180 ? -8.891  -15.256 -3.011  1.00 47.28 ? 180 ASN A O   1 
ATOM   1395 C  CB  . ASN A 1 180 ? -10.485 -13.294 -5.552  1.00 46.84 ? 180 ASN A CB  1 
ATOM   1396 C  CG  . ASN A 1 180 ? -11.934 -12.918 -5.608  1.00 49.89 ? 180 ASN A CG  1 
ATOM   1397 O  OD1 . ASN A 1 180 ? -12.328 -11.831 -5.155  1.00 51.36 ? 180 ASN A OD1 1 
ATOM   1398 N  ND2 . ASN A 1 180 ? -12.763 -13.832 -6.141  1.00 51.21 ? 180 ASN A ND2 1 
HETATM 1399 S  S1  . DTZ B 2 .   ? -0.154  8.435   9.012   1.00 50.41 ? 501 DTZ A S1  1 
HETATM 1400 ZN ZN  . DTZ B 2 .   ? -0.608  8.153   6.775   1.00 35.83 ? 501 DTZ A ZN  1 
HETATM 1401 S  S2  . DTZ B 2 .   ? -1.108  10.261  6.080   1.00 45.46 ? 501 DTZ A S2  1 
HETATM 1402 O  O   . HOH C 3 .   ? 2.340   -10.228 -0.213  1.00 20.76 ? 201 HOH A O   1 
HETATM 1403 O  O   . HOH C 3 .   ? 3.484   -9.792  2.643   1.00 27.71 ? 202 HOH A O   1 
HETATM 1404 O  O   . HOH C 3 .   ? -0.232  -11.692 -11.296 1.00 30.14 ? 203 HOH A O   1 
HETATM 1405 O  O   . HOH C 3 .   ? -2.696  -7.226  6.083   1.00 22.10 ? 204 HOH A O   1 
HETATM 1406 O  O   . HOH C 3 .   ? -2.356  -5.294  7.966   1.00 21.60 ? 205 HOH A O   1 
HETATM 1407 O  O   . HOH C 3 .   ? -12.499 -16.163 -10.724 1.00 45.55 ? 206 HOH A O   1 
HETATM 1408 O  O   . HOH C 3 .   ? -8.334  -12.042 6.957   1.00 22.85 ? 207 HOH A O   1 
HETATM 1409 O  O   . HOH C 3 .   ? -12.518 -7.474  5.447   1.00 25.74 ? 208 HOH A O   1 
HETATM 1410 O  O   . HOH C 3 .   ? -0.988  2.258   -1.918  1.00 36.33 ? 209 HOH A O   1 
HETATM 1411 O  O   . HOH C 3 .   ? -2.279  -1.074  -14.794 1.00 36.43 ? 210 HOH A O   1 
HETATM 1412 O  O   . HOH C 3 .   ? -2.770  3.319   -9.668  1.00 33.83 ? 211 HOH A O   1 
HETATM 1413 O  O   . HOH C 3 .   ? -10.976 4.116   4.229   1.00 27.92 ? 212 HOH A O   1 
HETATM 1414 O  O   . HOH C 3 .   ? -11.843 11.275  -1.219  1.00 29.85 ? 213 HOH A O   1 
HETATM 1415 O  O   . HOH C 3 .   ? 16.977  -2.500  1.533   1.00 43.91 ? 214 HOH A O   1 
HETATM 1416 O  O   . HOH C 3 .   ? 15.408  -7.776  -2.591  1.00 38.77 ? 215 HOH A O   1 
HETATM 1417 O  O   . HOH C 3 .   ? -2.004  -6.715  -18.634 1.00 44.83 ? 216 HOH A O   1 
HETATM 1418 O  O   . HOH C 3 .   ? -5.193  -12.283 12.548  1.00 45.12 ? 217 HOH A O   1 
HETATM 1419 O  O   . HOH C 3 .   ? -11.602 -11.240 7.597   1.00 37.16 ? 218 HOH A O   1 
HETATM 1420 O  O   . HOH C 3 .   ? 3.147   -9.084  11.508  1.00 44.72 ? 219 HOH A O   1 
HETATM 1421 O  O   . HOH C 3 .   ? 4.501   -15.798 7.740   1.00 45.80 ? 220 HOH A O   1 
HETATM 1422 O  O   . HOH C 3 .   ? -6.539  -7.158  -14.121 1.00 31.69 ? 221 HOH A O   1 
HETATM 1423 O  O   . HOH C 3 .   ? -8.361  0.570   -13.175 1.00 27.94 ? 222 HOH A O   1 
HETATM 1424 O  O   . HOH C 3 .   ? -4.204  13.153  -7.469  1.00 29.43 ? 223 HOH A O   1 
HETATM 1425 O  O   . HOH C 3 .   ? 0.508   13.256  -9.856  1.00 46.31 ? 224 HOH A O   1 
HETATM 1426 O  O   . HOH C 3 .   ? -10.750 16.441  -12.639 1.00 44.27 ? 225 HOH A O   1 
HETATM 1427 O  O   . HOH C 3 .   ? 20.334  -2.007  -1.829  1.00 50.47 ? 226 HOH A O   1 
HETATM 1428 O  O   . HOH C 3 .   ? 22.591  -2.673  -3.019  1.00 44.60 ? 227 HOH A O   1 
HETATM 1429 O  O   . HOH C 3 .   ? 14.960  -2.154  8.244   1.00 37.54 ? 228 HOH A O   1 
HETATM 1430 O  O   . HOH C 3 .   ? 12.419  -11.180 -2.556  1.00 34.25 ? 229 HOH A O   1 
HETATM 1431 O  O   . HOH C 3 .   ? -10.892 -9.869  3.264   1.00 43.02 ? 230 HOH A O   1 
HETATM 1432 O  O   . HOH C 3 .   ? -14.276 -10.379 9.655   1.00 33.16 ? 231 HOH A O   1 
HETATM 1433 O  O   . HOH C 3 .   ? -7.420  -10.334 15.577  1.00 39.13 ? 232 HOH A O   1 
HETATM 1434 O  O   . HOH C 3 .   ? -0.738  -10.146 13.307  1.00 31.57 ? 233 HOH A O   1 
HETATM 1435 O  O   . HOH C 3 .   ? 4.398   -6.482  18.049  1.00 44.10 ? 234 HOH A O   1 
HETATM 1436 O  O   . HOH C 3 .   ? -12.822 -6.025  16.858  1.00 51.44 ? 235 HOH A O   1 
HETATM 1437 O  O   . HOH C 3 .   ? -14.321 -10.216 17.556  1.00 36.37 ? 236 HOH A O   1 
HETATM 1438 O  O   . HOH C 3 .   ? -2.112  -15.608 -7.345  1.00 35.18 ? 237 HOH A O   1 
HETATM 1439 O  O   . HOH C 3 .   ? 7.215   -5.048  -11.283 1.00 38.76 ? 238 HOH A O   1 
HETATM 1440 O  O   . HOH C 3 .   ? 8.241   4.274   -12.560 1.00 38.23 ? 239 HOH A O   1 
HETATM 1441 O  O   . HOH C 3 .   ? 8.097   5.389   -6.761  1.00 41.12 ? 240 HOH A O   1 
HETATM 1442 O  O   . HOH C 3 .   ? -0.579  14.522  2.885   1.00 35.01 ? 241 HOH A O   1 
HETATM 1443 O  O   . HOH C 3 .   ? 2.203   -16.694 -6.981  1.00 42.48 ? 242 HOH A O   1 
HETATM 1444 O  O   . HOH C 3 .   ? -6.551  9.588   -13.278 1.00 40.11 ? 243 HOH A O   1 
HETATM 1445 O  O   . HOH C 3 .   ? -9.218  -4.692  18.443  1.00 39.03 ? 244 HOH A O   1 
HETATM 1446 O  O   . HOH C 3 .   ? -15.709 -1.296  4.622   1.00 40.51 ? 245 HOH A O   1 
HETATM 1447 O  O   . HOH C 3 .   ? -5.936  -11.911 -14.718 1.00 41.88 ? 246 HOH A O   1 
HETATM 1448 O  O   . HOH C 3 .   ? -5.702  16.861  0.728   1.00 47.65 ? 247 HOH A O   1 
HETATM 1449 O  O   . HOH C 3 .   ? -14.944 -4.218  -13.808 1.00 53.44 ? 248 HOH A O   1 
HETATM 1450 O  O   . HOH C 3 .   ? -15.355 0.088   -12.484 1.00 35.59 ? 249 HOH A O   1 
HETATM 1451 O  O   . HOH C 3 .   ? -18.670 11.169  -9.193  1.00 53.28 ? 250 HOH A O   1 
HETATM 1452 O  O   . HOH C 3 .   ? -15.285 5.487   -1.050  1.00 50.25 ? 251 HOH A O   1 
HETATM 1453 O  O   . HOH C 3 .   ? -13.614 -14.143 16.220  1.00 44.29 ? 252 HOH A O   1 
HETATM 1454 O  O   . HOH C 3 .   ? -14.663 -3.188  7.721   1.00 34.69 ? 253 HOH A O   1 
HETATM 1455 O  O   . HOH C 3 .   ? -14.308 -8.983  6.682   1.00 44.04 ? 254 HOH A O   1 
HETATM 1456 O  O   . HOH C 3 .   ? -3.472  -8.124  -16.563 1.00 39.10 ? 255 HOH A O   1 
HETATM 1457 O  O   . HOH C 3 .   ? 5.986   -4.995  -13.164 1.00 36.53 ? 256 HOH A O   1 
HETATM 1458 O  O   . HOH C 3 .   ? -8.627  -15.513 -7.736  1.00 49.12 ? 257 HOH A O   1 
HETATM 1459 O  O   . HOH C 3 .   ? -10.293 -12.610 -11.158 1.00 49.70 ? 258 HOH A O   1 
HETATM 1460 O  O   . HOH C 3 .   ? -5.279  -15.341 -13.657 1.00 55.79 ? 259 HOH A O   1 
HETATM 1461 O  O   . HOH C 3 .   ? -4.411  -13.561 -11.171 1.00 38.84 ? 260 HOH A O   1 
HETATM 1462 O  O   . HOH C 3 .   ? 6.027   -1.092  -16.304 1.00 35.98 ? 261 HOH A O   1 
HETATM 1463 O  O   . HOH C 3 .   ? 5.540   -3.832  -16.486 1.00 45.13 ? 262 HOH A O   1 
HETATM 1464 O  O   . HOH C 3 .   ? -8.102  -2.693  -20.063 1.00 45.73 ? 263 HOH A O   1 
HETATM 1465 O  O   . HOH C 3 .   ? -4.575  -17.114 -0.236  1.00 44.99 ? 264 HOH A O   1 
HETATM 1466 O  O   . HOH C 3 .   ? -3.303  9.203   -15.551 1.00 47.61 ? 265 HOH A O   1 
HETATM 1467 O  O   . HOH C 3 .   ? 0.142   3.407   -13.474 1.00 37.53 ? 266 HOH A O   1 
HETATM 1468 O  O   . HOH C 3 .   ? 0.421   6.869   -12.859 1.00 45.66 ? 267 HOH A O   1 
HETATM 1469 O  O   . HOH C 3 .   ? -19.255 4.803   -3.851  1.00 54.53 ? 268 HOH A O   1 
HETATM 1470 O  O   . HOH C 3 .   ? -19.089 7.771   -6.837  1.00 39.16 ? 269 HOH A O   1 
HETATM 1471 O  O   . HOH C 3 .   ? 15.595  -12.560 2.228   1.00 40.12 ? 270 HOH A O   1 
HETATM 1472 O  O   . HOH C 3 .   ? -2.899  17.309  0.251   1.00 42.12 ? 271 HOH A O   1 
HETATM 1473 O  O   . HOH C 3 .   ? 20.197  -6.254  -11.137 1.00 50.03 ? 272 HOH A O   1 
HETATM 1474 O  O   . HOH C 3 .   ? 21.211  -6.976  -13.865 1.00 46.33 ? 273 HOH A O   1 
HETATM 1475 O  O   . HOH C 3 .   ? 17.553  -11.858 -7.861  1.00 38.80 ? 274 HOH A O   1 
HETATM 1476 O  O   . HOH C 3 .   ? 9.075   6.793   10.928  1.00 48.01 ? 275 HOH A O   1 
HETATM 1477 O  O   . HOH C 3 .   ? 5.812   7.341   8.203   1.00 40.87 ? 276 HOH A O   1 
HETATM 1478 O  O   . HOH C 3 .   ? -7.715  -14.186 15.760  1.00 37.83 ? 277 HOH A O   1 
HETATM 1479 O  O   . HOH C 3 .   ? -8.552  -10.750 18.970  1.00 32.79 ? 278 HOH A O   1 
HETATM 1480 O  O   . HOH C 3 .   ? -1.160  4.343   -16.045 1.00 50.08 ? 279 HOH A O   1 
HETATM 1481 O  O   . HOH C 3 .   ? -1.391  -13.383 10.216  1.00 37.79 ? 280 HOH A O   1 
HETATM 1482 O  O   . HOH C 3 .   ? 6.277   5.555   -11.641 1.00 49.51 ? 281 HOH A O   1 
HETATM 1483 O  O   . HOH C 3 .   ? 4.420   9.933   -11.298 1.00 58.38 ? 282 HOH A O   1 
HETATM 1484 O  O   . HOH C 3 .   ? -5.771  -15.021 -9.615  1.00 54.88 ? 283 HOH A O   1 
HETATM 1485 O  O   . HOH C 3 .   ? -6.495  -16.616 -2.617  1.00 46.48 ? 284 HOH A O   1 
HETATM 1486 O  O   . HOH C 3 .   ? 3.103   7.844   -0.395  1.00 35.05 ? 285 HOH A O   1 
HETATM 1487 O  O   . HOH C 3 .   ? -11.270 -10.768 -12.514 1.00 57.16 ? 286 HOH A O   1 
HETATM 1488 O  O   . HOH C 3 .   ? 9.184   -10.133 -12.493 1.00 48.40 ? 287 HOH A O   1 
HETATM 1489 O  O   . HOH C 3 .   ? 11.033  5.480   -14.539 1.00 47.39 ? 288 HOH A O   1 
HETATM 1490 O  O   . HOH C 3 .   ? -10.271 14.087  -3.359  1.00 53.05 ? 289 HOH A O   1 
HETATM 1491 O  O   . HOH C 3 .   ? -19.177 2.385   -0.516  1.00 56.61 ? 290 HOH A O   1 
HETATM 1492 O  O   . HOH C 3 .   ? 5.029   2.495   17.339  1.00 40.99 ? 291 HOH A O   1 
HETATM 1493 O  O   . HOH C 3 .   ? 3.066   -3.247  19.641  1.00 45.08 ? 292 HOH A O   1 
HETATM 1494 O  O   . HOH C 3 .   ? 4.062   8.022   15.957  1.00 55.20 ? 293 HOH A O   1 
HETATM 1495 O  O   . HOH C 3 .   ? -6.951  3.244   11.359  1.00 46.24 ? 294 HOH A O   1 
HETATM 1496 O  O   . HOH C 3 .   ? -8.644  -1.762  7.252   1.00 33.05 ? 295 HOH A O   1 
HETATM 1497 O  O   . HOH C 3 .   ? 2.126   12.407  10.557  1.00 61.58 ? 296 HOH A O   1 
HETATM 1498 O  O   . HOH C 3 .   ? 17.217  -4.527  11.991  1.00 41.51 ? 297 HOH A O   1 
HETATM 1499 O  O   . HOH C 3 .   ? 12.515  -1.669  -14.479 1.00 36.60 ? 298 HOH A O   1 
HETATM 1500 O  O   . HOH C 3 .   ? 12.720  -14.008 15.091  1.00 63.10 ? 299 HOH A O   1 
HETATM 1501 O  O   . HOH C 3 .   ? 17.846  3.872   10.300  1.00 55.87 ? 300 HOH A O   1 
HETATM 1502 O  O   . HOH C 3 .   ? -0.271  -10.300 -14.816 1.00 41.18 ? 301 HOH A O   1 
HETATM 1503 O  O   . HOH C 3 .   ? -0.543  -10.452 15.913  1.00 44.22 ? 302 HOH A O   1 
HETATM 1504 O  O   . HOH C 3 .   ? -15.768 -3.332  19.602  1.00 50.35 ? 303 HOH A O   1 
HETATM 1505 O  O   . HOH C 3 .   ? -13.570 8.374   -14.798 1.00 44.26 ? 304 HOH A O   1 
HETATM 1506 O  O   . HOH C 3 .   ? 12.390  9.956   18.957  1.00 61.41 ? 305 HOH A O   1 
HETATM 1507 O  O   . HOH C 3 .   ? -23.444 8.389   -8.091  1.00 58.42 ? 306 HOH A O   1 
HETATM 1508 O  O   . HOH C 3 .   ? -15.057 -6.451  16.157  1.00 59.40 ? 307 HOH A O   1 
HETATM 1509 O  O   . HOH C 3 .   ? 15.489  -9.358  14.105  1.00 43.25 ? 308 HOH A O   1 
HETATM 1510 O  O   . HOH C 3 .   ? -5.489  -13.439 15.444  1.00 44.03 ? 309 HOH A O   1 
HETATM 1511 O  O   . HOH C 3 .   ? -16.294 -7.717  -3.938  1.00 48.23 ? 313 HOH A O   1 
HETATM 1512 O  O   . HOH C 3 .   ? -19.683 -5.908  -3.146  1.00 47.19 ? 314 HOH A O   1 
HETATM 1513 O  O   . HOH C 3 .   ? 18.343  -1.242  9.678   1.00 55.07 ? 315 HOH A O   1 
HETATM 1514 O  O   . HOH C 3 .   ? 16.573  -2.492  10.562  1.00 52.25 ? 316 HOH A O   1 
HETATM 1515 O  O   . HOH C 3 .   ? 7.436   10.693  12.154  1.00 54.19 ? 317 HOH A O   1 
HETATM 1516 O  O   . HOH C 3 .   ? -15.245 8.639   -12.695 1.00 44.83 ? 318 HOH A O   1 
HETATM 1517 O  O   . HOH C 3 .   ? -12.644 -6.993  -3.868  1.00 51.53 ? 319 HOH A O   1 
HETATM 1518 O  O   . HOH C 3 .   ? -0.294  14.277  7.396   1.00 55.32 ? 320 HOH A O   1 
HETATM 1519 O  O   . HOH C 3 .   ? -0.728  6.259   10.258  1.00 38.47 ? 321 HOH A O   1 
HETATM 1520 O  O   . HOH C 3 .   ? -2.305  3.827   -12.515 1.00 43.11 ? 322 HOH A O   1 
HETATM 1521 O  O   . HOH C 3 .   ? 3.038   5.520   -15.611 1.00 53.80 ? 323 HOH A O   1 
HETATM 1522 O  O   . HOH C 3 .   ? -11.000 -7.599  -5.001  1.00 45.61 ? 324 HOH A O   1 
HETATM 1523 O  O   . HOH C 3 .   ? -11.316 -8.818  0.868   1.00 48.59 ? 325 HOH A O   1 
HETATM 1524 O  O   . HOH C 3 .   ? -18.624 -2.829  -0.118  1.00 47.51 ? 326 HOH A O   1 
HETATM 1525 O  O   . HOH C 3 .   ? -18.596 -5.775  0.287   1.00 51.55 ? 327 HOH A O   1 
HETATM 1526 O  O   . HOH C 3 .   ? -2.626  -15.992 4.968   1.00 36.14 ? 328 HOH A O   1 
HETATM 1527 O  O   . HOH C 3 .   ? -16.446 -7.062  7.282   1.00 47.53 ? 329 HOH A O   1 
HETATM 1528 O  O   . HOH C 3 .   ? 7.399   -15.015 5.939   1.00 41.30 ? 330 HOH A O   1 
HETATM 1529 O  O   . HOH C 3 .   ? -7.983  -9.161  -14.705 1.00 45.70 ? 331 HOH A O   1 
HETATM 1530 O  O   . HOH C 3 .   ? -10.813 -7.409  17.256  1.00 37.57 ? 333 HOH A O   1 
HETATM 1531 O  O   . HOH C 3 .   ? 2.334   8.739   -11.936 1.00 54.11 ? 334 HOH A O   1 
HETATM 1532 O  O   . HOH C 3 .   ? 20.144  -0.874  1.261   1.00 49.00 ? 335 HOH A O   1 
HETATM 1533 O  O   . HOH C 3 .   ? -11.927 10.395  -14.529 1.00 37.78 ? 336 HOH A O   1 
HETATM 1534 O  O   . HOH C 3 .   ? -8.213  4.405   9.766   1.00 32.29 ? 337 HOH A O   1 
HETATM 1535 O  O   . HOH C 3 .   ? -0.690  -14.843 7.609   1.00 52.96 ? 338 HOH A O   1 
HETATM 1536 O  O   . HOH C 3 .   ? -3.794  -15.251 1.624   1.00 26.94 ? 339 HOH A O   1 
HETATM 1537 O  O   . HOH C 3 .   ? 14.033  -7.311  -11.511 1.00 39.43 ? 340 HOH A O   1 
HETATM 1538 O  O   . HOH C 3 .   ? 16.717  -10.407 -13.171 1.00 56.31 ? 341 HOH A O   1 
HETATM 1539 O  O   . HOH C 3 .   ? -5.038  -14.953 -6.771  1.00 41.86 ? 342 HOH A O   1 
HETATM 1540 O  O   . HOH C 3 .   ? 4.744   0.703   -17.868 1.00 53.30 ? 343 HOH A O   1 
HETATM 1541 O  O   . HOH C 3 .   ? 17.763  -7.531  -3.260  1.00 50.76 ? 344 HOH A O   1 
HETATM 1542 O  O   . HOH C 3 .   ? -7.785  -15.001 13.153  1.00 35.73 ? 345 HOH A O   1 
HETATM 1543 O  O   . HOH C 3 .   ? 17.828  -4.158  -6.125  1.00 33.90 ? 346 HOH A O   1 
HETATM 1544 O  O   . HOH C 3 .   ? 19.873  -4.905  -4.944  1.00 43.10 ? 347 HOH A O   1 
HETATM 1545 O  O   . HOH C 3 .   ? -10.207 19.153  -8.915  1.00 44.63 ? 348 HOH A O   1 
HETATM 1546 O  O   . HOH C 3 .   ? -12.767 16.793  -7.203  1.00 54.24 ? 349 HOH A O   1 
HETATM 1547 O  O   . HOH C 3 .   ? -12.837 -3.830  -10.525 1.00 40.86 ? 350 HOH A O   1 
HETATM 1548 O  O   . HOH C 3 .   ? -8.439  -3.205  15.533  1.00 34.60 ? 351 HOH A O   1 
HETATM 1549 O  O   . HOH C 3 .   ? -19.562 8.097   -14.718 1.00 48.42 ? 352 HOH A O   1 
HETATM 1550 O  O   . HOH C 3 .   ? -1.570  6.478   20.504  1.00 36.44 ? 353 HOH A O   1 
HETATM 1551 O  O   . HOH C 3 .   ? -19.186 -8.361  13.564  1.00 58.07 ? 354 HOH A O   1 
HETATM 1552 O  O   . HOH C 3 .   ? 14.144  -13.409 0.177   1.00 50.75 ? 355 HOH A O   1 
HETATM 1553 O  O   . HOH C 3 .   ? 12.946  -4.957  10.682  1.00 39.70 ? 356 HOH A O   1 
HETATM 1554 O  O   . HOH C 3 .   ? -10.305 -2.092  14.686  1.00 46.63 ? 357 HOH A O   1 
HETATM 1555 O  O   . HOH C 3 .   ? 12.885  -9.981  -11.172 1.00 59.92 ? 358 HOH A O   1 
HETATM 1556 O  O   . HOH C 3 .   ? -14.627 12.427  -13.806 1.00 51.15 ? 359 HOH A O   1 
HETATM 1557 O  O   . HOH C 3 .   ? 5.473   20.010  -0.973  1.00 60.36 ? 360 HOH A O   1 
HETATM 1558 O  O   . HOH C 3 .   ? -20.851 -0.025  -3.276  1.00 55.78 ? 361 HOH A O   1 
HETATM 1559 O  O   . HOH C 3 .   ? -0.038  13.045  -12.896 1.00 49.97 ? 362 HOH A O   1 
HETATM 1560 O  O   . HOH C 3 .   ? -13.025 -11.559 -1.088  1.00 57.81 ? 363 HOH A O   1 
HETATM 1561 O  O   . HOH C 3 .   ? 16.683  -10.272 0.950   1.00 49.15 ? 364 HOH A O   1 
HETATM 1562 O  O   . HOH C 3 .   ? 17.806  -7.184  -5.611  1.00 60.40 ? 365 HOH A O   1 
HETATM 1563 O  O   . HOH C 3 .   ? 6.567   6.294   -9.351  1.00 44.90 ? 366 HOH A O   1 
HETATM 1564 O  O   . HOH C 3 .   ? 10.337  5.785   4.431   1.00 50.94 ? 367 HOH A O   1 
HETATM 1565 O  O   . HOH C 3 .   ? -3.667  5.296   10.671  1.00 56.69 ? 368 HOH A O   1 
HETATM 1566 O  O   . HOH C 3 .   ? 19.711  -3.530  -3.167  1.00 56.21 ? 369 HOH A O   1 
HETATM 1567 O  O   . HOH C 3 .   ? 19.775  -2.888  1.357   1.00 63.14 ? 370 HOH A O   1 
HETATM 1568 O  O   . HOH C 3 .   ? -0.282  4.652   19.105  1.00 59.65 ? 371 HOH A O   1 
HETATM 1569 O  O   . HOH C 3 .   ? 2.491   3.648   16.202  1.00 60.66 ? 372 HOH A O   1 
HETATM 1570 O  O   . HOH C 3 .   ? 15.218  7.283   14.900  1.00 63.13 ? 373 HOH A O   1 
HETATM 1571 O  O   . HOH C 3 .   ? 20.912  -1.847  7.906   1.00 56.18 ? 374 HOH A O   1 
HETATM 1572 O  O   . HOH C 3 .   ? 0.723   19.124  -2.221  1.00 63.18 ? 375 HOH A O   1 
HETATM 1573 O  O   . HOH C 3 .   ? 17.733  1.105   6.888   1.00 60.54 ? 376 HOH A O   1 
HETATM 1574 O  O   . HOH C 3 .   ? 17.753  10.506  9.290   1.00 67.29 ? 377 HOH A O   1 
HETATM 1575 O  O   . HOH C 3 .   ? -8.296  -16.674 4.814   1.00 53.64 ? 379 HOH A O   1 
HETATM 1576 O  O   . HOH C 3 .   ? 7.406   5.764   -20.989 1.00 57.23 ? 380 HOH A O   1 
HETATM 1577 O  O   . HOH C 3 .   ? -13.505 -12.640 -13.606 1.00 51.65 ? 381 HOH A O   1 
HETATM 1578 O  O   . HOH C 3 .   ? 2.844   -9.979  18.033  1.00 54.44 ? 383 HOH A O   1 
HETATM 1579 O  O   . HOH C 3 .   ? -2.689  -11.820 12.174  1.00 47.68 ? 384 HOH A O   1 
HETATM 1580 O  O   . HOH C 3 .   ? 6.864   -12.008 -14.091 1.00 58.06 ? 385 HOH A O   1 
HETATM 1581 O  O   . HOH C 3 .   ? 15.716  2.425   11.576  1.00 49.46 ? 386 HOH A O   1 
HETATM 1582 O  O   . HOH C 3 .   ? -6.878  -1.144  -19.762 1.00 52.49 ? 387 HOH A O   1 
HETATM 1583 O  O   . HOH C 3 .   ? -9.700  17.679  -11.841 1.00 54.46 ? 388 HOH A O   1 
HETATM 1584 O  O   . HOH C 3 .   ? -9.469  1.490   20.542  1.00 56.98 ? 391 HOH A O   1 
HETATM 1585 O  O   . HOH C 3 .   ? -3.486  1.665   -15.114 1.00 57.13 ? 392 HOH A O   1 
HETATM 1586 O  O   . HOH C 3 .   ? 1.841   6.423   11.874  1.00 39.62 ? 393 HOH A O   1 
HETATM 1587 O  O   . HOH C 3 .   ? 10.780  -13.456 -5.438  1.00 44.95 ? 394 HOH A O   1 
HETATM 1588 O  O   . HOH C 3 .   ? -12.585 11.906  2.661   1.00 53.42 ? 396 HOH A O   1 
HETATM 1589 O  O   . HOH C 3 .   ? -16.561 1.690   3.536   1.00 53.94 ? 397 HOH A O   1 
HETATM 1590 O  O   . HOH C 3 .   ? -5.156  -16.799 8.520   1.00 53.11 ? 398 HOH A O   1 
HETATM 1591 O  O   . HOH C 3 .   ? 15.450  -12.241 15.380  1.00 63.59 ? 399 HOH A O   1 
HETATM 1592 O  O   . HOH C 3 .   ? -12.463 -5.684  -21.084 1.00 57.51 ? 400 HOH A O   1 
HETATM 1593 O  O   . HOH C 3 .   ? 2.035   9.265   9.447   1.00 54.64 ? 401 HOH A O   1 
HETATM 1594 O  O   . HOH C 3 .   ? 2.296   -1.397  19.876  1.00 50.27 ? 402 HOH A O   1 
HETATM 1595 O  O   . HOH C 3 .   ? -17.945 -5.673  21.895  1.00 51.23 ? 403 HOH A O   1 
HETATM 1596 O  O   . HOH C 3 .   ? -8.445  -7.693  -22.279 1.00 50.37 ? 404 HOH A O   1 
HETATM 1597 O  O   . HOH C 3 .   ? 9.449   -15.933 8.258   1.00 54.34 ? 405 HOH A O   1 
HETATM 1598 O  O   . HOH C 3 .   ? -2.888  4.355   22.623  1.00 58.91 ? 406 HOH A O   1 
HETATM 1599 O  O   . HOH C 3 .   ? 10.872  4.664   6.577   1.00 58.36 ? 408 HOH A O   1 
HETATM 1600 O  O   . HOH C 3 .   ? 11.129  11.291  -5.578  1.00 63.91 ? 409 HOH A O   1 
HETATM 1601 O  O   . HOH C 3 .   ? 8.666   15.101  -5.366  1.00 61.65 ? 410 HOH A O   1 
HETATM 1602 O  O   . HOH C 3 .   ? -16.616 -5.472  5.230   1.00 55.76 ? 411 HOH A O   1 
HETATM 1603 O  O   . HOH C 3 .   ? 12.581  -3.982  -15.965 1.00 59.64 ? 412 HOH A O   1 
HETATM 1604 O  O   . HOH C 3 .   ? -15.032 -15.018 -2.718  1.00 50.64 ? 413 HOH A O   1 
HETATM 1605 O  O   . HOH C 3 .   ? -13.575 -17.330 0.384   1.00 57.60 ? 414 HOH A O   1 
HETATM 1606 O  O   . HOH C 3 .   ? -17.608 -12.419 5.745   0.50 55.31 ? 415 HOH A O   1 
HETATM 1607 O  O   . HOH C 3 .   ? 13.521  1.614   7.829   1.00 38.28 ? 416 HOH A O   1 
HETATM 1608 O  O   . HOH C 3 .   ? 11.889  8.690   -2.506  1.00 55.70 ? 417 HOH A O   1 
HETATM 1609 O  O   . HOH C 3 .   ? -17.659 -7.571  1.634   1.00 51.14 ? 418 HOH A O   1 
# 
loop_
_pdbx_poly_seq_scheme.asym_id 
_pdbx_poly_seq_scheme.entity_id 
_pdbx_poly_seq_scheme.seq_id 
_pdbx_poly_seq_scheme.mon_id 
_pdbx_poly_seq_scheme.ndb_seq_num 
_pdbx_poly_seq_scheme.pdb_seq_num 
_pdbx_poly_seq_scheme.auth_seq_num 
_pdbx_poly_seq_scheme.pdb_mon_id 
_pdbx_poly_seq_scheme.auth_mon_id 
_pdbx_poly_seq_scheme.pdb_strand_id 
_pdbx_poly_seq_scheme.pdb_ins_code 
_pdbx_poly_seq_scheme.hetero 
A 1 1   GLY 1   1   1   GLY GLY A . n 
A 1 2   PRO 2   2   2   PRO PRO A . n 
A 1 3   ALA 3   3   3   ALA ALA A . n 
A 1 4   PHE 4   4   4   PHE PHE A . n 
A 1 5   GLU 5   5   5   GLU GLU A . n 
A 1 6   PHE 6   6   6   PHE PHE A . n 
A 1 7   ALA 7   7   7   ALA ALA A . n 
A 1 8   VAL 8   8   8   VAL VAL A . n 
A 1 9   ALA 9   9   9   ALA ALA A . n 
A 1 10  MET 10  10  10  MET MET A . n 
A 1 11  MET 11  11  11  MET MET A . n 
A 1 12  LYS 12  12  12  LYS LYS A . n 
A 1 13  ARG 13  13  13  ARG ARG A . n 
A 1 14  ASN 14  14  14  ASN ASN A . n 
A 1 15  SER 15  15  15  SER SER A . n 
A 1 16  SER 16  16  16  SER SER A . n 
A 1 17  THR 17  17  17  THR THR A . n 
A 1 18  VAL 18  18  18  VAL VAL A . n 
A 1 19  LYS 19  19  19  LYS LYS A . n 
A 1 20  THR 20  20  20  THR THR A . n 
A 1 21  GLU 21  21  21  GLU GLU A . n 
A 1 22  TYR 22  22  22  TYR TYR A . n 
A 1 23  GLY 23  23  23  GLY GLY A . n 
A 1 24  GLU 24  24  24  GLU GLU A . n 
A 1 25  PHE 25  25  25  PHE PHE A . n 
A 1 26  THR 26  26  26  THR THR A . n 
A 1 27  MET 27  27  27  MET MET A . n 
A 1 28  LEU 28  28  28  LEU LEU A . n 
A 1 29  GLY 29  29  29  GLY GLY A . n 
A 1 30  ILE 30  30  30  ILE ILE A . n 
A 1 31  TYR 31  31  31  TYR TYR A . n 
A 1 32  ASP 32  32  32  ASP ASP A . n 
A 1 33  ARG 33  33  33  ARG ARG A . n 
A 1 34  TRP 34  34  34  TRP TRP A . n 
A 1 35  ALA 35  35  35  ALA ALA A . n 
A 1 36  VAL 36  36  36  VAL VAL A . n 
A 1 37  LEU 37  37  37  LEU LEU A . n 
A 1 38  PRO 38  38  38  PRO PRO A . n 
A 1 39  ARG 39  39  39  ARG ARG A . n 
A 1 40  HIS 40  40  40  HIS HIS A . n 
A 1 41  ALA 41  41  41  ALA ALA A . n 
A 1 42  LYS 42  42  42  LYS LYS A . n 
A 1 43  PRO 43  43  43  PRO PRO A . n 
A 1 44  GLY 44  44  44  GLY GLY A . n 
A 1 45  PRO 45  45  45  PRO PRO A . n 
A 1 46  THR 46  46  46  THR THR A . n 
A 1 47  ILE 47  47  47  ILE ILE A . n 
A 1 48  LEU 48  48  48  LEU LEU A . n 
A 1 49  MET 49  49  49  MET MET A . n 
A 1 50  ASN 50  50  50  ASN ASN A . n 
A 1 51  ASP 51  51  51  ASP ASP A . n 
A 1 52  GLN 52  52  52  GLN GLN A . n 
A 1 53  GLU 53  53  53  GLU GLU A . n 
A 1 54  VAL 54  54  54  VAL VAL A . n 
A 1 55  GLY 55  55  55  GLY GLY A . n 
A 1 56  VAL 56  56  56  VAL VAL A . n 
A 1 57  LEU 57  57  57  LEU LEU A . n 
A 1 58  ASP 58  58  58  ASP ASP A . n 
A 1 59  ALA 59  59  59  ALA ALA A . n 
A 1 60  LYS 60  60  60  LYS LYS A . n 
A 1 61  GLU 61  61  61  GLU GLU A . n 
A 1 62  LEU 62  62  62  LEU LEU A . n 
A 1 63  VAL 63  63  63  VAL VAL A . n 
A 1 64  ASP 64  64  64  ASP ASP A . n 
A 1 65  LYS 65  65  65  LYS LYS A . n 
A 1 66  ASP 66  66  66  ASP ASP A . n 
A 1 67  GLY 67  67  67  GLY GLY A . n 
A 1 68  THR 68  68  68  THR THR A . n 
A 1 69  ASN 69  69  69  ASN ASN A . n 
A 1 70  LEU 70  70  70  LEU LEU A . n 
A 1 71  GLU 71  71  71  GLU GLU A . n 
A 1 72  LEU 72  72  72  LEU LEU A . n 
A 1 73  THR 73  73  73  THR THR A . n 
A 1 74  LEU 74  74  74  LEU LEU A . n 
A 1 75  LEU 75  75  75  LEU LEU A . n 
A 1 76  LYS 76  76  76  LYS LYS A . n 
A 1 77  LEU 77  77  77  LEU LEU A . n 
A 1 78  ASN 78  78  78  ASN ASN A . n 
A 1 79  ARG 79  79  79  ARG ARG A . n 
A 1 80  ASN 80  80  80  ASN ASN A . n 
A 1 81  GLU 81  81  81  GLU GLU A . n 
A 1 82  LYS 82  82  82  LYS LYS A . n 
A 1 83  PHE 83  83  83  PHE PHE A . n 
A 1 84  ARG 84  84  84  ARG ARG A . n 
A 1 85  ASP 85  85  85  ASP ASP A . n 
A 1 86  ILE 86  86  86  ILE ILE A . n 
A 1 87  ARG 87  87  87  ARG ARG A . n 
A 1 88  GLY 88  88  88  GLY GLY A . n 
A 1 89  PHE 89  89  89  PHE PHE A . n 
A 1 90  LEU 90  90  90  LEU LEU A . n 
A 1 91  ALA 91  91  91  ALA ALA A . n 
A 1 92  LYS 92  92  92  LYS LYS A . n 
A 1 93  GLU 93  93  93  GLU GLU A . n 
A 1 94  GLU 94  94  94  GLU GLU A . n 
A 1 95  VAL 95  95  95  VAL VAL A . n 
A 1 96  GLU 96  96  96  GLU GLU A . n 
A 1 97  VAL 97  97  97  VAL VAL A . n 
A 1 98  ASN 98  98  98  ASN ASN A . n 
A 1 99  GLU 99  99  99  GLU GLU A . n 
A 1 100 ALA 100 100 100 ALA ALA A . n 
A 1 101 VAL 101 101 101 VAL VAL A . n 
A 1 102 LEU 102 102 102 LEU LEU A . n 
A 1 103 ALA 103 103 103 ALA ALA A . n 
A 1 104 ILE 104 104 104 ILE ILE A . n 
A 1 105 ASN 105 105 105 ASN ASN A . n 
A 1 106 THR 106 106 106 THR THR A . n 
A 1 107 SER 107 107 107 SER SER A . n 
A 1 108 LYS 108 108 108 LYS LYS A . n 
A 1 109 PHE 109 109 109 PHE PHE A . n 
A 1 110 PRO 110 110 110 PRO PRO A . n 
A 1 111 ASN 111 111 111 ASN ASN A . n 
A 1 112 MET 112 112 112 MET MET A . n 
A 1 113 TYR 113 113 113 TYR TYR A . n 
A 1 114 ILE 114 114 114 ILE ILE A . n 
A 1 115 PRO 115 115 115 PRO PRO A . n 
A 1 116 VAL 116 116 116 VAL VAL A . n 
A 1 117 GLY 117 117 117 GLY GLY A . n 
A 1 118 GLN 118 118 118 GLN GLN A . n 
A 1 119 VAL 119 119 119 VAL VAL A . n 
A 1 120 THR 120 120 120 THR THR A . n 
A 1 121 GLU 121 121 121 GLU GLU A . n 
A 1 122 TYR 122 122 122 TYR TYR A . n 
A 1 123 GLY 123 123 123 GLY GLY A . n 
A 1 124 PHE 124 124 124 PHE PHE A . n 
A 1 125 LEU 125 125 125 LEU LEU A . n 
A 1 126 ASN 126 126 126 ASN ASN A . n 
A 1 127 LEU 127 127 127 LEU LEU A . n 
A 1 128 GLY 128 128 128 GLY GLY A . n 
A 1 129 GLY 129 129 129 GLY GLY A . n 
A 1 130 THR 130 130 130 THR THR A . n 
A 1 131 PRO 131 131 131 PRO PRO A . n 
A 1 132 THR 132 132 132 THR THR A . n 
A 1 133 LYS 133 133 133 LYS LYS A . n 
A 1 134 ARG 134 134 134 ARG ARG A . n 
A 1 135 MET 135 135 135 MET MET A . n 
A 1 136 LEU 136 136 136 LEU LEU A . n 
A 1 137 MET 137 137 137 MET MET A . n 
A 1 138 TYR 138 138 138 TYR TYR A . n 
A 1 139 ASN 139 139 139 ASN ASN A . n 
A 1 140 PHE 140 140 140 PHE PHE A . n 
A 1 141 PRO 141 141 141 PRO PRO A . n 
A 1 142 THR 142 142 142 THR THR A . n 
A 1 143 ARG 143 143 143 ARG ARG A . n 
A 1 144 ALA 144 144 144 ALA ALA A . n 
A 1 145 GLY 145 145 145 GLY GLY A . n 
A 1 146 GLN 146 146 146 GLN GLN A . n 
A 1 147 CYS 147 147 147 CYS CYS A . n 
A 1 148 GLY 148 148 148 GLY GLY A . n 
A 1 149 GLY 149 149 149 GLY GLY A . n 
A 1 150 VAL 150 150 150 VAL VAL A . n 
A 1 151 LEU 151 151 151 LEU LEU A . n 
A 1 152 MET 152 152 152 MET MET A . n 
A 1 153 SER 153 153 153 SER SER A . n 
A 1 154 THR 154 154 154 THR THR A . n 
A 1 155 GLY 155 155 155 GLY GLY A . n 
A 1 156 LYS 156 156 156 LYS LYS A . n 
A 1 157 VAL 157 157 157 VAL VAL A . n 
A 1 158 LEU 158 158 158 LEU LEU A . n 
A 1 159 GLY 159 159 159 GLY GLY A . n 
A 1 160 ILE 160 160 160 ILE ILE A . n 
A 1 161 HIS 161 161 161 HIS HIS A . n 
A 1 162 VAL 162 162 162 VAL VAL A . n 
A 1 163 GLY 163 163 163 GLY GLY A . n 
A 1 164 GLY 164 164 164 GLY GLY A . n 
A 1 165 ASN 165 165 165 ASN ASN A . n 
A 1 166 GLY 166 166 166 GLY GLY A . n 
A 1 167 HIS 167 167 167 HIS HIS A . n 
A 1 168 GLN 168 168 168 GLN GLN A . n 
A 1 169 GLY 169 169 169 GLY GLY A . n 
A 1 170 PHE 170 170 170 PHE PHE A . n 
A 1 171 SER 171 171 171 SER SER A . n 
A 1 172 ALA 172 172 172 ALA ALA A . n 
A 1 173 ALA 173 173 173 ALA ALA A . n 
A 1 174 LEU 174 174 174 LEU LEU A . n 
A 1 175 LEU 175 175 175 LEU LEU A . n 
A 1 176 LYS 176 176 176 LYS LYS A . n 
A 1 177 HIS 177 177 177 HIS HIS A . n 
A 1 178 TYR 178 178 178 TYR TYR A . n 
A 1 179 PHE 179 179 179 PHE PHE A . n 
A 1 180 ASN 180 180 180 ASN ASN A . n 
A 1 181 ASP 181 181 ?   ?   ?   A . n 
A 1 182 GLU 182 182 ?   ?   ?   A . n 
A 1 183 GLN 183 183 ?   ?   ?   A . n 
# 
loop_
_pdbx_nonpoly_scheme.asym_id 
_pdbx_nonpoly_scheme.entity_id 
_pdbx_nonpoly_scheme.mon_id 
_pdbx_nonpoly_scheme.ndb_seq_num 
_pdbx_nonpoly_scheme.pdb_seq_num 
_pdbx_nonpoly_scheme.auth_seq_num 
_pdbx_nonpoly_scheme.pdb_mon_id 
_pdbx_nonpoly_scheme.auth_mon_id 
_pdbx_nonpoly_scheme.pdb_strand_id 
_pdbx_nonpoly_scheme.pdb_ins_code 
B 2 DTZ 1   501 501 DTZ DTZ A . 
C 3 HOH 1   201 201 HOH HOH A . 
C 3 HOH 2   202 202 HOH HOH A . 
C 3 HOH 3   203 203 HOH HOH A . 
C 3 HOH 4   204 204 HOH HOH A . 
C 3 HOH 5   205 205 HOH HOH A . 
C 3 HOH 6   206 206 HOH HOH A . 
C 3 HOH 7   207 207 HOH HOH A . 
C 3 HOH 8   208 208 HOH HOH A . 
C 3 HOH 9   209 209 HOH HOH A . 
C 3 HOH 10  210 210 HOH HOH A . 
C 3 HOH 11  211 211 HOH HOH A . 
C 3 HOH 12  212 212 HOH HOH A . 
C 3 HOH 13  213 213 HOH HOH A . 
C 3 HOH 14  214 214 HOH HOH A . 
C 3 HOH 15  215 215 HOH HOH A . 
C 3 HOH 16  216 216 HOH HOH A . 
C 3 HOH 17  217 217 HOH HOH A . 
C 3 HOH 18  218 218 HOH HOH A . 
C 3 HOH 19  219 219 HOH HOH A . 
C 3 HOH 20  220 220 HOH HOH A . 
C 3 HOH 21  221 221 HOH HOH A . 
C 3 HOH 22  222 222 HOH HOH A . 
C 3 HOH 23  223 223 HOH HOH A . 
C 3 HOH 24  224 224 HOH HOH A . 
C 3 HOH 25  225 225 HOH HOH A . 
C 3 HOH 26  226 226 HOH HOH A . 
C 3 HOH 27  227 227 HOH HOH A . 
C 3 HOH 28  228 228 HOH HOH A . 
C 3 HOH 29  229 229 HOH HOH A . 
C 3 HOH 30  230 230 HOH HOH A . 
C 3 HOH 31  231 231 HOH HOH A . 
C 3 HOH 32  232 232 HOH HOH A . 
C 3 HOH 33  233 233 HOH HOH A . 
C 3 HOH 34  234 234 HOH HOH A . 
C 3 HOH 35  235 235 HOH HOH A . 
C 3 HOH 36  236 236 HOH HOH A . 
C 3 HOH 37  237 237 HOH HOH A . 
C 3 HOH 38  238 238 HOH HOH A . 
C 3 HOH 39  239 239 HOH HOH A . 
C 3 HOH 40  240 240 HOH HOH A . 
C 3 HOH 41  241 241 HOH HOH A . 
C 3 HOH 42  242 242 HOH HOH A . 
C 3 HOH 43  243 243 HOH HOH A . 
C 3 HOH 44  244 244 HOH HOH A . 
C 3 HOH 45  245 245 HOH HOH A . 
C 3 HOH 46  246 246 HOH HOH A . 
C 3 HOH 47  247 247 HOH HOH A . 
C 3 HOH 48  248 248 HOH HOH A . 
C 3 HOH 49  249 249 HOH HOH A . 
C 3 HOH 50  250 250 HOH HOH A . 
C 3 HOH 51  251 251 HOH HOH A . 
C 3 HOH 52  252 252 HOH HOH A . 
C 3 HOH 53  253 253 HOH HOH A . 
C 3 HOH 54  254 254 HOH HOH A . 
C 3 HOH 55  255 255 HOH HOH A . 
C 3 HOH 56  256 256 HOH HOH A . 
C 3 HOH 57  257 257 HOH HOH A . 
C 3 HOH 58  258 258 HOH HOH A . 
C 3 HOH 59  259 259 HOH HOH A . 
C 3 HOH 60  260 260 HOH HOH A . 
C 3 HOH 61  261 261 HOH HOH A . 
C 3 HOH 62  262 262 HOH HOH A . 
C 3 HOH 63  263 263 HOH HOH A . 
C 3 HOH 64  264 264 HOH HOH A . 
C 3 HOH 65  265 265 HOH HOH A . 
C 3 HOH 66  266 266 HOH HOH A . 
C 3 HOH 67  267 267 HOH HOH A . 
C 3 HOH 68  268 268 HOH HOH A . 
C 3 HOH 69  269 269 HOH HOH A . 
C 3 HOH 70  270 270 HOH HOH A . 
C 3 HOH 71  271 271 HOH HOH A . 
C 3 HOH 72  272 272 HOH HOH A . 
C 3 HOH 73  273 273 HOH HOH A . 
C 3 HOH 74  274 274 HOH HOH A . 
C 3 HOH 75  275 275 HOH HOH A . 
C 3 HOH 76  276 276 HOH HOH A . 
C 3 HOH 77  277 277 HOH HOH A . 
C 3 HOH 78  278 278 HOH HOH A . 
C 3 HOH 79  279 279 HOH HOH A . 
C 3 HOH 80  280 280 HOH HOH A . 
C 3 HOH 81  281 281 HOH HOH A . 
C 3 HOH 82  282 282 HOH HOH A . 
C 3 HOH 83  283 283 HOH HOH A . 
C 3 HOH 84  284 284 HOH HOH A . 
C 3 HOH 85  285 285 HOH HOH A . 
C 3 HOH 86  286 286 HOH HOH A . 
C 3 HOH 87  287 287 HOH HOH A . 
C 3 HOH 88  288 288 HOH HOH A . 
C 3 HOH 89  289 289 HOH HOH A . 
C 3 HOH 90  290 290 HOH HOH A . 
C 3 HOH 91  291 291 HOH HOH A . 
C 3 HOH 92  292 292 HOH HOH A . 
C 3 HOH 93  293 293 HOH HOH A . 
C 3 HOH 94  294 294 HOH HOH A . 
C 3 HOH 95  295 295 HOH HOH A . 
C 3 HOH 96  296 296 HOH HOH A . 
C 3 HOH 97  297 297 HOH HOH A . 
C 3 HOH 98  298 298 HOH HOH A . 
C 3 HOH 99  299 299 HOH HOH A . 
C 3 HOH 100 300 300 HOH HOH A . 
C 3 HOH 101 301 301 HOH HOH A . 
C 3 HOH 102 302 302 HOH HOH A . 
C 3 HOH 103 303 303 HOH HOH A . 
C 3 HOH 104 304 304 HOH HOH A . 
C 3 HOH 105 305 305 HOH HOH A . 
C 3 HOH 106 306 306 HOH HOH A . 
C 3 HOH 107 307 307 HOH HOH A . 
C 3 HOH 108 308 308 HOH HOH A . 
C 3 HOH 109 309 309 HOH HOH A . 
C 3 HOH 110 313 313 HOH HOH A . 
C 3 HOH 111 314 314 HOH HOH A . 
C 3 HOH 112 315 315 HOH HOH A . 
C 3 HOH 113 316 316 HOH HOH A . 
C 3 HOH 114 317 317 HOH HOH A . 
C 3 HOH 115 318 318 HOH HOH A . 
C 3 HOH 116 319 319 HOH HOH A . 
C 3 HOH 117 320 320 HOH HOH A . 
C 3 HOH 118 321 321 HOH HOH A . 
C 3 HOH 119 322 322 HOH HOH A . 
C 3 HOH 120 323 323 HOH HOH A . 
C 3 HOH 121 324 324 HOH HOH A . 
C 3 HOH 122 325 325 HOH HOH A . 
C 3 HOH 123 326 326 HOH HOH A . 
C 3 HOH 124 327 327 HOH HOH A . 
C 3 HOH 125 328 328 HOH HOH A . 
C 3 HOH 126 329 329 HOH HOH A . 
C 3 HOH 127 330 330 HOH HOH A . 
C 3 HOH 128 331 331 HOH HOH A . 
C 3 HOH 129 333 333 HOH HOH A . 
C 3 HOH 130 334 334 HOH HOH A . 
C 3 HOH 131 335 335 HOH HOH A . 
C 3 HOH 132 336 336 HOH HOH A . 
C 3 HOH 133 337 337 HOH HOH A . 
C 3 HOH 134 338 338 HOH HOH A . 
C 3 HOH 135 339 339 HOH HOH A . 
C 3 HOH 136 340 340 HOH HOH A . 
C 3 HOH 137 341 341 HOH HOH A . 
C 3 HOH 138 342 342 HOH HOH A . 
C 3 HOH 139 343 343 HOH HOH A . 
C 3 HOH 140 344 344 HOH HOH A . 
C 3 HOH 141 345 345 HOH HOH A . 
C 3 HOH 142 346 346 HOH HOH A . 
C 3 HOH 143 347 347 HOH HOH A . 
C 3 HOH 144 348 348 HOH HOH A . 
C 3 HOH 145 349 349 HOH HOH A . 
C 3 HOH 146 350 350 HOH HOH A . 
C 3 HOH 147 351 351 HOH HOH A . 
C 3 HOH 148 352 352 HOH HOH A . 
C 3 HOH 149 353 353 HOH HOH A . 
C 3 HOH 150 354 354 HOH HOH A . 
C 3 HOH 151 355 355 HOH HOH A . 
C 3 HOH 152 356 356 HOH HOH A . 
C 3 HOH 153 357 357 HOH HOH A . 
C 3 HOH 154 358 358 HOH HOH A . 
C 3 HOH 155 359 359 HOH HOH A . 
C 3 HOH 156 360 360 HOH HOH A . 
C 3 HOH 157 361 361 HOH HOH A . 
C 3 HOH 158 362 362 HOH HOH A . 
C 3 HOH 159 363 363 HOH HOH A . 
C 3 HOH 160 364 364 HOH HOH A . 
C 3 HOH 161 365 365 HOH HOH A . 
C 3 HOH 162 366 366 HOH HOH A . 
C 3 HOH 163 367 367 HOH HOH A . 
C 3 HOH 164 368 368 HOH HOH A . 
C 3 HOH 165 369 369 HOH HOH A . 
C 3 HOH 166 370 370 HOH HOH A . 
C 3 HOH 167 371 371 HOH HOH A . 
C 3 HOH 168 372 372 HOH HOH A . 
C 3 HOH 169 373 373 HOH HOH A . 
C 3 HOH 170 374 374 HOH HOH A . 
C 3 HOH 171 375 375 HOH HOH A . 
C 3 HOH 172 376 376 HOH HOH A . 
C 3 HOH 173 377 377 HOH HOH A . 
C 3 HOH 174 379 379 HOH HOH A . 
C 3 HOH 175 380 380 HOH HOH A . 
C 3 HOH 176 381 381 HOH HOH A . 
C 3 HOH 177 383 383 HOH HOH A . 
C 3 HOH 178 384 384 HOH HOH A . 
C 3 HOH 179 385 385 HOH HOH A . 
C 3 HOH 180 386 386 HOH HOH A . 
C 3 HOH 181 387 387 HOH HOH A . 
C 3 HOH 182 388 388 HOH HOH A . 
C 3 HOH 183 391 391 HOH HOH A . 
C 3 HOH 184 392 392 HOH HOH A . 
C 3 HOH 185 393 393 HOH HOH A . 
C 3 HOH 186 394 394 HOH HOH A . 
C 3 HOH 187 396 396 HOH HOH A . 
C 3 HOH 188 397 397 HOH HOH A . 
C 3 HOH 189 398 398 HOH HOH A . 
C 3 HOH 190 399 399 HOH HOH A . 
C 3 HOH 191 400 400 HOH HOH A . 
C 3 HOH 192 401 401 HOH HOH A . 
C 3 HOH 193 402 402 HOH HOH A . 
C 3 HOH 194 403 403 HOH HOH A . 
C 3 HOH 195 404 404 HOH HOH A . 
C 3 HOH 196 405 405 HOH HOH A . 
C 3 HOH 197 406 406 HOH HOH A . 
C 3 HOH 198 408 408 HOH HOH A . 
C 3 HOH 199 409 409 HOH HOH A . 
C 3 HOH 200 410 410 HOH HOH A . 
C 3 HOH 201 411 411 HOH HOH A . 
C 3 HOH 202 412 412 HOH HOH A . 
C 3 HOH 203 413 413 HOH HOH A . 
C 3 HOH 204 414 414 HOH HOH A . 
C 3 HOH 205 415 415 HOH HOH A . 
C 3 HOH 206 416 416 HOH HOH A . 
C 3 HOH 207 417 417 HOH HOH A . 
C 3 HOH 208 418 418 HOH HOH A . 
# 
loop_
_pdbx_struct_assembly.id 
_pdbx_struct_assembly.details 
_pdbx_struct_assembly.method_details 
_pdbx_struct_assembly.oligomeric_details 
_pdbx_struct_assembly.oligomeric_count 
1 author_defined_assembly   ?    monomeric 1 
2 software_defined_assembly PISA dimeric   2 
# 
loop_
_pdbx_struct_assembly_gen.assembly_id 
_pdbx_struct_assembly_gen.oper_expression 
_pdbx_struct_assembly_gen.asym_id_list 
1 1   A,B,C 
2 1,2 A,B,C 
# 
loop_
_pdbx_struct_assembly_prop.biol_id 
_pdbx_struct_assembly_prop.type 
_pdbx_struct_assembly_prop.value 
_pdbx_struct_assembly_prop.details 
2 'ABSA (A^2)' 1810  ? 
2 MORE         -50   ? 
2 'SSA (A^2)'  15410 ? 
# 
loop_
_pdbx_struct_oper_list.id 
_pdbx_struct_oper_list.type 
_pdbx_struct_oper_list.name 
_pdbx_struct_oper_list.symmetry_operation 
_pdbx_struct_oper_list.matrix[1][1] 
_pdbx_struct_oper_list.matrix[1][2] 
_pdbx_struct_oper_list.matrix[1][3] 
_pdbx_struct_oper_list.vector[1] 
_pdbx_struct_oper_list.matrix[2][1] 
_pdbx_struct_oper_list.matrix[2][2] 
_pdbx_struct_oper_list.matrix[2][3] 
_pdbx_struct_oper_list.vector[2] 
_pdbx_struct_oper_list.matrix[3][1] 
_pdbx_struct_oper_list.matrix[3][2] 
_pdbx_struct_oper_list.matrix[3][3] 
_pdbx_struct_oper_list.vector[3] 
1 'identity operation'         1_555 x,y,z       1.0000000000  0.0000000000  0.0000000000  0.0000000000  0.0000000000  1.0000000000 0.0000000000 0.0000000000  0.0000000000  0.0000000000 1.0000000000  0.0000000000  
2 'crystal symmetry operation' 2_656 -x+1,y,-z+1 -0.6752488899 -0.6364974813 -0.3727061751 26.3602921308 -0.6364974813 0.2475062629 0.7304872389 16.8980914905 -0.3727061751 0.7304872389 -0.5722573729 -5.8895148179 
# 
_pdbx_struct_special_symmetry.id              1 
_pdbx_struct_special_symmetry.PDB_model_num   1 
_pdbx_struct_special_symmetry.auth_asym_id    A 
_pdbx_struct_special_symmetry.auth_comp_id    HOH 
_pdbx_struct_special_symmetry.auth_seq_id     415 
_pdbx_struct_special_symmetry.PDB_ins_code    ? 
_pdbx_struct_special_symmetry.label_asym_id   C 
_pdbx_struct_special_symmetry.label_comp_id   HOH 
_pdbx_struct_special_symmetry.label_seq_id    . 
# 
loop_
_pdbx_struct_conn_angle.id 
_pdbx_struct_conn_angle.ptnr1_label_atom_id 
_pdbx_struct_conn_angle.ptnr1_label_alt_id 
_pdbx_struct_conn_angle.ptnr1_label_asym_id 
_pdbx_struct_conn_angle.ptnr1_label_comp_id 
_pdbx_struct_conn_angle.ptnr1_label_seq_id 
_pdbx_struct_conn_angle.ptnr1_auth_atom_id 
_pdbx_struct_conn_angle.ptnr1_auth_asym_id 
_pdbx_struct_conn_angle.ptnr1_auth_comp_id 
_pdbx_struct_conn_angle.ptnr1_auth_seq_id 
_pdbx_struct_conn_angle.ptnr1_PDB_ins_code 
_pdbx_struct_conn_angle.ptnr1_symmetry 
_pdbx_struct_conn_angle.ptnr2_label_atom_id 
_pdbx_struct_conn_angle.ptnr2_label_alt_id 
_pdbx_struct_conn_angle.ptnr2_label_asym_id 
_pdbx_struct_conn_angle.ptnr2_label_comp_id 
_pdbx_struct_conn_angle.ptnr2_label_seq_id 
_pdbx_struct_conn_angle.ptnr2_auth_atom_id 
_pdbx_struct_conn_angle.ptnr2_auth_asym_id 
_pdbx_struct_conn_angle.ptnr2_auth_comp_id 
_pdbx_struct_conn_angle.ptnr2_auth_seq_id 
_pdbx_struct_conn_angle.ptnr2_PDB_ins_code 
_pdbx_struct_conn_angle.ptnr2_symmetry 
_pdbx_struct_conn_angle.ptnr3_label_atom_id 
_pdbx_struct_conn_angle.ptnr3_label_alt_id 
_pdbx_struct_conn_angle.ptnr3_label_asym_id 
_pdbx_struct_conn_angle.ptnr3_label_comp_id 
_pdbx_struct_conn_angle.ptnr3_label_seq_id 
_pdbx_struct_conn_angle.ptnr3_auth_atom_id 
_pdbx_struct_conn_angle.ptnr3_auth_asym_id 
_pdbx_struct_conn_angle.ptnr3_auth_comp_id 
_pdbx_struct_conn_angle.ptnr3_auth_seq_id 
_pdbx_struct_conn_angle.ptnr3_PDB_ins_code 
_pdbx_struct_conn_angle.ptnr3_symmetry 
_pdbx_struct_conn_angle.value 
_pdbx_struct_conn_angle.value_esd 
1 NE2 ? A HIS 40 ? A HIS 40  ? 1_555 ZN ? B DTZ . ? A DTZ 501 ? 1_555 S1 ? B DTZ .   ? A DTZ 501 ? 1_555 100.9 ? 
2 NE2 ? A HIS 40 ? A HIS 40  ? 1_555 ZN ? B DTZ . ? A DTZ 501 ? 1_555 S2 ? B DTZ .   ? A DTZ 501 ? 1_555 111.8 ? 
3 S1  ? B DTZ .  ? A DTZ 501 ? 1_555 ZN ? B DTZ . ? A DTZ 501 ? 1_555 S2 ? B DTZ .   ? A DTZ 501 ? 1_555 103.1 ? 
4 NE2 ? A HIS 40 ? A HIS 40  ? 1_555 ZN ? B DTZ . ? A DTZ 501 ? 1_555 SG ? A CYS 147 ? A CYS 147 ? 1_555 106.3 ? 
5 S1  ? B DTZ .  ? A DTZ 501 ? 1_555 ZN ? B DTZ . ? A DTZ 501 ? 1_555 SG ? A CYS 147 ? A CYS 147 ? 1_555 108.4 ? 
6 S2  ? B DTZ .  ? A DTZ 501 ? 1_555 ZN ? B DTZ . ? A DTZ 501 ? 1_555 SG ? A CYS 147 ? A CYS 147 ? 1_555 123.9 ? 
# 
loop_
_pdbx_audit_revision_history.ordinal 
_pdbx_audit_revision_history.data_content_type 
_pdbx_audit_revision_history.major_revision 
_pdbx_audit_revision_history.minor_revision 
_pdbx_audit_revision_history.revision_date 
1 'Structure model' 1 0 2009-01-13 
2 'Structure model' 1 1 2011-07-13 
3 'Structure model' 1 2 2023-11-01 
# 
_pdbx_audit_revision_details.ordinal             1 
_pdbx_audit_revision_details.revision_ordinal    1 
_pdbx_audit_revision_details.data_content_type   'Structure model' 
_pdbx_audit_revision_details.provider            repository 
_pdbx_audit_revision_details.type                'Initial release' 
_pdbx_audit_revision_details.description         ? 
_pdbx_audit_revision_details.details             ? 
# 
loop_
_pdbx_audit_revision_group.ordinal 
_pdbx_audit_revision_group.revision_ordinal 
_pdbx_audit_revision_group.data_content_type 
_pdbx_audit_revision_group.group 
1  2 'Structure model' 'Atomic model'              
2  2 'Structure model' 'Database references'       
3  2 'Structure model' 'Derived calculations'      
4  2 'Structure model' 'Non-polymer description'   
5  2 'Structure model' 'Structure summary'         
6  2 'Structure model' 'Version format compliance' 
7  3 'Structure model' 'Data collection'           
8  3 'Structure model' 'Database references'       
9  3 'Structure model' 'Derived calculations'      
10 3 'Structure model' 'Refinement description'    
# 
loop_
_pdbx_audit_revision_category.ordinal 
_pdbx_audit_revision_category.revision_ordinal 
_pdbx_audit_revision_category.data_content_type 
_pdbx_audit_revision_category.category 
1 3 'Structure model' chem_comp_atom                
2 3 'Structure model' chem_comp_bond                
3 3 'Structure model' database_2                    
4 3 'Structure model' pdbx_initial_refinement_model 
5 3 'Structure model' struct_site                   
# 
loop_
_pdbx_audit_revision_item.ordinal 
_pdbx_audit_revision_item.revision_ordinal 
_pdbx_audit_revision_item.data_content_type 
_pdbx_audit_revision_item.item 
1 3 'Structure model' '_database_2.pdbx_DOI'                
2 3 'Structure model' '_database_2.pdbx_database_accession' 
3 3 'Structure model' '_struct_site.pdbx_auth_asym_id'      
4 3 'Structure model' '_struct_site.pdbx_auth_comp_id'      
5 3 'Structure model' '_struct_site.pdbx_auth_seq_id'       
# 
loop_
_software.name 
_software.classification 
_software.version 
_software.citation_id 
_software.pdbx_ordinal 
HKL-2000 'data collection' . ? 1 
CNS      refinement        . ? 2 
HKL-2000 'data reduction'  . ? 3 
HKL-2000 'data scaling'    . ? 4 
CNS      phasing           . ? 5 
# 
loop_
_pdbx_validate_close_contact.id 
_pdbx_validate_close_contact.PDB_model_num 
_pdbx_validate_close_contact.auth_atom_id_1 
_pdbx_validate_close_contact.auth_asym_id_1 
_pdbx_validate_close_contact.auth_comp_id_1 
_pdbx_validate_close_contact.auth_seq_id_1 
_pdbx_validate_close_contact.PDB_ins_code_1 
_pdbx_validate_close_contact.label_alt_id_1 
_pdbx_validate_close_contact.auth_atom_id_2 
_pdbx_validate_close_contact.auth_asym_id_2 
_pdbx_validate_close_contact.auth_comp_id_2 
_pdbx_validate_close_contact.auth_seq_id_2 
_pdbx_validate_close_contact.PDB_ins_code_2 
_pdbx_validate_close_contact.label_alt_id_2 
_pdbx_validate_close_contact.dist 
1  1 O   A HOH 225 ? ? O A HOH 388 ? ? 1.81 
2  1 N   A PHE 140 ? ? O A HOH 416 ? ? 1.89 
3  1 CG  A MET 112 ? ? O A HOH 409 ? ? 1.98 
4  1 CB  A MET 112 ? ? O A HOH 417 ? ? 1.98 
5  1 O   A HOH 263 ? ? O A HOH 387 ? ? 2.00 
6  1 CB  A PHE 140 ? ? O A HOH 416 ? ? 2.01 
7  1 O   A HOH 292 ? ? O A HOH 402 ? ? 2.02 
8  1 C   A ASN 139 ? ? O A HOH 416 ? ? 2.03 
9  1 O   A HOH 335 ? ? O A HOH 370 ? ? 2.05 
10 1 N   A GLY 1   ? ? O A HOH 347 ? ? 2.06 
11 1 O   A HOH 319 ? ? O A HOH 324 ? ? 2.09 
12 1 N   A GLY 1   ? ? O A HOH 346 ? ? 2.10 
13 1 O   A HOH 226 ? ? O A HOH 369 ? ? 2.12 
14 1 CG  A MET 112 ? ? O A HOH 417 ? ? 2.12 
15 1 OG1 A THR 142 ? ? O A HOH 408 ? ? 2.17 
16 1 ND1 A HIS 167 ? ? O A HOH 373 ? ? 2.18 
# 
loop_
_pdbx_validate_symm_contact.id 
_pdbx_validate_symm_contact.PDB_model_num 
_pdbx_validate_symm_contact.auth_atom_id_1 
_pdbx_validate_symm_contact.auth_asym_id_1 
_pdbx_validate_symm_contact.auth_comp_id_1 
_pdbx_validate_symm_contact.auth_seq_id_1 
_pdbx_validate_symm_contact.PDB_ins_code_1 
_pdbx_validate_symm_contact.label_alt_id_1 
_pdbx_validate_symm_contact.site_symmetry_1 
_pdbx_validate_symm_contact.auth_atom_id_2 
_pdbx_validate_symm_contact.auth_asym_id_2 
_pdbx_validate_symm_contact.auth_comp_id_2 
_pdbx_validate_symm_contact.auth_seq_id_2 
_pdbx_validate_symm_contact.PDB_ins_code_2 
_pdbx_validate_symm_contact.label_alt_id_2 
_pdbx_validate_symm_contact.site_symmetry_2 
_pdbx_validate_symm_contact.dist 
1 1 O   A HOH 272 ? ? 1_555 O   A HOH 272 ? ? 2_656 1.02 
2 1 OD1 A ASN 139 ? ? 1_555 OD1 A ASN 139 ? ? 2_657 1.85 
3 1 O   A HOH 227 ? ? 1_555 O   A HOH 298 ? ? 2_656 1.94 
4 1 ND2 A ASN 139 ? ? 1_555 ND2 A ASN 139 ? ? 2_657 1.94 
5 1 O   A HOH 288 ? ? 1_555 O   A HOH 335 ? ? 2_656 1.95 
6 1 O   A HOH 417 ? ? 1_555 O   A HOH 417 ? ? 2_656 2.08 
7 1 O   A HOH 297 ? ? 1_555 O   A HOH 356 ? ? 2_657 2.19 
# 
_pdbx_validate_rmsd_angle.id                         1 
_pdbx_validate_rmsd_angle.PDB_model_num              1 
_pdbx_validate_rmsd_angle.auth_atom_id_1             CG1 
_pdbx_validate_rmsd_angle.auth_asym_id_1             A 
_pdbx_validate_rmsd_angle.auth_comp_id_1             VAL 
_pdbx_validate_rmsd_angle.auth_seq_id_1              36 
_pdbx_validate_rmsd_angle.PDB_ins_code_1             ? 
_pdbx_validate_rmsd_angle.label_alt_id_1             ? 
_pdbx_validate_rmsd_angle.auth_atom_id_2             CB 
_pdbx_validate_rmsd_angle.auth_asym_id_2             A 
_pdbx_validate_rmsd_angle.auth_comp_id_2             VAL 
_pdbx_validate_rmsd_angle.auth_seq_id_2              36 
_pdbx_validate_rmsd_angle.PDB_ins_code_2             ? 
_pdbx_validate_rmsd_angle.label_alt_id_2             ? 
_pdbx_validate_rmsd_angle.auth_atom_id_3             CG2 
_pdbx_validate_rmsd_angle.auth_asym_id_3             A 
_pdbx_validate_rmsd_angle.auth_comp_id_3             VAL 
_pdbx_validate_rmsd_angle.auth_seq_id_3              36 
_pdbx_validate_rmsd_angle.PDB_ins_code_3             ? 
_pdbx_validate_rmsd_angle.label_alt_id_3             ? 
_pdbx_validate_rmsd_angle.angle_value                100.31 
_pdbx_validate_rmsd_angle.angle_target_value         110.90 
_pdbx_validate_rmsd_angle.angle_deviation            -10.59 
_pdbx_validate_rmsd_angle.angle_standard_deviation   1.60 
_pdbx_validate_rmsd_angle.linker_flag                N 
# 
loop_
_pdbx_validate_torsion.id 
_pdbx_validate_torsion.PDB_model_num 
_pdbx_validate_torsion.auth_comp_id 
_pdbx_validate_torsion.auth_asym_id 
_pdbx_validate_torsion.auth_seq_id 
_pdbx_validate_torsion.PDB_ins_code 
_pdbx_validate_torsion.label_alt_id 
_pdbx_validate_torsion.phi 
_pdbx_validate_torsion.psi 
1 1 ASP A 32  ? ? 49.07  -123.59 
2 1 LYS A 42  ? ? 38.14  60.57   
3 1 ASP A 51  ? ? 73.86  -5.96   
4 1 ASN A 111 ? ? 33.90  57.18   
5 1 PRO A 141 ? ? -64.74 70.82   
# 
loop_
_pdbx_unobs_or_zero_occ_residues.id 
_pdbx_unobs_or_zero_occ_residues.PDB_model_num 
_pdbx_unobs_or_zero_occ_residues.polymer_flag 
_pdbx_unobs_or_zero_occ_residues.occupancy_flag 
_pdbx_unobs_or_zero_occ_residues.auth_asym_id 
_pdbx_unobs_or_zero_occ_residues.auth_comp_id 
_pdbx_unobs_or_zero_occ_residues.auth_seq_id 
_pdbx_unobs_or_zero_occ_residues.PDB_ins_code 
_pdbx_unobs_or_zero_occ_residues.label_asym_id 
_pdbx_unobs_or_zero_occ_residues.label_comp_id 
_pdbx_unobs_or_zero_occ_residues.label_seq_id 
1 1 Y 1 A ASP 181 ? A ASP 181 
2 1 Y 1 A GLU 182 ? A GLU 182 
3 1 Y 1 A GLN 183 ? A GLN 183 
# 
loop_
_chem_comp_atom.comp_id 
_chem_comp_atom.atom_id 
_chem_comp_atom.type_symbol 
_chem_comp_atom.pdbx_aromatic_flag 
_chem_comp_atom.pdbx_stereo_config 
_chem_comp_atom.pdbx_ordinal 
ALA N    N  N N 1   
ALA CA   C  N S 2   
ALA C    C  N N 3   
ALA O    O  N N 4   
ALA CB   C  N N 5   
ALA OXT  O  N N 6   
ALA H    H  N N 7   
ALA H2   H  N N 8   
ALA HA   H  N N 9   
ALA HB1  H  N N 10  
ALA HB2  H  N N 11  
ALA HB3  H  N N 12  
ALA HXT  H  N N 13  
ARG N    N  N N 14  
ARG CA   C  N S 15  
ARG C    C  N N 16  
ARG O    O  N N 17  
ARG CB   C  N N 18  
ARG CG   C  N N 19  
ARG CD   C  N N 20  
ARG NE   N  N N 21  
ARG CZ   C  N N 22  
ARG NH1  N  N N 23  
ARG NH2  N  N N 24  
ARG OXT  O  N N 25  
ARG H    H  N N 26  
ARG H2   H  N N 27  
ARG HA   H  N N 28  
ARG HB2  H  N N 29  
ARG HB3  H  N N 30  
ARG HG2  H  N N 31  
ARG HG3  H  N N 32  
ARG HD2  H  N N 33  
ARG HD3  H  N N 34  
ARG HE   H  N N 35  
ARG HH11 H  N N 36  
ARG HH12 H  N N 37  
ARG HH21 H  N N 38  
ARG HH22 H  N N 39  
ARG HXT  H  N N 40  
ASN N    N  N N 41  
ASN CA   C  N S 42  
ASN C    C  N N 43  
ASN O    O  N N 44  
ASN CB   C  N N 45  
ASN CG   C  N N 46  
ASN OD1  O  N N 47  
ASN ND2  N  N N 48  
ASN OXT  O  N N 49  
ASN H    H  N N 50  
ASN H2   H  N N 51  
ASN HA   H  N N 52  
ASN HB2  H  N N 53  
ASN HB3  H  N N 54  
ASN HD21 H  N N 55  
ASN HD22 H  N N 56  
ASN HXT  H  N N 57  
ASP N    N  N N 58  
ASP CA   C  N S 59  
ASP C    C  N N 60  
ASP O    O  N N 61  
ASP CB   C  N N 62  
ASP CG   C  N N 63  
ASP OD1  O  N N 64  
ASP OD2  O  N N 65  
ASP OXT  O  N N 66  
ASP H    H  N N 67  
ASP H2   H  N N 68  
ASP HA   H  N N 69  
ASP HB2  H  N N 70  
ASP HB3  H  N N 71  
ASP HD2  H  N N 72  
ASP HXT  H  N N 73  
CYS N    N  N N 74  
CYS CA   C  N R 75  
CYS C    C  N N 76  
CYS O    O  N N 77  
CYS CB   C  N N 78  
CYS SG   S  N N 79  
CYS OXT  O  N N 80  
CYS H    H  N N 81  
CYS H2   H  N N 82  
CYS HA   H  N N 83  
CYS HB2  H  N N 84  
CYS HB3  H  N N 85  
CYS HG   H  N N 86  
CYS HXT  H  N N 87  
DTZ S1   S  N N 88  
DTZ ZN   ZN N N 89  
DTZ S2   S  N N 90  
DTZ H1   H  N N 91  
DTZ H2   H  N N 92  
GLN N    N  N N 93  
GLN CA   C  N S 94  
GLN C    C  N N 95  
GLN O    O  N N 96  
GLN CB   C  N N 97  
GLN CG   C  N N 98  
GLN CD   C  N N 99  
GLN OE1  O  N N 100 
GLN NE2  N  N N 101 
GLN OXT  O  N N 102 
GLN H    H  N N 103 
GLN H2   H  N N 104 
GLN HA   H  N N 105 
GLN HB2  H  N N 106 
GLN HB3  H  N N 107 
GLN HG2  H  N N 108 
GLN HG3  H  N N 109 
GLN HE21 H  N N 110 
GLN HE22 H  N N 111 
GLN HXT  H  N N 112 
GLU N    N  N N 113 
GLU CA   C  N S 114 
GLU C    C  N N 115 
GLU O    O  N N 116 
GLU CB   C  N N 117 
GLU CG   C  N N 118 
GLU CD   C  N N 119 
GLU OE1  O  N N 120 
GLU OE2  O  N N 121 
GLU OXT  O  N N 122 
GLU H    H  N N 123 
GLU H2   H  N N 124 
GLU HA   H  N N 125 
GLU HB2  H  N N 126 
GLU HB3  H  N N 127 
GLU HG2  H  N N 128 
GLU HG3  H  N N 129 
GLU HE2  H  N N 130 
GLU HXT  H  N N 131 
GLY N    N  N N 132 
GLY CA   C  N N 133 
GLY C    C  N N 134 
GLY O    O  N N 135 
GLY OXT  O  N N 136 
GLY H    H  N N 137 
GLY H2   H  N N 138 
GLY HA2  H  N N 139 
GLY HA3  H  N N 140 
GLY HXT  H  N N 141 
HIS N    N  N N 142 
HIS CA   C  N S 143 
HIS C    C  N N 144 
HIS O    O  N N 145 
HIS CB   C  N N 146 
HIS CG   C  Y N 147 
HIS ND1  N  Y N 148 
HIS CD2  C  Y N 149 
HIS CE1  C  Y N 150 
HIS NE2  N  Y N 151 
HIS OXT  O  N N 152 
HIS H    H  N N 153 
HIS H2   H  N N 154 
HIS HA   H  N N 155 
HIS HB2  H  N N 156 
HIS HB3  H  N N 157 
HIS HD1  H  N N 158 
HIS HD2  H  N N 159 
HIS HE1  H  N N 160 
HIS HE2  H  N N 161 
HIS HXT  H  N N 162 
HOH O    O  N N 163 
HOH H1   H  N N 164 
HOH H2   H  N N 165 
ILE N    N  N N 166 
ILE CA   C  N S 167 
ILE C    C  N N 168 
ILE O    O  N N 169 
ILE CB   C  N S 170 
ILE CG1  C  N N 171 
ILE CG2  C  N N 172 
ILE CD1  C  N N 173 
ILE OXT  O  N N 174 
ILE H    H  N N 175 
ILE H2   H  N N 176 
ILE HA   H  N N 177 
ILE HB   H  N N 178 
ILE HG12 H  N N 179 
ILE HG13 H  N N 180 
ILE HG21 H  N N 181 
ILE HG22 H  N N 182 
ILE HG23 H  N N 183 
ILE HD11 H  N N 184 
ILE HD12 H  N N 185 
ILE HD13 H  N N 186 
ILE HXT  H  N N 187 
LEU N    N  N N 188 
LEU CA   C  N S 189 
LEU C    C  N N 190 
LEU O    O  N N 191 
LEU CB   C  N N 192 
LEU CG   C  N N 193 
LEU CD1  C  N N 194 
LEU CD2  C  N N 195 
LEU OXT  O  N N 196 
LEU H    H  N N 197 
LEU H2   H  N N 198 
LEU HA   H  N N 199 
LEU HB2  H  N N 200 
LEU HB3  H  N N 201 
LEU HG   H  N N 202 
LEU HD11 H  N N 203 
LEU HD12 H  N N 204 
LEU HD13 H  N N 205 
LEU HD21 H  N N 206 
LEU HD22 H  N N 207 
LEU HD23 H  N N 208 
LEU HXT  H  N N 209 
LYS N    N  N N 210 
LYS CA   C  N S 211 
LYS C    C  N N 212 
LYS O    O  N N 213 
LYS CB   C  N N 214 
LYS CG   C  N N 215 
LYS CD   C  N N 216 
LYS CE   C  N N 217 
LYS NZ   N  N N 218 
LYS OXT  O  N N 219 
LYS H    H  N N 220 
LYS H2   H  N N 221 
LYS HA   H  N N 222 
LYS HB2  H  N N 223 
LYS HB3  H  N N 224 
LYS HG2  H  N N 225 
LYS HG3  H  N N 226 
LYS HD2  H  N N 227 
LYS HD3  H  N N 228 
LYS HE2  H  N N 229 
LYS HE3  H  N N 230 
LYS HZ1  H  N N 231 
LYS HZ2  H  N N 232 
LYS HZ3  H  N N 233 
LYS HXT  H  N N 234 
MET N    N  N N 235 
MET CA   C  N S 236 
MET C    C  N N 237 
MET O    O  N N 238 
MET CB   C  N N 239 
MET CG   C  N N 240 
MET SD   S  N N 241 
MET CE   C  N N 242 
MET OXT  O  N N 243 
MET H    H  N N 244 
MET H2   H  N N 245 
MET HA   H  N N 246 
MET HB2  H  N N 247 
MET HB3  H  N N 248 
MET HG2  H  N N 249 
MET HG3  H  N N 250 
MET HE1  H  N N 251 
MET HE2  H  N N 252 
MET HE3  H  N N 253 
MET HXT  H  N N 254 
PHE N    N  N N 255 
PHE CA   C  N S 256 
PHE C    C  N N 257 
PHE O    O  N N 258 
PHE CB   C  N N 259 
PHE CG   C  Y N 260 
PHE CD1  C  Y N 261 
PHE CD2  C  Y N 262 
PHE CE1  C  Y N 263 
PHE CE2  C  Y N 264 
PHE CZ   C  Y N 265 
PHE OXT  O  N N 266 
PHE H    H  N N 267 
PHE H2   H  N N 268 
PHE HA   H  N N 269 
PHE HB2  H  N N 270 
PHE HB3  H  N N 271 
PHE HD1  H  N N 272 
PHE HD2  H  N N 273 
PHE HE1  H  N N 274 
PHE HE2  H  N N 275 
PHE HZ   H  N N 276 
PHE HXT  H  N N 277 
PRO N    N  N N 278 
PRO CA   C  N S 279 
PRO C    C  N N 280 
PRO O    O  N N 281 
PRO CB   C  N N 282 
PRO CG   C  N N 283 
PRO CD   C  N N 284 
PRO OXT  O  N N 285 
PRO H    H  N N 286 
PRO HA   H  N N 287 
PRO HB2  H  N N 288 
PRO HB3  H  N N 289 
PRO HG2  H  N N 290 
PRO HG3  H  N N 291 
PRO HD2  H  N N 292 
PRO HD3  H  N N 293 
PRO HXT  H  N N 294 
SER N    N  N N 295 
SER CA   C  N S 296 
SER C    C  N N 297 
SER O    O  N N 298 
SER CB   C  N N 299 
SER OG   O  N N 300 
SER OXT  O  N N 301 
SER H    H  N N 302 
SER H2   H  N N 303 
SER HA   H  N N 304 
SER HB2  H  N N 305 
SER HB3  H  N N 306 
SER HG   H  N N 307 
SER HXT  H  N N 308 
THR N    N  N N 309 
THR CA   C  N S 310 
THR C    C  N N 311 
THR O    O  N N 312 
THR CB   C  N R 313 
THR OG1  O  N N 314 
THR CG2  C  N N 315 
THR OXT  O  N N 316 
THR H    H  N N 317 
THR H2   H  N N 318 
THR HA   H  N N 319 
THR HB   H  N N 320 
THR HG1  H  N N 321 
THR HG21 H  N N 322 
THR HG22 H  N N 323 
THR HG23 H  N N 324 
THR HXT  H  N N 325 
TRP N    N  N N 326 
TRP CA   C  N S 327 
TRP C    C  N N 328 
TRP O    O  N N 329 
TRP CB   C  N N 330 
TRP CG   C  Y N 331 
TRP CD1  C  Y N 332 
TRP CD2  C  Y N 333 
TRP NE1  N  Y N 334 
TRP CE2  C  Y N 335 
TRP CE3  C  Y N 336 
TRP CZ2  C  Y N 337 
TRP CZ3  C  Y N 338 
TRP CH2  C  Y N 339 
TRP OXT  O  N N 340 
TRP H    H  N N 341 
TRP H2   H  N N 342 
TRP HA   H  N N 343 
TRP HB2  H  N N 344 
TRP HB3  H  N N 345 
TRP HD1  H  N N 346 
TRP HE1  H  N N 347 
TRP HE3  H  N N 348 
TRP HZ2  H  N N 349 
TRP HZ3  H  N N 350 
TRP HH2  H  N N 351 
TRP HXT  H  N N 352 
TYR N    N  N N 353 
TYR CA   C  N S 354 
TYR C    C  N N 355 
TYR O    O  N N 356 
TYR CB   C  N N 357 
TYR CG   C  Y N 358 
TYR CD1  C  Y N 359 
TYR CD2  C  Y N 360 
TYR CE1  C  Y N 361 
TYR CE2  C  Y N 362 
TYR CZ   C  Y N 363 
TYR OH   O  N N 364 
TYR OXT  O  N N 365 
TYR H    H  N N 366 
TYR H2   H  N N 367 
TYR HA   H  N N 368 
TYR HB2  H  N N 369 
TYR HB3  H  N N 370 
TYR HD1  H  N N 371 
TYR HD2  H  N N 372 
TYR HE1  H  N N 373 
TYR HE2  H  N N 374 
TYR HH   H  N N 375 
TYR HXT  H  N N 376 
VAL N    N  N N 377 
VAL CA   C  N S 378 
VAL C    C  N N 379 
VAL O    O  N N 380 
VAL CB   C  N N 381 
VAL CG1  C  N N 382 
VAL CG2  C  N N 383 
VAL OXT  O  N N 384 
VAL H    H  N N 385 
VAL H2   H  N N 386 
VAL HA   H  N N 387 
VAL HB   H  N N 388 
VAL HG11 H  N N 389 
VAL HG12 H  N N 390 
VAL HG13 H  N N 391 
VAL HG21 H  N N 392 
VAL HG22 H  N N 393 
VAL HG23 H  N N 394 
VAL HXT  H  N N 395 
# 
loop_
_chem_comp_bond.comp_id 
_chem_comp_bond.atom_id_1 
_chem_comp_bond.atom_id_2 
_chem_comp_bond.value_order 
_chem_comp_bond.pdbx_aromatic_flag 
_chem_comp_bond.pdbx_stereo_config 
_chem_comp_bond.pdbx_ordinal 
ALA N   CA   sing N N 1   
ALA N   H    sing N N 2   
ALA N   H2   sing N N 3   
ALA CA  C    sing N N 4   
ALA CA  CB   sing N N 5   
ALA CA  HA   sing N N 6   
ALA C   O    doub N N 7   
ALA C   OXT  sing N N 8   
ALA CB  HB1  sing N N 9   
ALA CB  HB2  sing N N 10  
ALA CB  HB3  sing N N 11  
ALA OXT HXT  sing N N 12  
ARG N   CA   sing N N 13  
ARG N   H    sing N N 14  
ARG N   H2   sing N N 15  
ARG CA  C    sing N N 16  
ARG CA  CB   sing N N 17  
ARG CA  HA   sing N N 18  
ARG C   O    doub N N 19  
ARG C   OXT  sing N N 20  
ARG CB  CG   sing N N 21  
ARG CB  HB2  sing N N 22  
ARG CB  HB3  sing N N 23  
ARG CG  CD   sing N N 24  
ARG CG  HG2  sing N N 25  
ARG CG  HG3  sing N N 26  
ARG CD  NE   sing N N 27  
ARG CD  HD2  sing N N 28  
ARG CD  HD3  sing N N 29  
ARG NE  CZ   sing N N 30  
ARG NE  HE   sing N N 31  
ARG CZ  NH1  sing N N 32  
ARG CZ  NH2  doub N N 33  
ARG NH1 HH11 sing N N 34  
ARG NH1 HH12 sing N N 35  
ARG NH2 HH21 sing N N 36  
ARG NH2 HH22 sing N N 37  
ARG OXT HXT  sing N N 38  
ASN N   CA   sing N N 39  
ASN N   H    sing N N 40  
ASN N   H2   sing N N 41  
ASN CA  C    sing N N 42  
ASN CA  CB   sing N N 43  
ASN CA  HA   sing N N 44  
ASN C   O    doub N N 45  
ASN C   OXT  sing N N 46  
ASN CB  CG   sing N N 47  
ASN CB  HB2  sing N N 48  
ASN CB  HB3  sing N N 49  
ASN CG  OD1  doub N N 50  
ASN CG  ND2  sing N N 51  
ASN ND2 HD21 sing N N 52  
ASN ND2 HD22 sing N N 53  
ASN OXT HXT  sing N N 54  
ASP N   CA   sing N N 55  
ASP N   H    sing N N 56  
ASP N   H2   sing N N 57  
ASP CA  C    sing N N 58  
ASP CA  CB   sing N N 59  
ASP CA  HA   sing N N 60  
ASP C   O    doub N N 61  
ASP C   OXT  sing N N 62  
ASP CB  CG   sing N N 63  
ASP CB  HB2  sing N N 64  
ASP CB  HB3  sing N N 65  
ASP CG  OD1  doub N N 66  
ASP CG  OD2  sing N N 67  
ASP OD2 HD2  sing N N 68  
ASP OXT HXT  sing N N 69  
CYS N   CA   sing N N 70  
CYS N   H    sing N N 71  
CYS N   H2   sing N N 72  
CYS CA  C    sing N N 73  
CYS CA  CB   sing N N 74  
CYS CA  HA   sing N N 75  
CYS C   O    doub N N 76  
CYS C   OXT  sing N N 77  
CYS CB  SG   sing N N 78  
CYS CB  HB2  sing N N 79  
CYS CB  HB3  sing N N 80  
CYS SG  HG   sing N N 81  
CYS OXT HXT  sing N N 82  
DTZ S1  ZN   sing N N 83  
DTZ ZN  S2   sing N N 84  
DTZ S1  H1   sing N N 85  
DTZ S2  H2   sing N N 86  
GLN N   CA   sing N N 87  
GLN N   H    sing N N 88  
GLN N   H2   sing N N 89  
GLN CA  C    sing N N 90  
GLN CA  CB   sing N N 91  
GLN CA  HA   sing N N 92  
GLN C   O    doub N N 93  
GLN C   OXT  sing N N 94  
GLN CB  CG   sing N N 95  
GLN CB  HB2  sing N N 96  
GLN CB  HB3  sing N N 97  
GLN CG  CD   sing N N 98  
GLN CG  HG2  sing N N 99  
GLN CG  HG3  sing N N 100 
GLN CD  OE1  doub N N 101 
GLN CD  NE2  sing N N 102 
GLN NE2 HE21 sing N N 103 
GLN NE2 HE22 sing N N 104 
GLN OXT HXT  sing N N 105 
GLU N   CA   sing N N 106 
GLU N   H    sing N N 107 
GLU N   H2   sing N N 108 
GLU CA  C    sing N N 109 
GLU CA  CB   sing N N 110 
GLU CA  HA   sing N N 111 
GLU C   O    doub N N 112 
GLU C   OXT  sing N N 113 
GLU CB  CG   sing N N 114 
GLU CB  HB2  sing N N 115 
GLU CB  HB3  sing N N 116 
GLU CG  CD   sing N N 117 
GLU CG  HG2  sing N N 118 
GLU CG  HG3  sing N N 119 
GLU CD  OE1  doub N N 120 
GLU CD  OE2  sing N N 121 
GLU OE2 HE2  sing N N 122 
GLU OXT HXT  sing N N 123 
GLY N   CA   sing N N 124 
GLY N   H    sing N N 125 
GLY N   H2   sing N N 126 
GLY CA  C    sing N N 127 
GLY CA  HA2  sing N N 128 
GLY CA  HA3  sing N N 129 
GLY C   O    doub N N 130 
GLY C   OXT  sing N N 131 
GLY OXT HXT  sing N N 132 
HIS N   CA   sing N N 133 
HIS N   H    sing N N 134 
HIS N   H2   sing N N 135 
HIS CA  C    sing N N 136 
HIS CA  CB   sing N N 137 
HIS CA  HA   sing N N 138 
HIS C   O    doub N N 139 
HIS C   OXT  sing N N 140 
HIS CB  CG   sing N N 141 
HIS CB  HB2  sing N N 142 
HIS CB  HB3  sing N N 143 
HIS CG  ND1  sing Y N 144 
HIS CG  CD2  doub Y N 145 
HIS ND1 CE1  doub Y N 146 
HIS ND1 HD1  sing N N 147 
HIS CD2 NE2  sing Y N 148 
HIS CD2 HD2  sing N N 149 
HIS CE1 NE2  sing Y N 150 
HIS CE1 HE1  sing N N 151 
HIS NE2 HE2  sing N N 152 
HIS OXT HXT  sing N N 153 
HOH O   H1   sing N N 154 
HOH O   H2   sing N N 155 
ILE N   CA   sing N N 156 
ILE N   H    sing N N 157 
ILE N   H2   sing N N 158 
ILE CA  C    sing N N 159 
ILE CA  CB   sing N N 160 
ILE CA  HA   sing N N 161 
ILE C   O    doub N N 162 
ILE C   OXT  sing N N 163 
ILE CB  CG1  sing N N 164 
ILE CB  CG2  sing N N 165 
ILE CB  HB   sing N N 166 
ILE CG1 CD1  sing N N 167 
ILE CG1 HG12 sing N N 168 
ILE CG1 HG13 sing N N 169 
ILE CG2 HG21 sing N N 170 
ILE CG2 HG22 sing N N 171 
ILE CG2 HG23 sing N N 172 
ILE CD1 HD11 sing N N 173 
ILE CD1 HD12 sing N N 174 
ILE CD1 HD13 sing N N 175 
ILE OXT HXT  sing N N 176 
LEU N   CA   sing N N 177 
LEU N   H    sing N N 178 
LEU N   H2   sing N N 179 
LEU CA  C    sing N N 180 
LEU CA  CB   sing N N 181 
LEU CA  HA   sing N N 182 
LEU C   O    doub N N 183 
LEU C   OXT  sing N N 184 
LEU CB  CG   sing N N 185 
LEU CB  HB2  sing N N 186 
LEU CB  HB3  sing N N 187 
LEU CG  CD1  sing N N 188 
LEU CG  CD2  sing N N 189 
LEU CG  HG   sing N N 190 
LEU CD1 HD11 sing N N 191 
LEU CD1 HD12 sing N N 192 
LEU CD1 HD13 sing N N 193 
LEU CD2 HD21 sing N N 194 
LEU CD2 HD22 sing N N 195 
LEU CD2 HD23 sing N N 196 
LEU OXT HXT  sing N N 197 
LYS N   CA   sing N N 198 
LYS N   H    sing N N 199 
LYS N   H2   sing N N 200 
LYS CA  C    sing N N 201 
LYS CA  CB   sing N N 202 
LYS CA  HA   sing N N 203 
LYS C   O    doub N N 204 
LYS C   OXT  sing N N 205 
LYS CB  CG   sing N N 206 
LYS CB  HB2  sing N N 207 
LYS CB  HB3  sing N N 208 
LYS CG  CD   sing N N 209 
LYS CG  HG2  sing N N 210 
LYS CG  HG3  sing N N 211 
LYS CD  CE   sing N N 212 
LYS CD  HD2  sing N N 213 
LYS CD  HD3  sing N N 214 
LYS CE  NZ   sing N N 215 
LYS CE  HE2  sing N N 216 
LYS CE  HE3  sing N N 217 
LYS NZ  HZ1  sing N N 218 
LYS NZ  HZ2  sing N N 219 
LYS NZ  HZ3  sing N N 220 
LYS OXT HXT  sing N N 221 
MET N   CA   sing N N 222 
MET N   H    sing N N 223 
MET N   H2   sing N N 224 
MET CA  C    sing N N 225 
MET CA  CB   sing N N 226 
MET CA  HA   sing N N 227 
MET C   O    doub N N 228 
MET C   OXT  sing N N 229 
MET CB  CG   sing N N 230 
MET CB  HB2  sing N N 231 
MET CB  HB3  sing N N 232 
MET CG  SD   sing N N 233 
MET CG  HG2  sing N N 234 
MET CG  HG3  sing N N 235 
MET SD  CE   sing N N 236 
MET CE  HE1  sing N N 237 
MET CE  HE2  sing N N 238 
MET CE  HE3  sing N N 239 
MET OXT HXT  sing N N 240 
PHE N   CA   sing N N 241 
PHE N   H    sing N N 242 
PHE N   H2   sing N N 243 
PHE CA  C    sing N N 244 
PHE CA  CB   sing N N 245 
PHE CA  HA   sing N N 246 
PHE C   O    doub N N 247 
PHE C   OXT  sing N N 248 
PHE CB  CG   sing N N 249 
PHE CB  HB2  sing N N 250 
PHE CB  HB3  sing N N 251 
PHE CG  CD1  doub Y N 252 
PHE CG  CD2  sing Y N 253 
PHE CD1 CE1  sing Y N 254 
PHE CD1 HD1  sing N N 255 
PHE CD2 CE2  doub Y N 256 
PHE CD2 HD2  sing N N 257 
PHE CE1 CZ   doub Y N 258 
PHE CE1 HE1  sing N N 259 
PHE CE2 CZ   sing Y N 260 
PHE CE2 HE2  sing N N 261 
PHE CZ  HZ   sing N N 262 
PHE OXT HXT  sing N N 263 
PRO N   CA   sing N N 264 
PRO N   CD   sing N N 265 
PRO N   H    sing N N 266 
PRO CA  C    sing N N 267 
PRO CA  CB   sing N N 268 
PRO CA  HA   sing N N 269 
PRO C   O    doub N N 270 
PRO C   OXT  sing N N 271 
PRO CB  CG   sing N N 272 
PRO CB  HB2  sing N N 273 
PRO CB  HB3  sing N N 274 
PRO CG  CD   sing N N 275 
PRO CG  HG2  sing N N 276 
PRO CG  HG3  sing N N 277 
PRO CD  HD2  sing N N 278 
PRO CD  HD3  sing N N 279 
PRO OXT HXT  sing N N 280 
SER N   CA   sing N N 281 
SER N   H    sing N N 282 
SER N   H2   sing N N 283 
SER CA  C    sing N N 284 
SER CA  CB   sing N N 285 
SER CA  HA   sing N N 286 
SER C   O    doub N N 287 
SER C   OXT  sing N N 288 
SER CB  OG   sing N N 289 
SER CB  HB2  sing N N 290 
SER CB  HB3  sing N N 291 
SER OG  HG   sing N N 292 
SER OXT HXT  sing N N 293 
THR N   CA   sing N N 294 
THR N   H    sing N N 295 
THR N   H2   sing N N 296 
THR CA  C    sing N N 297 
THR CA  CB   sing N N 298 
THR CA  HA   sing N N 299 
THR C   O    doub N N 300 
THR C   OXT  sing N N 301 
THR CB  OG1  sing N N 302 
THR CB  CG2  sing N N 303 
THR CB  HB   sing N N 304 
THR OG1 HG1  sing N N 305 
THR CG2 HG21 sing N N 306 
THR CG2 HG22 sing N N 307 
THR CG2 HG23 sing N N 308 
THR OXT HXT  sing N N 309 
TRP N   CA   sing N N 310 
TRP N   H    sing N N 311 
TRP N   H2   sing N N 312 
TRP CA  C    sing N N 313 
TRP CA  CB   sing N N 314 
TRP CA  HA   sing N N 315 
TRP C   O    doub N N 316 
TRP C   OXT  sing N N 317 
TRP CB  CG   sing N N 318 
TRP CB  HB2  sing N N 319 
TRP CB  HB3  sing N N 320 
TRP CG  CD1  doub Y N 321 
TRP CG  CD2  sing Y N 322 
TRP CD1 NE1  sing Y N 323 
TRP CD1 HD1  sing N N 324 
TRP CD2 CE2  doub Y N 325 
TRP CD2 CE3  sing Y N 326 
TRP NE1 CE2  sing Y N 327 
TRP NE1 HE1  sing N N 328 
TRP CE2 CZ2  sing Y N 329 
TRP CE3 CZ3  doub Y N 330 
TRP CE3 HE3  sing N N 331 
TRP CZ2 CH2  doub Y N 332 
TRP CZ2 HZ2  sing N N 333 
TRP CZ3 CH2  sing Y N 334 
TRP CZ3 HZ3  sing N N 335 
TRP CH2 HH2  sing N N 336 
TRP OXT HXT  sing N N 337 
TYR N   CA   sing N N 338 
TYR N   H    sing N N 339 
TYR N   H2   sing N N 340 
TYR CA  C    sing N N 341 
TYR CA  CB   sing N N 342 
TYR CA  HA   sing N N 343 
TYR C   O    doub N N 344 
TYR C   OXT  sing N N 345 
TYR CB  CG   sing N N 346 
TYR CB  HB2  sing N N 347 
TYR CB  HB3  sing N N 348 
TYR CG  CD1  doub Y N 349 
TYR CG  CD2  sing Y N 350 
TYR CD1 CE1  sing Y N 351 
TYR CD1 HD1  sing N N 352 
TYR CD2 CE2  doub Y N 353 
TYR CD2 HD2  sing N N 354 
TYR CE1 CZ   doub Y N 355 
TYR CE1 HE1  sing N N 356 
TYR CE2 CZ   sing Y N 357 
TYR CE2 HE2  sing N N 358 
TYR CZ  OH   sing N N 359 
TYR OH  HH   sing N N 360 
TYR OXT HXT  sing N N 361 
VAL N   CA   sing N N 362 
VAL N   H    sing N N 363 
VAL N   H2   sing N N 364 
VAL CA  C    sing N N 365 
VAL CA  CB   sing N N 366 
VAL CA  HA   sing N N 367 
VAL C   O    doub N N 368 
VAL C   OXT  sing N N 369 
VAL CB  CG1  sing N N 370 
VAL CB  CG2  sing N N 371 
VAL CB  HB   sing N N 372 
VAL CG1 HG11 sing N N 373 
VAL CG1 HG12 sing N N 374 
VAL CG1 HG13 sing N N 375 
VAL CG2 HG21 sing N N 376 
VAL CG2 HG22 sing N N 377 
VAL CG2 HG23 sing N N 378 
VAL OXT HXT  sing N N 379 
# 
loop_
_pdbx_entity_nonpoly.entity_id 
_pdbx_entity_nonpoly.name 
_pdbx_entity_nonpoly.comp_id 
2 'zinc(II)hydrogensulfide' DTZ 
3 water                     HOH 
# 
_pdbx_initial_refinement_model.id               1 
_pdbx_initial_refinement_model.entity_id_list   ? 
_pdbx_initial_refinement_model.type             'experimental model' 
_pdbx_initial_refinement_model.source_name      PDB 
_pdbx_initial_refinement_model.accession_code   1CQQ 
_pdbx_initial_refinement_model.details          'PDB ENTRY 1CQQ' 
# 
